data_6PD1
#
_entry.id   6PD1
#
_cell.length_a   89.053
_cell.length_b   129.012
_cell.length_c   135.797
_cell.angle_alpha   90.00
_cell.angle_beta   92.99
_cell.angle_gamma   90.00
#
_symmetry.space_group_name_H-M   'P 1 21 1'
#
loop_
_entity.id
_entity.type
_entity.pdbx_description
1 polymer 'Nucleotidyl transferase/aminotransferase, class V'
2 non-polymer 'MAGNESIUM ION'
3 non-polymer 'SULFATE ION'
4 non-polymer 1,2-ETHANEDIOL
5 non-polymer GLYCEROL
6 non-polymer 'NICKEL (II) ION'
7 water water
#
_entity_poly.entity_id   1
_entity_poly.type   'polypeptide(L)'
_entity_poly.pdbx_seq_one_letter_code
;MIKQAVILAGGLGSRLKDKTKTMPKGFLEIGGTAIVEQSVQKLLAHGIEKIVIGTGHCNEYYDNLAKKYPAIITVKNENY
ANTGSMGTLEVCASFVNESFLLLESDLIYDSAGLFSLINDERKNLILASGATKSGDEVYLEADEKNCLTGLSKNRDALKN
IFGELVGITKLTKSTLDKMCAYAKIHHSDLPKMEYEHALLEAAKTIPVAIKRIEYFVWREIDNEDHLEMAVKNIYPHIVE
NEKLRAVRREVLLNPGPATTTDSVKYAQVSADICPREKAFGDLMQWLCDELKLFALASETNPDEYETVMFGCSGTGADEV
MVSSCVPDTGRLLVIDNGSYGARMAKIADIYKIPMDIFKSSTYEPLDLQKLEAEFATKKYTHLACVYHETTTGLLNPLHI
ICPMAKKYGMVTIVDAVSAYCGMPMDLKSLGIDFMASTSNKNIQGMAGVGFVICNKAELEKTKDYPMRNYYLNLYDQYAY
FAKTHQTRFTPPVQTMYALRQAVLETKQETVQKRYERYTACWNILVAAIKKLGLKMLVKEEHQSHFITAILEPETPKYSF
EALHDFAAEHSFTIYPGKLGNIDTFRIANIGDIQPEEMRRFTVKLKEYMNGIGVGVLEHHHHHH
;
_entity_poly.pdbx_strand_id   A,B,C,D
#
loop_
_chem_comp.id
_chem_comp.type
_chem_comp.name
_chem_comp.formula
EDO non-polymer 1,2-ETHANEDIOL 'C2 H6 O2'
GOL non-polymer GLYCEROL 'C3 H8 O3'
MG non-polymer 'MAGNESIUM ION' 'Mg 2'
NI non-polymer 'NICKEL (II) ION' 'Ni 2'
SO4 non-polymer 'SULFATE ION' 'O4 S -2'
#
# COMPACT_ATOMS: atom_id res chain seq x y z
N MET A 1 -12.38 10.78 51.94
CA MET A 1 -13.38 10.40 50.94
C MET A 1 -14.78 10.41 51.54
N ILE A 2 -15.65 11.26 50.98
CA ILE A 2 -17.04 11.34 51.40
C ILE A 2 -17.89 10.57 50.41
N LYS A 3 -18.69 9.63 50.92
CA LYS A 3 -19.53 8.78 50.07
C LYS A 3 -21.00 9.18 50.09
N GLN A 4 -21.43 10.01 51.04
CA GLN A 4 -22.85 10.30 51.23
C GLN A 4 -23.07 11.80 51.31
N ALA A 5 -24.29 12.22 50.98
CA ALA A 5 -24.67 13.62 51.01
C ALA A 5 -26.16 13.74 51.30
N VAL A 6 -26.54 14.83 51.96
CA VAL A 6 -27.93 15.13 52.26
C VAL A 6 -28.28 16.50 51.68
N ILE A 7 -29.39 16.57 50.94
CA ILE A 7 -29.92 17.83 50.44
C ILE A 7 -31.26 18.08 51.10
N LEU A 8 -31.37 19.22 51.80
CA LEU A 8 -32.60 19.64 52.46
C LEU A 8 -33.46 20.42 51.48
N ALA A 9 -34.71 19.98 51.28
CA ALA A 9 -35.59 20.58 50.29
C ALA A 9 -37.03 20.62 50.79
N GLY A 10 -37.24 20.95 52.06
CA GLY A 10 -38.58 20.96 52.60
C GLY A 10 -39.44 22.19 52.33
N GLY A 11 -38.98 23.39 52.72
CA GLY A 11 -39.84 24.57 52.68
C GLY A 11 -40.10 25.06 51.26
N LEU A 12 -40.93 26.10 51.15
CA LEU A 12 -41.33 26.55 49.82
C LEU A 12 -40.70 27.93 49.62
N GLY A 13 -40.92 28.50 48.45
CA GLY A 13 -40.52 29.89 48.22
C GLY A 13 -41.71 30.82 48.39
N LYS A 21 -42.93 29.20 44.57
CA LYS A 21 -43.76 28.97 43.40
C LYS A 21 -44.44 27.61 43.48
N THR A 22 -45.02 27.16 42.37
CA THR A 22 -45.65 25.85 42.34
C THR A 22 -44.67 24.71 42.19
N MET A 23 -43.37 24.98 42.29
CA MET A 23 -42.32 23.98 42.19
C MET A 23 -41.32 24.24 43.30
N PRO A 24 -40.53 23.25 43.67
CA PRO A 24 -39.47 23.49 44.66
C PRO A 24 -38.45 24.48 44.11
N LYS A 25 -37.92 25.31 45.00
CA LYS A 25 -36.94 26.32 44.59
C LYS A 25 -35.72 25.70 43.93
N GLY A 26 -35.37 24.46 44.32
CA GLY A 26 -34.26 23.78 43.68
C GLY A 26 -34.43 23.55 42.20
N PHE A 27 -35.66 23.62 41.69
CA PHE A 27 -35.91 23.37 40.28
C PHE A 27 -36.04 24.65 39.48
N LEU A 28 -35.76 25.80 40.10
CA LEU A 28 -35.49 27.00 39.31
C LEU A 28 -34.27 26.74 38.44
N GLU A 29 -34.33 27.16 37.18
CA GLU A 29 -33.33 26.80 36.19
C GLU A 29 -32.41 27.98 35.90
N ILE A 30 -31.11 27.73 36.01
CA ILE A 30 -30.08 28.64 35.52
C ILE A 30 -29.22 27.88 34.54
N GLY A 31 -28.90 28.52 33.41
CA GLY A 31 -28.14 27.88 32.37
C GLY A 31 -28.80 26.64 31.79
N GLY A 32 -30.12 26.54 31.89
CA GLY A 32 -30.86 25.45 31.30
C GLY A 32 -31.15 24.28 32.22
N THR A 33 -30.50 24.22 33.39
CA THR A 33 -30.63 23.09 34.30
C THR A 33 -31.08 23.56 35.67
N ALA A 34 -31.95 22.78 36.30
CA ALA A 34 -32.35 23.03 37.68
C ALA A 34 -31.12 23.06 38.57
N ILE A 35 -31.13 23.96 39.55
CA ILE A 35 -29.93 24.16 40.37
C ILE A 35 -29.65 22.93 41.25
N VAL A 36 -30.69 22.25 41.73
CA VAL A 36 -30.43 21.03 42.50
C VAL A 36 -29.84 19.95 41.61
N GLU A 37 -30.21 19.92 40.33
CA GLU A 37 -29.59 18.94 39.44
C GLU A 37 -28.12 19.25 39.23
N GLN A 38 -27.77 20.54 39.13
CA GLN A 38 -26.36 20.91 39.06
C GLN A 38 -25.62 20.53 40.33
N SER A 39 -26.27 20.70 41.49
CA SER A 39 -25.66 20.29 42.74
C SER A 39 -25.45 18.78 42.79
N VAL A 40 -26.46 18.02 42.36
CA VAL A 40 -26.34 16.56 42.29
C VAL A 40 -25.19 16.16 41.39
N GLN A 41 -25.06 16.82 40.23
CA GLN A 41 -24.00 16.49 39.29
C GLN A 41 -22.62 16.81 39.87
N LYS A 42 -22.48 17.97 40.52
CA LYS A 42 -21.22 18.32 41.15
C LYS A 42 -20.86 17.33 42.26
N LEU A 43 -21.86 16.92 43.05
CA LEU A 43 -21.62 15.94 44.10
C LEU A 43 -21.15 14.61 43.52
N LEU A 44 -21.87 14.11 42.51
CA LEU A 44 -21.47 12.87 41.86
C LEU A 44 -20.07 12.97 41.26
N ALA A 45 -19.75 14.12 40.65
CA ALA A 45 -18.44 14.31 40.06
C ALA A 45 -17.32 14.20 41.09
N HIS A 46 -17.62 14.49 42.35
CA HIS A 46 -16.64 14.40 43.43
C HIS A 46 -16.69 13.07 44.16
N GLY A 47 -17.39 12.06 43.62
CA GLY A 47 -17.33 10.73 44.16
C GLY A 47 -18.43 10.35 45.13
N ILE A 48 -19.46 11.18 45.28
CA ILE A 48 -20.58 10.83 46.15
C ILE A 48 -21.30 9.61 45.60
N GLU A 49 -21.61 8.66 46.48
CA GLU A 49 -22.33 7.45 46.08
C GLU A 49 -23.81 7.50 46.43
N LYS A 50 -24.21 8.25 47.46
CA LYS A 50 -25.59 8.28 47.90
C LYS A 50 -25.98 9.70 48.26
N ILE A 51 -27.07 10.19 47.68
CA ILE A 51 -27.61 11.51 47.95
C ILE A 51 -28.98 11.34 48.56
N VAL A 52 -29.13 11.68 49.84
CA VAL A 52 -30.41 11.61 50.52
C VAL A 52 -31.06 12.97 50.43
N ILE A 53 -32.19 13.05 49.74
CA ILE A 53 -32.92 14.30 49.54
C ILE A 53 -34.16 14.26 50.42
N GLY A 54 -34.21 15.14 51.41
CA GLY A 54 -35.39 15.32 52.22
C GLY A 54 -36.38 16.23 51.52
N THR A 55 -37.53 15.68 51.15
CA THR A 55 -38.51 16.39 50.34
C THR A 55 -39.71 16.83 51.17
N GLY A 56 -40.41 17.84 50.66
CA GLY A 56 -41.62 18.36 51.25
C GLY A 56 -42.62 18.84 50.23
N HIS A 57 -42.59 20.15 49.98
CA HIS A 57 -43.52 20.75 49.03
C HIS A 57 -43.26 20.20 47.64
N CYS A 58 -44.27 19.67 46.98
CA CYS A 58 -44.11 19.23 45.58
C CYS A 58 -42.98 18.21 45.42
N ASN A 59 -42.95 17.22 46.32
CA ASN A 59 -41.91 16.20 46.29
C ASN A 59 -41.86 15.44 44.96
N GLU A 60 -42.96 15.40 44.20
CA GLU A 60 -42.97 14.70 42.92
C GLU A 60 -41.84 15.14 42.01
N TYR A 61 -41.47 16.43 42.05
CA TYR A 61 -40.33 16.90 41.27
C TYR A 61 -39.07 16.12 41.61
N TYR A 62 -38.74 16.02 42.91
CA TYR A 62 -37.55 15.28 43.31
C TYR A 62 -37.69 13.78 43.05
N ASP A 63 -38.91 13.24 43.22
CA ASP A 63 -39.15 11.84 42.89
C ASP A 63 -38.88 11.58 41.41
N ASN A 64 -39.17 12.54 40.55
CA ASN A 64 -38.86 12.41 39.12
C ASN A 64 -37.38 12.60 38.85
N LEU A 65 -36.73 13.52 39.59
CA LEU A 65 -35.30 13.71 39.46
C LEU A 65 -34.52 12.47 39.85
N ALA A 66 -35.03 11.72 40.84
CA ALA A 66 -34.38 10.48 41.24
C ALA A 66 -34.40 9.44 40.14
N LYS A 67 -35.38 9.53 39.24
CA LYS A 67 -35.43 8.62 38.09
C LYS A 67 -34.28 8.83 37.13
N LYS A 68 -33.66 10.02 37.14
CA LYS A 68 -32.52 10.31 36.29
C LYS A 68 -31.18 10.06 36.97
N TYR A 69 -31.16 9.86 38.29
CA TYR A 69 -29.91 9.70 39.04
C TYR A 69 -30.08 8.58 40.06
N PRO A 70 -29.56 7.39 39.78
CA PRO A 70 -29.72 6.27 40.73
C PRO A 70 -29.17 6.52 42.12
N ALA A 71 -28.29 7.51 42.30
CA ALA A 71 -27.75 7.80 43.61
C ALA A 71 -28.77 8.45 44.55
N ILE A 72 -29.84 9.02 44.02
CA ILE A 72 -30.78 9.78 44.83
C ILE A 72 -31.74 8.85 45.55
N ILE A 73 -31.86 9.02 46.86
CA ILE A 73 -32.94 8.46 47.65
C ILE A 73 -33.77 9.64 48.18
N THR A 74 -35.05 9.68 47.82
CA THR A 74 -35.93 10.75 48.27
C THR A 74 -36.74 10.26 49.45
N VAL A 75 -36.66 10.97 50.57
CA VAL A 75 -37.43 10.66 51.77
C VAL A 75 -38.24 11.90 52.14
N LYS A 76 -39.55 11.74 52.26
CA LYS A 76 -40.44 12.87 52.48
C LYS A 76 -40.63 13.14 53.97
N ASN A 77 -40.54 14.41 54.33
CA ASN A 77 -40.96 14.88 55.65
C ASN A 77 -42.46 15.13 55.54
N GLU A 78 -43.26 14.15 55.99
CA GLU A 78 -44.70 14.22 55.79
C GLU A 78 -45.30 15.44 56.47
N ASN A 79 -44.67 15.90 57.55
CA ASN A 79 -45.08 17.10 58.28
C ASN A 79 -44.20 18.29 57.94
N TYR A 80 -43.90 18.48 56.65
CA TYR A 80 -42.96 19.52 56.25
C TYR A 80 -43.52 20.91 56.51
N ALA A 81 -44.85 21.06 56.49
CA ALA A 81 -45.46 22.37 56.72
C ALA A 81 -45.43 22.79 58.19
N ASN A 82 -45.25 21.85 59.10
CA ASN A 82 -45.19 22.14 60.53
C ASN A 82 -43.79 21.99 61.11
N THR A 83 -42.78 21.84 60.27
CA THR A 83 -41.41 21.65 60.74
C THR A 83 -40.49 22.68 60.07
N GLY A 84 -39.25 22.71 60.57
CA GLY A 84 -38.19 23.47 59.98
C GLY A 84 -37.25 22.57 59.20
N SER A 85 -36.02 23.06 58.99
CA SER A 85 -35.05 22.26 58.24
C SER A 85 -34.55 21.08 59.06
N MET A 86 -34.50 21.22 60.40
CA MET A 86 -34.05 20.13 61.24
C MET A 86 -35.00 18.94 61.21
N GLY A 87 -36.30 19.17 60.98
CA GLY A 87 -37.22 18.06 60.84
C GLY A 87 -36.94 17.22 59.60
N THR A 88 -36.74 17.90 58.47
CA THR A 88 -36.27 17.23 57.26
C THR A 88 -34.96 16.48 57.51
N LEU A 89 -34.03 17.11 58.24
CA LEU A 89 -32.78 16.44 58.56
C LEU A 89 -33.01 15.17 59.39
N GLU A 90 -33.90 15.24 60.38
CA GLU A 90 -34.20 14.06 61.19
C GLU A 90 -34.82 12.96 60.34
N VAL A 91 -35.70 13.35 59.42
CA VAL A 91 -36.28 12.37 58.51
C VAL A 91 -35.20 11.70 57.67
N CYS A 92 -34.22 12.46 57.20
CA CYS A 92 -33.13 11.91 56.41
C CYS A 92 -32.15 11.08 57.25
N ALA A 93 -32.04 11.38 58.54
CA ALA A 93 -30.88 10.94 59.31
C ALA A 93 -30.78 9.41 59.43
N SER A 94 -31.89 8.69 59.32
CA SER A 94 -31.81 7.24 59.38
C SER A 94 -31.12 6.65 58.16
N PHE A 95 -31.03 7.40 57.06
CA PHE A 95 -30.44 6.92 55.83
C PHE A 95 -28.98 7.34 55.67
N VAL A 96 -28.39 7.96 56.70
CA VAL A 96 -27.01 8.40 56.68
C VAL A 96 -26.24 7.54 57.65
N ASN A 97 -25.19 6.88 57.16
CA ASN A 97 -24.42 5.96 57.98
C ASN A 97 -22.98 6.41 58.26
N GLU A 98 -22.45 7.36 57.49
CA GLU A 98 -21.05 7.76 57.62
C GLU A 98 -20.98 9.28 57.58
N SER A 99 -19.76 9.80 57.51
CA SER A 99 -19.56 11.22 57.28
C SER A 99 -20.15 11.62 55.93
N PHE A 100 -20.68 12.83 55.86
CA PHE A 100 -21.52 13.23 54.75
C PHE A 100 -21.47 14.73 54.56
N LEU A 101 -21.89 15.16 53.37
CA LEU A 101 -22.06 16.58 53.06
C LEU A 101 -23.53 16.96 53.21
N LEU A 102 -23.77 18.08 53.87
CA LEU A 102 -25.10 18.63 54.10
C LEU A 102 -25.21 19.90 53.26
N LEU A 103 -26.18 19.92 52.34
CA LEU A 103 -26.36 21.01 51.42
C LEU A 103 -27.82 21.43 51.43
N GLU A 104 -28.05 22.72 51.23
CA GLU A 104 -29.40 23.24 51.05
C GLU A 104 -29.74 23.26 49.55
N SER A 105 -31.02 23.10 49.26
CA SER A 105 -31.45 22.86 47.89
C SER A 105 -31.43 24.10 47.01
N ASP A 106 -31.47 25.30 47.59
CA ASP A 106 -31.57 26.52 46.80
C ASP A 106 -30.20 27.15 46.53
N LEU A 107 -29.13 26.36 46.60
CA LEU A 107 -27.77 26.88 46.49
C LEU A 107 -27.26 26.80 45.07
N ILE A 108 -26.49 27.82 44.67
CA ILE A 108 -25.54 27.72 43.57
C ILE A 108 -24.17 28.06 44.12
N TYR A 109 -23.15 27.30 43.71
CA TYR A 109 -21.85 27.40 44.35
C TYR A 109 -20.74 26.93 43.42
N ASP A 110 -19.54 27.45 43.66
CA ASP A 110 -18.33 26.93 43.03
C ASP A 110 -18.08 25.52 43.54
N SER A 111 -17.98 24.55 42.61
CA SER A 111 -17.78 23.16 43.00
C SER A 111 -16.48 22.93 43.76
N ALA A 112 -15.50 23.84 43.62
CA ALA A 112 -14.26 23.74 44.37
C ALA A 112 -14.51 23.58 45.87
N GLY A 113 -15.56 24.22 46.38
CA GLY A 113 -15.90 24.05 47.79
C GLY A 113 -15.98 22.59 48.19
N LEU A 114 -16.73 21.79 47.42
CA LEU A 114 -16.74 20.35 47.65
C LEU A 114 -15.33 19.80 47.78
N PHE A 115 -14.52 20.00 46.74
CA PHE A 115 -13.13 19.54 46.76
C PHE A 115 -12.43 20.01 48.01
N SER A 116 -12.65 21.27 48.40
CA SER A 116 -11.99 21.79 49.60
C SER A 116 -12.44 21.02 50.84
N LEU A 117 -13.76 20.91 51.04
CA LEU A 117 -14.27 20.28 52.25
C LEU A 117 -13.83 18.83 52.33
N ILE A 118 -13.82 18.13 51.19
CA ILE A 118 -13.43 16.72 51.20
C ILE A 118 -11.95 16.58 51.50
N ASN A 119 -11.12 17.54 51.06
CA ASN A 119 -9.69 17.39 51.23
C ASN A 119 -9.18 17.99 52.52
N ASP A 120 -10.05 18.55 53.34
CA ASP A 120 -9.64 19.08 54.63
C ASP A 120 -9.65 17.95 55.65
N GLU A 121 -8.55 17.85 56.39
CA GLU A 121 -8.40 16.78 57.38
C GLU A 121 -9.46 16.85 58.46
N ARG A 122 -9.97 18.04 58.77
CA ARG A 122 -10.90 18.21 59.88
C ARG A 122 -12.24 17.53 59.55
N LYS A 123 -12.75 16.74 60.49
CA LYS A 123 -13.90 15.87 60.23
C LYS A 123 -15.23 16.63 60.25
N ASN A 124 -15.38 17.59 61.15
CA ASN A 124 -16.58 18.42 61.20
C ASN A 124 -16.20 19.82 60.74
N LEU A 125 -16.80 20.27 59.63
CA LEU A 125 -16.27 21.43 58.94
C LEU A 125 -17.41 22.17 58.24
N ILE A 126 -17.59 23.43 58.62
CA ILE A 126 -18.58 24.32 58.03
C ILE A 126 -17.88 25.16 56.97
N LEU A 127 -18.43 25.18 55.75
CA LEU A 127 -17.91 26.06 54.71
C LEU A 127 -18.49 27.45 54.90
N ALA A 128 -17.61 28.46 54.93
CA ALA A 128 -18.01 29.83 55.09
C ALA A 128 -17.31 30.71 54.07
N SER A 129 -17.96 31.81 53.73
CA SER A 129 -17.43 32.79 52.78
C SER A 129 -17.24 34.12 53.49
N GLY A 130 -16.65 35.07 52.75
CA GLY A 130 -16.55 36.43 53.22
C GLY A 130 -17.88 37.15 53.11
N ALA A 131 -17.82 38.47 53.28
CA ALA A 131 -19.02 39.29 53.24
C ALA A 131 -19.71 39.14 51.89
N THR A 132 -20.95 38.65 51.90
CA THR A 132 -21.73 38.49 50.68
C THR A 132 -22.53 39.73 50.31
N LYS A 133 -22.70 40.66 51.26
CA LYS A 133 -23.52 41.87 51.09
C LYS A 133 -24.87 41.58 50.45
N SER A 134 -25.57 40.58 50.98
CA SER A 134 -26.93 40.30 50.53
C SER A 134 -27.93 40.51 51.67
N GLY A 135 -29.14 39.99 51.48
CA GLY A 135 -30.13 40.01 52.53
C GLY A 135 -30.02 38.79 53.42
N ASP A 136 -30.55 38.91 54.64
CA ASP A 136 -30.50 37.89 55.68
C ASP A 136 -29.27 36.99 55.56
N GLU A 137 -28.15 37.43 56.13
CA GLU A 137 -26.93 36.64 56.11
C GLU A 137 -26.78 35.96 57.45
N VAL A 138 -26.26 34.74 57.43
CA VAL A 138 -26.04 33.99 58.66
C VAL A 138 -24.57 34.15 59.02
N TYR A 139 -24.31 34.89 60.09
CA TYR A 139 -22.95 35.16 60.54
C TYR A 139 -22.54 34.13 61.58
N LEU A 140 -21.26 33.75 61.51
CA LEU A 140 -20.68 32.75 62.40
C LEU A 140 -19.59 33.40 63.25
N GLU A 141 -19.58 33.05 64.52
CA GLU A 141 -18.60 33.51 65.49
C GLU A 141 -17.74 32.32 65.89
N ALA A 142 -16.44 32.47 65.74
CA ALA A 142 -15.49 31.38 65.92
C ALA A 142 -14.47 31.74 66.98
N ASP A 143 -13.83 30.72 67.54
CA ASP A 143 -12.79 30.93 68.53
C ASP A 143 -11.44 30.99 67.81
N GLU A 144 -10.35 31.01 68.58
CA GLU A 144 -9.01 31.12 68.00
C GLU A 144 -8.66 29.96 67.07
N LYS A 145 -9.37 28.83 67.19
CA LYS A 145 -9.18 27.60 66.43
C LYS A 145 -9.89 27.69 65.09
N ASN A 146 -10.61 28.78 64.87
CA ASN A 146 -11.65 28.81 63.87
C ASN A 146 -12.71 27.74 64.12
N CYS A 147 -13.11 27.48 65.37
CA CYS A 147 -14.20 26.55 65.66
C CYS A 147 -15.48 27.31 66.02
N LEU A 148 -16.63 26.74 65.65
CA LEU A 148 -17.91 27.44 65.78
C LEU A 148 -18.31 27.61 67.25
N THR A 149 -18.50 28.87 67.68
CA THR A 149 -19.03 29.18 68.99
C THR A 149 -20.34 29.96 68.98
N GLY A 150 -20.67 30.62 67.86
CA GLY A 150 -21.87 31.44 67.81
C GLY A 150 -22.43 31.53 66.40
N LEU A 151 -23.73 31.79 66.31
CA LEU A 151 -24.44 31.81 65.04
C LEU A 151 -25.65 32.73 65.15
N SER A 152 -25.76 33.72 64.25
CA SER A 152 -26.90 34.64 64.33
C SER A 152 -27.06 35.41 63.01
N LYS A 153 -28.28 35.86 62.73
CA LYS A 153 -28.34 36.82 61.63
C LYS A 153 -28.31 38.27 62.12
N ASN A 154 -28.00 38.52 63.39
CA ASN A 154 -27.71 39.88 63.83
C ASN A 154 -26.25 39.90 64.27
N ARG A 155 -25.47 40.81 63.67
CA ARG A 155 -24.07 40.88 64.05
C ARG A 155 -23.94 41.32 65.50
N ASP A 156 -24.88 42.14 65.97
CA ASP A 156 -24.99 42.37 67.40
C ASP A 156 -25.62 41.11 67.98
N ALA A 157 -24.81 40.30 68.66
CA ALA A 157 -25.16 39.05 69.35
C ALA A 157 -23.94 38.15 69.30
N LEU A 158 -22.98 38.52 68.45
CA LEU A 158 -21.78 37.73 68.24
C LEU A 158 -20.58 38.52 68.72
N LYS A 159 -19.66 37.83 69.40
CA LYS A 159 -18.48 38.49 69.93
C LYS A 159 -17.47 38.78 68.83
N ASN A 160 -17.51 37.99 67.75
CA ASN A 160 -16.71 38.24 66.56
C ASN A 160 -17.47 37.70 65.36
N ILE A 161 -17.03 38.12 64.16
CA ILE A 161 -17.62 37.66 62.90
C ILE A 161 -16.50 37.00 62.09
N PHE A 162 -16.54 35.68 62.00
CA PHE A 162 -15.54 34.94 61.24
C PHE A 162 -15.90 34.79 59.77
N GLY A 163 -17.19 34.69 59.45
CA GLY A 163 -17.61 34.53 58.08
C GLY A 163 -19.10 34.33 57.99
N GLU A 164 -19.56 33.98 56.80
CA GLU A 164 -20.97 33.75 56.53
C GLU A 164 -21.19 32.29 56.14
N LEU A 165 -22.20 31.67 56.73
CA LEU A 165 -22.53 30.28 56.41
C LEU A 165 -22.96 30.16 54.96
N VAL A 166 -22.34 29.22 54.25
CA VAL A 166 -22.66 28.99 52.84
C VAL A 166 -23.85 28.06 52.69
N GLY A 167 -23.95 27.05 53.56
CA GLY A 167 -24.93 26.01 53.44
C GLY A 167 -24.41 24.68 52.95
N ILE A 168 -23.09 24.52 52.89
CA ILE A 168 -22.45 23.24 52.61
C ILE A 168 -21.56 22.90 53.80
N THR A 169 -21.82 21.76 54.43
CA THR A 169 -21.13 21.41 55.66
C THR A 169 -20.75 19.94 55.63
N LYS A 170 -19.57 19.62 56.14
CA LYS A 170 -19.15 18.22 56.23
C LYS A 170 -19.28 17.77 57.68
N LEU A 171 -19.96 16.64 57.90
CA LEU A 171 -20.31 16.22 59.25
C LEU A 171 -20.10 14.73 59.42
N THR A 172 -19.79 14.34 60.65
CA THR A 172 -19.74 12.94 61.03
C THR A 172 -21.13 12.44 61.40
N LYS A 173 -21.28 11.12 61.37
CA LYS A 173 -22.54 10.52 61.79
C LYS A 173 -22.83 10.80 63.25
N SER A 174 -21.78 10.87 64.08
CA SER A 174 -21.95 11.18 65.49
C SER A 174 -22.51 12.58 65.71
N THR A 175 -22.00 13.56 64.95
CA THR A 175 -22.53 14.92 65.05
C THR A 175 -24.00 14.98 64.66
N LEU A 176 -24.36 14.23 63.61
CA LEU A 176 -25.77 14.15 63.22
C LEU A 176 -26.61 13.49 64.32
N ASP A 177 -26.04 12.48 64.98
CA ASP A 177 -26.72 11.84 66.10
C ASP A 177 -26.98 12.85 67.22
N LYS A 178 -25.98 13.68 67.53
CA LYS A 178 -26.15 14.70 68.57
C LYS A 178 -27.24 15.70 68.17
N MET A 179 -27.22 16.15 66.91
CA MET A 179 -28.24 17.09 66.45
C MET A 179 -29.63 16.48 66.55
N CYS A 180 -29.77 15.20 66.17
CA CYS A 180 -31.07 14.56 66.20
C CYS A 180 -31.54 14.30 67.63
N ALA A 181 -30.62 13.94 68.53
CA ALA A 181 -30.97 13.78 69.93
C ALA A 181 -31.47 15.09 70.52
N TYR A 182 -30.75 16.18 70.26
CA TYR A 182 -31.21 17.49 70.72
C TYR A 182 -32.54 17.86 70.08
N ALA A 183 -32.77 17.42 68.84
CA ALA A 183 -34.01 17.74 68.15
C ALA A 183 -35.21 17.00 68.75
N LYS A 184 -35.03 15.73 69.12
CA LYS A 184 -36.15 14.94 69.62
C LYS A 184 -36.79 15.56 70.85
N ILE A 185 -35.98 15.85 71.87
CA ILE A 185 -36.49 16.41 73.11
C ILE A 185 -37.21 17.74 72.91
N HIS A 186 -36.93 18.45 71.82
CA HIS A 186 -37.50 19.77 71.59
C HIS A 186 -38.47 19.79 70.42
N HIS A 187 -39.05 18.63 70.09
CA HIS A 187 -40.06 18.58 69.05
C HIS A 187 -41.31 19.37 69.44
N SER A 188 -41.58 19.44 70.75
CA SER A 188 -42.80 20.06 71.24
C SER A 188 -42.67 21.58 71.34
N ASP A 189 -41.59 22.07 71.95
CA ASP A 189 -41.44 23.52 72.13
C ASP A 189 -40.98 24.21 70.84
N LEU A 190 -40.03 23.61 70.12
CA LEU A 190 -39.40 24.23 68.96
C LEU A 190 -39.65 23.38 67.70
N PRO A 191 -40.91 23.29 67.26
CA PRO A 191 -41.21 22.39 66.12
C PRO A 191 -40.62 22.85 64.79
N LYS A 192 -40.22 24.12 64.67
CA LYS A 192 -39.67 24.64 63.42
C LYS A 192 -38.18 24.94 63.56
N MET A 193 -37.47 24.14 64.35
CA MET A 193 -36.05 24.32 64.54
C MET A 193 -35.33 24.26 63.19
N GLU A 194 -34.35 25.15 63.02
CA GLU A 194 -33.50 25.10 61.84
C GLU A 194 -32.30 24.21 62.13
N TYR A 195 -31.75 23.62 61.06
CA TYR A 195 -30.59 22.75 61.24
C TYR A 195 -29.37 23.52 61.71
N GLU A 196 -29.26 24.80 61.34
CA GLU A 196 -28.16 25.62 61.84
C GLU A 196 -28.17 25.69 63.36
N HIS A 197 -29.36 25.81 63.96
CA HIS A 197 -29.47 25.88 65.41
C HIS A 197 -29.01 24.57 66.06
N ALA A 198 -29.49 23.44 65.56
CA ALA A 198 -29.08 22.15 66.12
C ALA A 198 -27.58 21.94 65.95
N LEU A 199 -27.02 22.38 64.82
CA LEU A 199 -25.58 22.27 64.61
C LEU A 199 -24.82 23.13 65.61
N LEU A 200 -25.30 24.34 65.86
CA LEU A 200 -24.66 25.19 66.87
C LEU A 200 -24.74 24.57 68.26
N GLU A 201 -25.88 23.94 68.58
CA GLU A 201 -26.01 23.29 69.88
C GLU A 201 -25.06 22.11 70.02
N ALA A 202 -24.94 21.29 68.96
CA ALA A 202 -23.96 20.21 68.96
C ALA A 202 -22.54 20.73 69.03
N ALA A 203 -22.29 21.91 68.47
CA ALA A 203 -20.95 22.49 68.45
C ALA A 203 -20.45 22.92 69.81
N LYS A 204 -21.33 22.98 70.83
CA LYS A 204 -20.88 23.34 72.17
C LYS A 204 -20.12 22.20 72.84
N THR A 205 -20.43 20.96 72.50
CA THR A 205 -19.75 19.80 73.04
C THR A 205 -18.85 19.10 72.02
N ILE A 206 -18.99 19.40 70.73
CA ILE A 206 -18.18 18.80 69.68
C ILE A 206 -17.54 19.93 68.90
N PRO A 207 -16.21 19.92 68.73
CA PRO A 207 -15.55 20.99 67.93
C PRO A 207 -15.97 20.87 66.47
N VAL A 208 -16.68 21.89 65.99
CA VAL A 208 -17.08 21.98 64.59
C VAL A 208 -16.32 23.14 63.98
N ALA A 209 -15.35 22.83 63.13
CA ALA A 209 -14.50 23.86 62.56
C ALA A 209 -15.21 24.60 61.44
N ILE A 210 -14.70 25.78 61.11
CA ILE A 210 -15.20 26.60 60.04
C ILE A 210 -14.06 26.84 59.06
N LYS A 211 -14.29 26.49 57.79
CA LYS A 211 -13.33 26.76 56.73
C LYS A 211 -13.85 27.94 55.93
N ARG A 212 -13.15 29.07 56.03
CA ARG A 212 -13.59 30.31 55.39
C ARG A 212 -12.80 30.50 54.10
N ILE A 213 -13.49 30.32 52.97
CA ILE A 213 -12.96 30.74 51.68
C ILE A 213 -13.48 32.16 51.47
N GLU A 214 -12.60 33.14 51.71
CA GLU A 214 -13.04 34.54 51.75
C GLU A 214 -13.74 34.96 50.47
N TYR A 215 -13.25 34.49 49.32
CA TYR A 215 -13.78 34.90 48.03
C TYR A 215 -14.61 33.79 47.36
N PHE A 216 -15.15 32.86 48.14
CA PHE A 216 -15.99 31.80 47.58
C PHE A 216 -17.22 32.39 46.90
N VAL A 217 -17.50 31.92 45.68
CA VAL A 217 -18.59 32.42 44.87
C VAL A 217 -19.79 31.48 45.02
N TRP A 218 -20.91 32.02 45.49
CA TRP A 218 -22.10 31.25 45.79
C TRP A 218 -23.24 32.22 46.01
N ARG A 219 -24.46 31.69 45.93
CA ARG A 219 -25.65 32.43 46.37
C ARG A 219 -26.79 31.44 46.61
N GLU A 220 -27.58 31.73 47.63
CA GLU A 220 -28.84 31.06 47.87
C GLU A 220 -29.95 31.74 47.08
N ILE A 221 -30.80 30.94 46.45
CA ILE A 221 -31.88 31.45 45.62
C ILE A 221 -33.16 31.34 46.44
N ASP A 222 -33.36 32.35 47.30
CA ASP A 222 -34.38 32.37 48.34
C ASP A 222 -35.53 33.31 48.06
N ASN A 223 -35.21 34.56 47.71
CA ASN A 223 -36.12 35.65 47.40
C ASN A 223 -36.24 35.82 45.88
N GLU A 224 -36.74 36.97 45.46
CA GLU A 224 -36.67 37.37 44.06
C GLU A 224 -35.40 38.15 43.72
N ASP A 225 -34.88 38.94 44.67
CA ASP A 225 -33.65 39.71 44.44
C ASP A 225 -32.48 38.83 44.01
N HIS A 226 -32.17 37.82 44.83
CA HIS A 226 -30.99 36.99 44.64
C HIS A 226 -31.03 36.17 43.35
N LEU A 227 -32.22 35.72 42.93
CA LEU A 227 -32.31 34.86 41.75
C LEU A 227 -31.65 35.52 40.56
N GLU A 228 -32.03 36.76 40.29
CA GLU A 228 -31.47 37.45 39.15
C GLU A 228 -30.16 38.16 39.47
N MET A 229 -29.90 38.45 40.74
CA MET A 229 -28.56 38.96 40.99
C MET A 229 -27.53 37.87 40.66
N ALA A 230 -27.93 36.61 40.81
CA ALA A 230 -27.18 35.40 40.51
C ALA A 230 -27.10 35.12 39.01
N VAL A 231 -28.23 35.20 38.28
CA VAL A 231 -28.12 34.93 36.83
C VAL A 231 -27.25 35.99 36.17
N LYS A 232 -27.26 37.22 36.69
CA LYS A 232 -26.53 38.26 36.01
C LYS A 232 -25.06 38.33 36.42
N ASN A 233 -24.74 38.11 37.70
CA ASN A 233 -23.38 38.28 38.19
C ASN A 233 -22.75 36.99 38.69
N ILE A 234 -23.42 36.26 39.58
CA ILE A 234 -22.76 35.18 40.33
C ILE A 234 -22.53 33.96 39.45
N TYR A 235 -23.53 33.57 38.67
CA TYR A 235 -23.46 32.32 37.91
C TYR A 235 -22.40 32.36 36.82
N PRO A 236 -22.29 33.44 36.03
CA PRO A 236 -21.14 33.52 35.11
C PRO A 236 -19.80 33.43 35.84
N HIS A 237 -19.71 33.98 37.04
CA HIS A 237 -18.48 33.88 37.82
C HIS A 237 -18.18 32.44 38.18
N ILE A 238 -19.20 31.69 38.62
CA ILE A 238 -19.02 30.28 38.96
C ILE A 238 -18.58 29.49 37.72
N VAL A 239 -19.22 29.76 36.59
CA VAL A 239 -18.88 29.05 35.35
C VAL A 239 -17.43 29.33 34.96
N GLU A 240 -17.01 30.59 35.06
CA GLU A 240 -15.62 30.96 34.80
C GLU A 240 -14.67 30.20 35.72
N ASN A 241 -14.96 30.21 37.02
CA ASN A 241 -14.10 29.52 37.99
C ASN A 241 -13.98 28.05 37.65
N GLU A 242 -15.08 27.40 37.29
CA GLU A 242 -15.04 25.96 37.04
C GLU A 242 -14.34 25.65 35.72
N LYS A 243 -14.52 26.50 34.70
CA LYS A 243 -13.82 26.28 33.45
C LYS A 243 -12.32 26.55 33.59
N LEU A 244 -11.93 27.32 34.62
CA LEU A 244 -10.50 27.46 34.89
C LEU A 244 -9.83 26.11 35.15
N ARG A 245 -10.59 25.12 35.61
CA ARG A 245 -10.07 23.78 35.86
C ARG A 245 -10.38 22.80 34.73
N ALA A 246 -11.03 23.25 33.67
CA ALA A 246 -11.41 22.37 32.58
C ALA A 246 -10.18 21.90 31.81
N VAL A 247 -10.22 20.65 31.38
CA VAL A 247 -9.14 20.06 30.58
C VAL A 247 -9.53 20.19 29.12
N ARG A 248 -8.54 20.39 28.25
CA ARG A 248 -8.81 20.48 26.82
C ARG A 248 -9.46 19.20 26.35
N ARG A 249 -10.58 19.33 25.64
CA ARG A 249 -11.38 18.18 25.22
C ARG A 249 -10.93 17.73 23.84
N GLU A 250 -10.25 16.59 23.79
CA GLU A 250 -9.93 15.92 22.53
C GLU A 250 -10.91 14.77 22.33
N VAL A 251 -11.58 14.77 21.18
CA VAL A 251 -12.51 13.70 20.83
C VAL A 251 -11.72 12.61 20.10
N LEU A 252 -11.49 11.50 20.80
CA LEU A 252 -10.69 10.40 20.27
C LEU A 252 -11.60 9.37 19.61
N LEU A 253 -11.30 9.05 18.35
CA LEU A 253 -12.06 8.06 17.59
C LEU A 253 -11.29 6.76 17.40
N ASN A 254 -10.37 6.44 18.35
CA ASN A 254 -9.66 5.17 18.45
C ASN A 254 -10.31 4.31 19.54
N PRO A 255 -10.20 2.98 19.46
CA PRO A 255 -10.88 2.13 20.45
C PRO A 255 -10.08 1.96 21.73
N GLY A 256 -8.90 2.57 21.79
CA GLY A 256 -8.02 2.52 22.94
C GLY A 256 -8.53 3.49 23.98
N PRO A 257 -7.61 4.03 24.77
CA PRO A 257 -8.00 5.16 25.65
C PRO A 257 -8.71 6.23 24.84
N ALA A 258 -9.96 6.50 25.19
CA ALA A 258 -10.80 7.45 24.48
C ALA A 258 -11.00 8.69 25.34
N THR A 259 -11.92 9.55 24.91
CA THR A 259 -12.21 10.76 25.66
C THR A 259 -12.91 10.39 26.97
N THR A 260 -12.41 10.94 28.07
CA THR A 260 -12.95 10.71 29.40
C THR A 260 -13.59 11.98 29.95
N THR A 261 -14.43 11.81 30.96
CA THR A 261 -14.95 12.95 31.69
C THR A 261 -13.85 13.54 32.57
N ASP A 262 -13.95 14.85 32.83
CA ASP A 262 -12.96 15.49 33.69
C ASP A 262 -13.05 14.98 35.12
N SER A 263 -14.23 14.47 35.52
CA SER A 263 -14.37 13.90 36.85
C SER A 263 -13.50 12.65 37.01
N VAL A 264 -13.49 11.78 36.00
CA VAL A 264 -12.59 10.62 36.02
C VAL A 264 -11.13 11.06 36.05
N LYS A 265 -10.80 12.10 35.27
CA LYS A 265 -9.44 12.62 35.26
C LYS A 265 -9.01 13.07 36.65
N TYR A 266 -9.86 13.85 37.32
CA TYR A 266 -9.49 14.41 38.62
C TYR A 266 -9.61 13.40 39.76
N ALA A 267 -10.34 12.30 39.56
CA ALA A 267 -10.37 11.24 40.55
C ALA A 267 -8.99 10.67 40.83
N GLN A 268 -8.05 10.80 39.89
CA GLN A 268 -6.69 10.37 40.13
C GLN A 268 -6.02 11.20 41.22
N VAL A 269 -6.51 12.41 41.45
CA VAL A 269 -5.89 13.33 42.41
C VAL A 269 -6.51 13.05 43.77
N SER A 270 -5.70 12.50 44.68
CA SER A 270 -6.19 12.07 45.98
C SER A 270 -5.03 12.10 46.96
N ALA A 271 -5.38 12.03 48.25
CA ALA A 271 -4.36 11.91 49.28
C ALA A 271 -3.51 10.68 49.03
N ASP A 272 -2.21 10.80 49.28
CA ASP A 272 -1.33 9.64 49.18
C ASP A 272 -1.73 8.61 50.24
N ILE A 273 -1.73 7.35 49.85
CA ILE A 273 -2.15 6.27 50.74
C ILE A 273 -1.23 5.08 50.53
N CYS A 274 -0.90 4.40 51.62
CA CYS A 274 -0.18 3.13 51.54
C CYS A 274 -1.15 2.04 51.10
N PRO A 275 -0.84 1.30 50.03
CA PRO A 275 -1.83 0.33 49.51
C PRO A 275 -2.18 -0.77 50.48
N ARG A 276 -1.34 -1.01 51.50
CA ARG A 276 -1.64 -2.04 52.49
C ARG A 276 -2.73 -1.60 53.47
N GLU A 277 -2.98 -0.30 53.59
CA GLU A 277 -3.96 0.21 54.54
C GLU A 277 -5.34 -0.35 54.23
N LYS A 278 -6.16 -0.46 55.29
CA LYS A 278 -7.45 -1.13 55.15
C LYS A 278 -8.40 -0.35 54.24
N ALA A 279 -8.29 0.98 54.20
CA ALA A 279 -9.16 1.76 53.32
C ALA A 279 -8.96 1.37 51.87
N PHE A 280 -7.71 1.16 51.46
CA PHE A 280 -7.46 0.81 50.06
C PHE A 280 -7.86 -0.64 49.77
N GLY A 281 -7.61 -1.56 50.70
CA GLY A 281 -8.13 -2.90 50.53
C GLY A 281 -9.64 -2.93 50.39
N ASP A 282 -10.33 -2.07 51.14
CA ASP A 282 -11.78 -1.95 51.00
C ASP A 282 -12.14 -1.39 49.62
N LEU A 283 -11.39 -0.38 49.16
CA LEU A 283 -11.60 0.14 47.81
C LEU A 283 -11.46 -0.97 46.76
N MET A 284 -10.48 -1.84 46.93
CA MET A 284 -10.23 -2.90 45.94
C MET A 284 -11.32 -3.98 46.01
N GLN A 285 -11.74 -4.35 47.22
CA GLN A 285 -12.86 -5.28 47.36
C GLN A 285 -14.12 -4.72 46.72
N TRP A 286 -14.39 -3.44 46.95
CA TRP A 286 -15.51 -2.76 46.32
C TRP A 286 -15.38 -2.81 44.80
N LEU A 287 -14.18 -2.55 44.29
CA LEU A 287 -13.97 -2.59 42.84
C LEU A 287 -14.28 -3.96 42.28
N CYS A 288 -13.82 -5.02 42.93
CA CYS A 288 -14.10 -6.37 42.44
C CYS A 288 -15.61 -6.63 42.42
N ASP A 289 -16.28 -6.30 43.53
CA ASP A 289 -17.70 -6.59 43.67
C ASP A 289 -18.52 -5.82 42.63
N GLU A 290 -18.13 -4.57 42.36
CA GLU A 290 -18.90 -3.76 41.43
C GLU A 290 -18.56 -4.08 39.98
N LEU A 291 -17.28 -4.35 39.69
CA LEU A 291 -16.86 -4.64 38.33
C LEU A 291 -17.52 -5.90 37.82
N LYS A 292 -17.67 -6.92 38.67
CA LYS A 292 -18.26 -8.15 38.15
C LYS A 292 -19.74 -7.95 37.78
N LEU A 293 -20.42 -6.99 38.41
CA LEU A 293 -21.85 -6.81 38.14
C LEU A 293 -22.14 -6.26 36.74
N PHE A 294 -21.18 -5.56 36.14
CA PHE A 294 -21.39 -5.05 34.78
C PHE A 294 -21.41 -6.14 33.72
N ALA A 295 -21.09 -7.38 34.09
CA ALA A 295 -21.14 -8.52 33.19
C ALA A 295 -22.09 -9.60 33.66
N LEU A 296 -23.01 -9.26 34.56
CA LEU A 296 -23.99 -10.20 35.10
C LEU A 296 -25.39 -9.59 35.06
N ALA A 297 -26.36 -10.39 34.65
CA ALA A 297 -27.75 -9.96 34.74
C ALA A 297 -28.18 -9.91 36.21
N SER A 298 -29.23 -9.14 36.47
CA SER A 298 -29.75 -9.03 37.83
C SER A 298 -30.19 -10.38 38.39
N GLU A 299 -30.69 -11.26 37.52
CA GLU A 299 -31.19 -12.56 37.99
C GLU A 299 -30.08 -13.52 38.43
N THR A 300 -28.85 -13.28 38.01
CA THR A 300 -27.75 -14.19 38.34
C THR A 300 -27.07 -13.77 39.63
N ASN A 301 -26.76 -14.76 40.46
CA ASN A 301 -26.17 -14.53 41.77
C ASN A 301 -24.74 -14.03 41.63
N PRO A 302 -24.43 -12.82 42.06
CA PRO A 302 -23.04 -12.32 41.98
C PRO A 302 -22.07 -13.13 42.81
N ASP A 303 -22.54 -13.93 43.77
CA ASP A 303 -21.64 -14.72 44.60
C ASP A 303 -20.97 -15.83 43.81
N GLU A 304 -21.56 -16.23 42.68
CA GLU A 304 -20.97 -17.26 41.83
C GLU A 304 -19.79 -16.75 41.00
N TYR A 305 -19.43 -15.47 41.13
CA TYR A 305 -18.40 -14.88 40.29
C TYR A 305 -17.44 -14.06 41.13
N GLU A 306 -16.23 -13.90 40.60
CA GLU A 306 -15.18 -13.14 41.27
C GLU A 306 -14.50 -12.24 40.26
N THR A 307 -13.81 -11.23 40.76
CA THR A 307 -12.99 -10.34 39.94
C THR A 307 -11.56 -10.39 40.46
N VAL A 308 -10.61 -10.51 39.54
CA VAL A 308 -9.19 -10.54 39.88
C VAL A 308 -8.51 -9.44 39.07
N MET A 309 -7.87 -8.50 39.76
CA MET A 309 -7.30 -7.32 39.12
C MET A 309 -5.78 -7.40 39.11
N PHE A 310 -5.19 -6.82 38.07
CA PHE A 310 -3.76 -6.77 37.87
C PHE A 310 -3.39 -5.39 37.33
N GLY A 311 -2.18 -4.95 37.65
CA GLY A 311 -1.65 -3.77 37.00
C GLY A 311 -1.21 -4.15 35.60
N CYS A 312 -2.02 -3.82 34.61
CA CYS A 312 -2.02 -4.56 33.36
C CYS A 312 -2.77 -3.79 32.28
N SER A 313 -2.41 -4.07 31.03
CA SER A 313 -3.22 -3.75 29.87
C SER A 313 -4.20 -4.89 29.61
N GLY A 314 -5.05 -4.74 28.58
CA GLY A 314 -5.96 -5.80 28.22
C GLY A 314 -5.25 -7.05 27.74
N THR A 315 -4.19 -6.88 26.95
CA THR A 315 -3.39 -8.03 26.53
C THR A 315 -2.77 -8.73 27.74
N GLY A 316 -2.44 -7.97 28.78
CA GLY A 316 -1.99 -8.57 30.02
C GLY A 316 -3.03 -9.48 30.64
N ALA A 317 -4.30 -9.07 30.60
CA ALA A 317 -5.36 -9.90 31.15
C ALA A 317 -5.59 -11.15 30.29
N ASP A 318 -5.48 -11.01 28.97
CA ASP A 318 -5.53 -12.17 28.10
C ASP A 318 -4.44 -13.17 28.46
N GLU A 319 -3.22 -12.67 28.68
CA GLU A 319 -2.11 -13.54 29.04
C GLU A 319 -2.34 -14.18 30.40
N VAL A 320 -2.86 -13.42 31.37
CA VAL A 320 -3.24 -13.97 32.66
C VAL A 320 -4.13 -15.19 32.45
N MET A 321 -5.21 -15.02 31.69
CA MET A 321 -6.17 -16.10 31.50
C MET A 321 -5.52 -17.31 30.84
N VAL A 322 -4.84 -17.10 29.71
CA VAL A 322 -4.35 -18.25 28.95
C VAL A 322 -3.24 -18.97 29.69
N SER A 323 -2.39 -18.24 30.43
CA SER A 323 -1.28 -18.84 31.15
C SER A 323 -1.68 -19.31 32.54
N SER A 324 -2.93 -19.11 32.96
CA SER A 324 -3.38 -19.57 34.26
C SER A 324 -4.52 -20.57 34.21
N CYS A 325 -5.22 -20.72 33.09
CA CYS A 325 -6.45 -21.50 33.06
C CYS A 325 -6.36 -22.83 32.32
N VAL A 326 -5.25 -23.11 31.65
CA VAL A 326 -5.17 -24.32 30.82
C VAL A 326 -4.00 -25.20 31.25
N PRO A 327 -4.26 -26.35 31.87
CA PRO A 327 -3.18 -27.23 32.30
C PRO A 327 -2.62 -28.04 31.15
N ASP A 328 -1.38 -28.53 31.35
CA ASP A 328 -0.75 -29.39 30.34
C ASP A 328 -1.57 -30.64 30.05
N THR A 329 -2.43 -31.05 30.98
CA THR A 329 -3.30 -32.21 30.76
C THR A 329 -4.33 -31.98 29.67
N GLY A 330 -4.72 -30.73 29.42
CA GLY A 330 -5.80 -30.42 28.51
C GLY A 330 -5.31 -30.00 27.13
N ARG A 331 -6.25 -29.49 26.34
CA ARG A 331 -5.94 -28.99 25.00
C ARG A 331 -6.82 -27.79 24.70
N LEU A 332 -6.21 -26.71 24.25
CA LEU A 332 -6.91 -25.44 24.02
C LEU A 332 -7.13 -25.20 22.54
N LEU A 333 -8.35 -24.83 22.16
CA LEU A 333 -8.69 -24.37 20.82
C LEU A 333 -8.89 -22.86 20.86
N VAL A 334 -8.11 -22.13 20.06
CA VAL A 334 -8.21 -20.66 20.03
C VAL A 334 -8.81 -20.24 18.70
N ILE A 335 -9.91 -19.50 18.74
CA ILE A 335 -10.51 -18.92 17.55
C ILE A 335 -9.79 -17.63 17.20
N ASP A 336 -9.31 -17.53 15.96
CA ASP A 336 -8.50 -16.40 15.50
C ASP A 336 -9.16 -15.80 14.27
N ASN A 337 -9.95 -14.75 14.46
CA ASN A 337 -10.49 -13.94 13.38
C ASN A 337 -10.17 -12.47 13.62
N GLY A 338 -8.98 -12.19 14.14
CA GLY A 338 -8.57 -10.84 14.45
C GLY A 338 -7.32 -10.86 15.30
N SER A 339 -6.83 -9.65 15.56
CA SER A 339 -5.51 -9.52 16.21
C SER A 339 -5.53 -9.98 17.66
N TYR A 340 -6.65 -9.80 18.36
CA TYR A 340 -6.75 -10.29 19.74
C TYR A 340 -6.68 -11.81 19.78
N GLY A 341 -7.40 -12.49 18.89
CA GLY A 341 -7.32 -13.94 18.83
C GLY A 341 -5.93 -14.43 18.44
N ALA A 342 -5.31 -13.76 17.45
CA ALA A 342 -3.94 -14.10 17.09
C ALA A 342 -2.99 -13.91 18.26
N ARG A 343 -3.22 -12.89 19.09
CA ARG A 343 -2.37 -12.65 20.25
C ARG A 343 -2.56 -13.74 21.31
N MET A 344 -3.81 -14.17 21.52
CA MET A 344 -4.05 -15.27 22.46
C MET A 344 -3.36 -16.54 21.97
N ALA A 345 -3.43 -16.79 20.65
CA ALA A 345 -2.73 -17.92 20.05
C ALA A 345 -1.23 -17.82 20.29
N LYS A 346 -0.65 -16.63 20.03
CA LYS A 346 0.78 -16.43 20.19
C LYS A 346 1.22 -16.66 21.64
N ILE A 347 0.42 -16.16 22.59
CA ILE A 347 0.75 -16.36 24.00
C ILE A 347 0.71 -17.85 24.35
N ALA A 348 -0.38 -18.53 23.96
CA ALA A 348 -0.47 -19.96 24.21
C ALA A 348 0.73 -20.71 23.64
N ASP A 349 1.19 -20.29 22.45
CA ASP A 349 2.36 -20.92 21.84
C ASP A 349 3.63 -20.66 22.65
N ILE A 350 3.82 -19.41 23.09
CA ILE A 350 5.03 -19.06 23.84
C ILE A 350 5.09 -19.86 25.13
N TYR A 351 3.96 -20.05 25.80
CA TYR A 351 3.90 -20.82 27.03
C TYR A 351 3.86 -22.32 26.78
N LYS A 352 3.89 -22.74 25.51
CA LYS A 352 3.87 -24.16 25.13
C LYS A 352 2.60 -24.86 25.63
N ILE A 353 1.47 -24.20 25.42
CA ILE A 353 0.17 -24.78 25.76
C ILE A 353 -0.25 -25.74 24.66
N PRO A 354 -0.63 -26.99 24.99
CA PRO A 354 -1.16 -27.88 23.94
C PRO A 354 -2.37 -27.23 23.30
N MET A 355 -2.26 -26.85 22.03
CA MET A 355 -3.22 -25.91 21.47
C MET A 355 -3.33 -26.07 19.96
N ASP A 356 -4.53 -25.78 19.44
CA ASP A 356 -4.80 -25.68 18.01
C ASP A 356 -5.51 -24.37 17.70
N ILE A 357 -5.39 -23.93 16.44
CA ILE A 357 -5.92 -22.67 15.97
C ILE A 357 -7.09 -22.94 15.03
N PHE A 358 -8.21 -22.26 15.27
CA PHE A 358 -9.33 -22.21 14.35
C PHE A 358 -9.28 -20.84 13.68
N LYS A 359 -8.73 -20.80 12.47
CA LYS A 359 -8.58 -19.55 11.75
C LYS A 359 -9.82 -19.28 10.90
N SER A 360 -10.22 -18.01 10.83
CA SER A 360 -11.39 -17.61 10.07
C SER A 360 -11.23 -16.17 9.61
N SER A 361 -12.13 -15.77 8.72
CA SER A 361 -12.05 -14.44 8.12
C SER A 361 -12.14 -13.35 9.20
N THR A 362 -11.43 -12.25 8.95
CA THR A 362 -11.42 -11.14 9.90
C THR A 362 -12.67 -10.27 9.77
N TYR A 363 -13.40 -10.37 8.66
CA TYR A 363 -14.56 -9.51 8.44
C TYR A 363 -15.83 -10.27 8.08
N GLU A 364 -15.81 -11.60 8.10
CA GLU A 364 -17.01 -12.38 7.82
C GLU A 364 -17.30 -13.32 8.98
N PRO A 365 -18.56 -13.65 9.22
CA PRO A 365 -18.91 -14.43 10.42
C PRO A 365 -18.27 -15.81 10.38
N LEU A 366 -18.03 -16.34 11.58
CA LEU A 366 -17.51 -17.70 11.69
C LEU A 366 -18.54 -18.69 11.16
N ASP A 367 -18.03 -19.77 10.57
CA ASP A 367 -18.90 -20.88 10.20
C ASP A 367 -19.16 -21.69 11.46
N LEU A 368 -20.33 -21.45 12.07
CA LEU A 368 -20.64 -22.09 13.34
C LEU A 368 -20.73 -23.61 13.25
N GLN A 369 -21.00 -24.16 12.06
CA GLN A 369 -21.17 -25.59 11.90
C GLN A 369 -19.85 -26.35 11.82
N LYS A 370 -18.88 -25.77 11.10
CA LYS A 370 -17.50 -26.25 11.04
C LYS A 370 -16.89 -26.19 12.43
N LEU A 371 -17.20 -25.11 13.16
CA LEU A 371 -16.76 -24.91 14.54
C LEU A 371 -17.38 -25.95 15.47
N GLU A 372 -18.68 -26.22 15.31
CA GLU A 372 -19.31 -27.26 16.11
C GLU A 372 -18.72 -28.61 15.80
N ALA A 373 -18.43 -28.88 14.52
CA ALA A 373 -17.76 -30.12 14.14
C ALA A 373 -16.43 -30.26 14.88
N GLU A 374 -15.66 -29.18 14.98
CA GLU A 374 -14.40 -29.25 15.71
C GLU A 374 -14.63 -29.43 17.21
N PHE A 375 -15.71 -28.85 17.75
CA PHE A 375 -16.06 -29.09 19.15
C PHE A 375 -16.39 -30.57 19.38
N ALA A 376 -17.05 -31.20 18.41
CA ALA A 376 -17.53 -32.56 18.57
C ALA A 376 -16.39 -33.58 18.60
N THR A 377 -15.23 -33.21 18.06
CA THR A 377 -14.06 -34.09 18.10
C THR A 377 -13.70 -34.51 19.52
N LYS A 378 -14.13 -33.75 20.53
CA LYS A 378 -13.81 -33.99 21.93
C LYS A 378 -12.31 -33.96 22.18
N LYS A 379 -11.55 -33.31 21.29
CA LYS A 379 -10.11 -33.16 21.47
C LYS A 379 -9.76 -32.10 22.50
N TYR A 380 -10.61 -31.08 22.66
CA TYR A 380 -10.24 -29.86 23.36
C TYR A 380 -10.97 -29.76 24.70
N THR A 381 -10.21 -29.43 25.75
CA THR A 381 -10.78 -29.15 27.06
C THR A 381 -11.15 -27.68 27.22
N HIS A 382 -10.46 -26.77 26.53
CA HIS A 382 -10.67 -25.34 26.71
C HIS A 382 -10.84 -24.67 25.35
N LEU A 383 -11.68 -23.64 25.34
CA LEU A 383 -11.91 -22.80 24.16
C LEU A 383 -11.59 -21.37 24.54
N ALA A 384 -10.75 -20.71 23.74
CA ALA A 384 -10.40 -19.31 23.91
C ALA A 384 -10.84 -18.54 22.67
N CYS A 385 -11.54 -17.42 22.89
CA CYS A 385 -12.08 -16.66 21.77
C CYS A 385 -12.27 -15.21 22.20
N VAL A 386 -12.67 -14.37 21.23
CA VAL A 386 -12.78 -12.93 21.40
C VAL A 386 -14.21 -12.52 21.09
N TYR A 387 -14.77 -11.65 21.93
CA TYR A 387 -16.13 -11.16 21.69
C TYR A 387 -16.18 -10.14 20.57
N HIS A 388 -15.32 -9.12 20.63
CA HIS A 388 -15.35 -8.01 19.69
C HIS A 388 -13.93 -7.72 19.22
N GLU A 389 -13.70 -7.85 17.92
CA GLU A 389 -12.39 -7.60 17.33
C GLU A 389 -12.36 -6.17 16.79
N THR A 390 -11.58 -5.31 17.44
CA THR A 390 -11.43 -3.94 16.96
C THR A 390 -10.69 -3.85 15.64
N THR A 391 -10.15 -4.96 15.15
CA THR A 391 -9.47 -4.95 13.85
C THR A 391 -10.40 -4.51 12.74
N THR A 392 -11.65 -4.97 12.78
CA THR A 392 -12.65 -4.59 11.80
C THR A 392 -13.99 -4.19 12.42
N GLY A 393 -14.17 -4.36 13.72
CA GLY A 393 -15.47 -4.16 14.35
C GLY A 393 -16.41 -5.34 14.29
N LEU A 394 -15.91 -6.51 13.88
CA LEU A 394 -16.75 -7.70 13.88
C LEU A 394 -17.07 -8.12 15.30
N LEU A 395 -18.33 -8.49 15.53
CA LEU A 395 -18.80 -8.94 16.83
C LEU A 395 -19.18 -10.41 16.70
N ASN A 396 -18.41 -11.27 17.35
CA ASN A 396 -18.65 -12.70 17.26
C ASN A 396 -19.89 -13.09 18.06
N PRO A 397 -20.69 -14.03 17.57
CA PRO A 397 -21.91 -14.45 18.29
C PRO A 397 -21.59 -15.37 19.47
N LEU A 398 -20.96 -14.78 20.49
CA LEU A 398 -20.52 -15.58 21.63
C LEU A 398 -21.68 -16.19 22.39
N HIS A 399 -22.89 -15.60 22.28
CA HIS A 399 -24.07 -16.18 22.92
C HIS A 399 -24.44 -17.52 22.32
N ILE A 400 -23.95 -17.83 21.12
CA ILE A 400 -24.07 -19.16 20.55
C ILE A 400 -22.80 -19.98 20.77
N ILE A 401 -21.64 -19.38 20.51
CA ILE A 401 -20.39 -20.13 20.49
C ILE A 401 -20.04 -20.65 21.88
N CYS A 402 -20.20 -19.82 22.92
CA CYS A 402 -19.71 -20.22 24.22
C CYS A 402 -20.64 -21.20 24.93
N PRO A 403 -21.97 -20.99 24.92
CA PRO A 403 -22.86 -22.06 25.42
C PRO A 403 -22.68 -23.37 24.69
N MET A 404 -22.47 -23.32 23.37
CA MET A 404 -22.22 -24.55 22.62
C MET A 404 -20.93 -25.23 23.09
N ALA A 405 -19.88 -24.45 23.32
CA ALA A 405 -18.64 -25.01 23.84
C ALA A 405 -18.84 -25.63 25.21
N LYS A 406 -19.69 -25.01 26.04
CA LYS A 406 -20.03 -25.61 27.33
C LYS A 406 -20.78 -26.92 27.15
N LYS A 407 -21.64 -26.98 26.13
CA LYS A 407 -22.42 -28.18 25.85
C LYS A 407 -21.55 -29.37 25.52
N TYR A 408 -20.37 -29.13 24.94
CA TYR A 408 -19.39 -30.18 24.68
C TYR A 408 -18.38 -30.32 25.81
N GLY A 409 -18.65 -29.73 26.97
CA GLY A 409 -17.83 -29.95 28.15
C GLY A 409 -16.58 -29.12 28.27
N MET A 410 -16.49 -28.01 27.54
CA MET A 410 -15.29 -27.19 27.50
C MET A 410 -15.35 -26.02 28.47
N VAL A 411 -14.17 -25.59 28.93
CA VAL A 411 -14.03 -24.38 29.75
C VAL A 411 -13.83 -23.19 28.81
N THR A 412 -14.57 -22.11 29.05
CA THR A 412 -14.62 -20.98 28.13
C THR A 412 -13.79 -19.81 28.64
N ILE A 413 -12.91 -19.31 27.78
CA ILE A 413 -12.01 -18.20 28.04
C ILE A 413 -12.28 -17.14 26.97
N VAL A 414 -12.65 -15.93 27.40
CA VAL A 414 -13.17 -14.92 26.50
C VAL A 414 -12.41 -13.62 26.71
N ASP A 415 -11.93 -13.04 25.61
CA ASP A 415 -11.51 -11.65 25.56
C ASP A 415 -12.74 -10.80 25.32
N ALA A 416 -13.11 -9.99 26.32
CA ALA A 416 -14.14 -8.98 26.18
C ALA A 416 -13.55 -7.59 26.40
N VAL A 417 -12.28 -7.43 26.04
CA VAL A 417 -11.56 -6.20 26.32
C VAL A 417 -12.27 -5.00 25.70
N SER A 418 -12.77 -5.16 24.48
CA SER A 418 -13.45 -4.07 23.77
C SER A 418 -14.96 -4.24 23.73
N ALA A 419 -15.53 -5.18 24.50
CA ALA A 419 -16.96 -5.39 24.55
C ALA A 419 -17.56 -5.11 25.93
N TYR A 420 -16.88 -5.52 26.99
CA TYR A 420 -17.37 -5.35 28.35
C TYR A 420 -17.66 -3.88 28.64
N CYS A 421 -18.85 -3.62 29.19
CA CYS A 421 -19.38 -2.30 29.56
C CYS A 421 -19.82 -1.47 28.36
N GLY A 422 -19.72 -2.00 27.14
CA GLY A 422 -20.23 -1.28 25.98
C GLY A 422 -21.57 -1.81 25.54
N MET A 423 -21.93 -2.98 26.05
CA MET A 423 -23.17 -3.68 25.73
C MET A 423 -23.55 -4.53 26.93
N PRO A 424 -24.83 -4.79 27.14
CA PRO A 424 -25.22 -5.70 28.24
C PRO A 424 -24.57 -7.06 28.06
N MET A 425 -24.11 -7.63 29.17
CA MET A 425 -23.50 -8.95 29.18
C MET A 425 -23.97 -9.70 30.41
N ASP A 426 -24.17 -11.01 30.25
CA ASP A 426 -24.44 -11.90 31.38
C ASP A 426 -23.62 -13.17 31.19
N LEU A 427 -22.53 -13.29 31.97
CA LEU A 427 -21.62 -14.41 31.80
C LEU A 427 -22.31 -15.75 32.01
N LYS A 428 -23.35 -15.80 32.83
CA LYS A 428 -23.99 -17.08 33.15
C LYS A 428 -24.72 -17.65 31.94
N SER A 429 -25.66 -16.90 31.37
CA SER A 429 -26.36 -17.37 30.18
C SER A 429 -25.44 -17.40 28.96
N LEU A 430 -24.39 -16.59 28.95
CA LEU A 430 -23.40 -16.61 27.89
C LEU A 430 -22.44 -17.80 27.98
N GLY A 431 -22.47 -18.55 29.07
CA GLY A 431 -21.58 -19.69 29.22
C GLY A 431 -20.11 -19.31 29.21
N ILE A 432 -19.74 -18.24 29.89
CA ILE A 432 -18.37 -17.73 29.92
C ILE A 432 -17.80 -17.98 31.31
N ASP A 433 -16.70 -18.74 31.37
CA ASP A 433 -16.06 -19.08 32.64
C ASP A 433 -15.03 -18.03 33.04
N PHE A 434 -14.23 -17.55 32.09
CA PHE A 434 -13.26 -16.49 32.36
C PHE A 434 -13.45 -15.40 31.31
N MET A 435 -13.57 -14.16 31.75
CA MET A 435 -13.77 -13.02 30.86
C MET A 435 -12.78 -11.93 31.22
N ALA A 436 -12.05 -11.43 30.23
CA ALA A 436 -11.04 -10.40 30.47
C ALA A 436 -11.51 -9.04 29.99
N SER A 437 -11.05 -7.99 30.66
CA SER A 437 -11.30 -6.63 30.21
C SER A 437 -10.29 -5.70 30.86
N THR A 438 -10.38 -4.42 30.51
CA THR A 438 -9.39 -3.42 30.92
C THR A 438 -10.12 -2.16 31.38
N SER A 439 -9.35 -1.21 31.91
CA SER A 439 -9.90 0.00 32.50
C SER A 439 -10.02 1.16 31.53
N ASN A 440 -9.44 1.07 30.32
CA ASN A 440 -9.34 2.22 29.44
C ASN A 440 -10.20 2.09 28.19
N LYS A 441 -11.25 1.26 28.22
CA LYS A 441 -12.11 1.09 27.06
C LYS A 441 -13.52 1.48 27.46
N ASN A 442 -14.49 0.57 27.36
CA ASN A 442 -15.89 0.97 27.48
C ASN A 442 -16.27 1.40 28.89
N ILE A 443 -15.50 1.03 29.92
CA ILE A 443 -15.76 1.56 31.24
C ILE A 443 -15.37 3.04 31.33
N GLN A 444 -14.51 3.51 30.42
CA GLN A 444 -14.18 4.92 30.26
C GLN A 444 -13.34 5.44 31.42
N GLY A 445 -12.41 4.61 31.89
CA GLY A 445 -11.43 4.99 32.88
C GLY A 445 -10.07 5.24 32.27
N MET A 446 -9.05 5.23 33.12
CA MET A 446 -7.67 5.44 32.70
C MET A 446 -6.94 4.10 32.61
N ALA A 447 -6.05 3.99 31.63
CA ALA A 447 -5.32 2.75 31.41
C ALA A 447 -4.44 2.41 32.61
N GLY A 448 -4.32 1.12 32.89
CA GLY A 448 -3.46 0.67 33.96
C GLY A 448 -3.92 -0.57 34.70
N VAL A 449 -5.21 -0.87 34.67
CA VAL A 449 -5.77 -2.02 35.38
C VAL A 449 -6.43 -2.95 34.39
N GLY A 450 -5.95 -4.20 34.36
CA GLY A 450 -6.63 -5.27 33.66
C GLY A 450 -7.30 -6.16 34.68
N PHE A 451 -8.39 -6.83 34.28
CA PHE A 451 -9.07 -7.68 35.24
C PHE A 451 -9.74 -8.84 34.53
N VAL A 452 -9.94 -9.91 35.30
CA VAL A 452 -10.58 -11.13 34.85
C VAL A 452 -11.74 -11.42 35.78
N ILE A 453 -12.94 -11.53 35.20
CA ILE A 453 -14.12 -11.97 35.93
C ILE A 453 -14.27 -13.47 35.70
N CYS A 454 -14.29 -14.23 36.78
CA CYS A 454 -14.24 -15.69 36.72
C CYS A 454 -15.48 -16.29 37.39
N ASN A 455 -16.01 -17.34 36.77
CA ASN A 455 -16.85 -18.29 37.50
C ASN A 455 -16.06 -18.86 38.67
N LYS A 456 -16.57 -18.67 39.89
CA LYS A 456 -15.78 -18.98 41.09
C LYS A 456 -15.39 -20.46 41.14
N ALA A 457 -16.31 -21.36 40.78
CA ALA A 457 -15.99 -22.79 40.80
C ALA A 457 -14.86 -23.11 39.82
N GLU A 458 -14.96 -22.60 38.59
CA GLU A 458 -13.91 -22.84 37.61
C GLU A 458 -12.60 -22.19 38.04
N LEU A 459 -12.68 -21.03 38.70
CA LEU A 459 -11.49 -20.40 39.24
C LEU A 459 -10.83 -21.30 40.28
N GLU A 460 -11.63 -21.95 41.12
CA GLU A 460 -11.05 -22.78 42.19
C GLU A 460 -10.44 -24.08 41.69
N LYS A 461 -10.97 -24.65 40.61
CA LYS A 461 -10.31 -25.86 40.05
C LYS A 461 -8.92 -25.54 39.51
N THR A 462 -8.61 -24.26 39.33
CA THR A 462 -7.28 -23.81 38.95
C THR A 462 -6.27 -23.89 40.10
N LYS A 463 -6.71 -24.14 41.33
CA LYS A 463 -5.85 -23.91 42.50
C LYS A 463 -4.54 -24.69 42.44
N ASP A 464 -4.54 -25.88 41.85
CA ASP A 464 -3.37 -26.74 41.84
C ASP A 464 -2.67 -26.82 40.50
N TYR A 465 -3.10 -26.07 39.50
CA TYR A 465 -2.36 -26.01 38.24
C TYR A 465 -0.97 -25.47 38.52
N PRO A 466 0.08 -26.05 37.92
CA PRO A 466 1.42 -25.47 38.07
C PRO A 466 1.45 -24.06 37.50
N MET A 467 2.18 -23.18 38.18
CA MET A 467 2.28 -21.80 37.73
C MET A 467 3.17 -21.72 36.50
N ARG A 468 2.70 -21.00 35.47
CA ARG A 468 3.50 -20.74 34.29
C ARG A 468 4.21 -19.40 34.36
N ASN A 469 3.86 -18.56 35.32
CA ASN A 469 4.46 -17.25 35.51
C ASN A 469 4.15 -16.82 36.95
N TYR A 470 4.54 -15.59 37.28
CA TYR A 470 4.35 -15.09 38.63
C TYR A 470 3.44 -13.86 38.66
N TYR A 471 3.84 -12.77 38.03
CA TYR A 471 3.07 -11.53 38.09
C TYR A 471 1.67 -11.69 37.51
N LEU A 472 1.51 -12.59 36.54
CA LEU A 472 0.26 -12.74 35.81
C LEU A 472 -0.50 -14.02 36.18
N ASN A 473 -0.15 -14.66 37.30
CA ASN A 473 -0.82 -15.88 37.71
C ASN A 473 -2.15 -15.54 38.37
N LEU A 474 -3.24 -16.07 37.82
CA LEU A 474 -4.57 -15.70 38.26
C LEU A 474 -4.84 -16.15 39.70
N TYR A 475 -4.56 -17.42 40.00
CA TYR A 475 -4.98 -17.96 41.28
C TYR A 475 -4.18 -17.38 42.43
N ASP A 476 -2.87 -17.18 42.25
CA ASP A 476 -2.08 -16.57 43.32
C ASP A 476 -2.58 -15.17 43.62
N GLN A 477 -2.82 -14.37 42.56
CA GLN A 477 -3.36 -13.03 42.73
C GLN A 477 -4.67 -13.05 43.51
N TYR A 478 -5.58 -13.96 43.12
CA TYR A 478 -6.88 -14.02 43.78
C TYR A 478 -6.77 -14.50 45.22
N ALA A 479 -6.00 -15.57 45.44
CA ALA A 479 -5.90 -16.17 46.76
C ALA A 479 -5.23 -15.25 47.77
N TYR A 480 -4.18 -14.53 47.35
CA TYR A 480 -3.50 -13.65 48.30
C TYR A 480 -4.43 -12.57 48.83
N PHE A 481 -5.26 -11.99 47.96
CA PHE A 481 -6.24 -10.99 48.39
C PHE A 481 -7.45 -11.61 49.08
N ALA A 482 -7.74 -12.88 48.82
CA ALA A 482 -8.77 -13.53 49.60
C ALA A 482 -8.29 -13.77 51.02
N LYS A 483 -7.03 -14.16 51.15
CA LYS A 483 -6.54 -14.53 52.46
C LYS A 483 -6.32 -13.29 53.32
N THR A 484 -5.48 -12.40 52.85
CA THR A 484 -5.16 -11.08 53.41
C THR A 484 -5.95 -10.03 52.65
N HIS A 485 -6.18 -8.88 53.28
CA HIS A 485 -6.90 -7.81 52.59
C HIS A 485 -6.00 -6.97 51.69
N GLN A 486 -5.03 -7.60 51.01
CA GLN A 486 -3.98 -6.88 50.30
C GLN A 486 -3.68 -7.58 48.98
N THR A 487 -3.11 -6.81 48.05
CA THR A 487 -2.64 -7.35 46.77
C THR A 487 -1.20 -7.81 46.91
N ARG A 488 -0.80 -8.70 45.99
CA ARG A 488 0.55 -9.26 46.03
C ARG A 488 1.61 -8.18 45.89
N PHE A 489 1.41 -7.28 44.93
CA PHE A 489 2.39 -6.25 44.61
C PHE A 489 1.66 -4.90 44.61
N THR A 490 2.44 -3.84 44.39
CA THR A 490 1.88 -2.49 44.43
C THR A 490 0.91 -2.28 43.28
N PRO A 491 -0.35 -1.95 43.54
CA PRO A 491 -1.29 -1.71 42.45
C PRO A 491 -1.22 -0.26 41.99
N PRO A 492 -1.74 0.04 40.79
CA PRO A 492 -1.77 1.44 40.35
C PRO A 492 -2.86 2.22 41.08
N VAL A 493 -2.49 2.73 42.26
CA VAL A 493 -3.45 3.29 43.22
C VAL A 493 -4.33 4.35 42.55
N GLN A 494 -3.70 5.36 41.95
CA GLN A 494 -4.45 6.49 41.40
C GLN A 494 -5.29 6.07 40.20
N THR A 495 -4.76 5.19 39.35
CA THR A 495 -5.56 4.61 38.28
C THR A 495 -6.81 3.94 38.86
N MET A 496 -6.67 3.31 40.03
CA MET A 496 -7.83 2.65 40.66
C MET A 496 -8.80 3.62 41.32
N TYR A 497 -8.34 4.78 41.78
CA TYR A 497 -9.29 5.83 42.15
C TYR A 497 -10.08 6.30 40.92
N ALA A 498 -9.37 6.53 39.82
CA ALA A 498 -10.04 6.90 38.56
C ALA A 498 -11.03 5.82 38.13
N LEU A 499 -10.67 4.54 38.33
CA LEU A 499 -11.56 3.44 37.96
C LEU A 499 -12.79 3.41 38.85
N ARG A 500 -12.64 3.73 40.14
CA ARG A 500 -13.81 3.84 41.01
C ARG A 500 -14.76 4.90 40.49
N GLN A 501 -14.24 6.07 40.13
CA GLN A 501 -15.11 7.12 39.60
C GLN A 501 -15.75 6.69 38.28
N ALA A 502 -14.99 5.97 37.45
CA ALA A 502 -15.54 5.46 36.19
C ALA A 502 -16.67 4.46 36.45
N VAL A 503 -16.50 3.59 37.45
CA VAL A 503 -17.55 2.65 37.83
C VAL A 503 -18.80 3.40 38.28
N LEU A 504 -18.60 4.44 39.10
CA LEU A 504 -19.73 5.24 39.56
C LEU A 504 -20.48 5.88 38.38
N GLU A 505 -19.74 6.41 37.41
CA GLU A 505 -20.40 7.06 36.28
C GLU A 505 -21.05 6.05 35.35
N THR A 506 -20.52 4.83 35.29
CA THR A 506 -21.19 3.76 34.55
C THR A 506 -22.49 3.37 35.23
N LYS A 507 -22.49 3.30 36.56
CA LYS A 507 -23.73 3.02 37.29
C LYS A 507 -24.74 4.15 37.11
N GLN A 508 -24.26 5.39 36.99
CA GLN A 508 -25.16 6.51 36.71
C GLN A 508 -25.78 6.37 35.33
N GLU A 509 -24.96 6.10 34.31
CA GLU A 509 -25.46 6.01 32.95
C GLU A 509 -26.21 4.71 32.68
N THR A 510 -25.74 3.60 33.27
CA THR A 510 -26.15 2.22 33.01
C THR A 510 -25.57 1.73 31.69
N VAL A 511 -25.24 0.43 31.64
CA VAL A 511 -24.61 -0.14 30.45
C VAL A 511 -25.55 -0.09 29.25
N GLN A 512 -26.85 -0.33 29.47
CA GLN A 512 -27.81 -0.29 28.37
C GLN A 512 -27.83 1.07 27.68
N LYS A 513 -27.85 2.15 28.47
CA LYS A 513 -27.93 3.48 27.87
C LYS A 513 -26.58 3.90 27.29
N ARG A 514 -25.47 3.40 27.85
CA ARG A 514 -24.17 3.59 27.21
C ARG A 514 -24.12 2.92 25.85
N TYR A 515 -24.64 1.68 25.75
CA TYR A 515 -24.75 1.01 24.47
C TYR A 515 -25.58 1.82 23.49
N GLU A 516 -26.71 2.37 23.96
CA GLU A 516 -27.56 3.16 23.09
C GLU A 516 -26.84 4.42 22.61
N ARG A 517 -26.02 5.02 23.48
CA ARG A 517 -25.25 6.20 23.10
C ARG A 517 -24.23 5.86 22.02
N TYR A 518 -23.44 4.80 22.26
CA TYR A 518 -22.47 4.34 21.27
C TYR A 518 -23.16 4.03 19.94
N THR A 519 -24.31 3.35 19.99
CA THR A 519 -25.03 2.98 18.79
C THR A 519 -25.58 4.21 18.06
N ALA A 520 -25.99 5.24 18.79
CA ALA A 520 -26.45 6.47 18.14
C ALA A 520 -25.30 7.13 17.37
N CYS A 521 -24.14 7.22 18.01
CA CYS A 521 -22.96 7.73 17.31
C CYS A 521 -22.65 6.89 16.07
N TRP A 522 -22.73 5.57 16.22
CA TRP A 522 -22.46 4.67 15.09
C TRP A 522 -23.46 4.90 13.96
N ASN A 523 -24.73 5.13 14.30
CA ASN A 523 -25.74 5.39 13.28
C ASN A 523 -25.44 6.68 12.53
N ILE A 524 -25.07 7.73 13.24
CA ILE A 524 -24.71 8.98 12.57
C ILE A 524 -23.54 8.75 11.62
N LEU A 525 -22.50 8.05 12.10
CA LEU A 525 -21.32 7.80 11.27
C LEU A 525 -21.68 6.95 10.05
N VAL A 526 -22.53 5.95 10.23
CA VAL A 526 -22.88 5.05 9.12
C VAL A 526 -23.71 5.77 8.08
N ALA A 527 -24.65 6.62 8.52
CA ALA A 527 -25.40 7.44 7.58
C ALA A 527 -24.46 8.31 6.75
N ALA A 528 -23.48 8.94 7.40
CA ALA A 528 -22.53 9.77 6.64
C ALA A 528 -21.72 8.93 5.67
N ILE A 529 -21.27 7.74 6.10
CA ILE A 529 -20.50 6.85 5.24
C ILE A 529 -21.31 6.48 4.00
N LYS A 530 -22.59 6.15 4.18
CA LYS A 530 -23.43 5.78 3.06
C LYS A 530 -23.62 6.97 2.12
N LYS A 531 -23.90 8.15 2.67
CA LYS A 531 -24.05 9.33 1.82
C LYS A 531 -22.78 9.65 1.05
N LEU A 532 -21.62 9.23 1.56
CA LEU A 532 -20.36 9.50 0.85
C LEU A 532 -20.01 8.42 -0.16
N GLY A 533 -20.73 7.31 -0.19
CA GLY A 533 -20.42 6.22 -1.08
C GLY A 533 -19.23 5.38 -0.67
N LEU A 534 -18.75 5.55 0.55
CA LEU A 534 -17.67 4.72 1.08
C LEU A 534 -18.22 3.37 1.49
N LYS A 535 -17.33 2.39 1.56
CA LYS A 535 -17.72 1.01 1.80
C LYS A 535 -17.27 0.56 3.18
N MET A 536 -18.19 -0.03 3.93
CA MET A 536 -17.86 -0.68 5.19
C MET A 536 -17.49 -2.13 4.90
N LEU A 537 -16.41 -2.59 5.53
CA LEU A 537 -15.92 -3.93 5.24
C LEU A 537 -16.79 -5.00 5.87
N VAL A 538 -17.39 -4.71 7.02
CA VAL A 538 -18.20 -5.68 7.76
C VAL A 538 -19.66 -5.32 7.58
N LYS A 539 -20.49 -6.32 7.33
CA LYS A 539 -21.92 -6.08 7.20
C LYS A 539 -22.48 -5.63 8.53
N GLU A 540 -23.50 -4.78 8.46
CA GLU A 540 -24.03 -4.18 9.68
C GLU A 540 -24.55 -5.23 10.67
N GLU A 541 -25.15 -6.30 10.21
CA GLU A 541 -25.67 -7.23 11.20
C GLU A 541 -24.57 -7.93 12.03
N HIS A 542 -23.32 -8.00 11.57
CA HIS A 542 -22.23 -8.57 12.38
C HIS A 542 -21.32 -7.52 13.00
N GLN A 543 -21.74 -6.25 13.02
CA GLN A 543 -20.95 -5.16 13.61
C GLN A 543 -21.32 -4.92 15.07
N SER A 544 -20.30 -4.63 15.90
CA SER A 544 -20.50 -4.30 17.30
C SER A 544 -21.12 -2.92 17.54
N HIS A 545 -20.82 -1.95 16.67
CA HIS A 545 -21.23 -0.53 16.71
C HIS A 545 -20.23 0.32 17.47
N PHE A 546 -19.07 -0.25 17.83
CA PHE A 546 -18.09 0.48 18.62
C PHE A 546 -16.96 1.03 17.77
N ILE A 547 -16.64 0.35 16.67
CA ILE A 547 -15.60 0.78 15.74
C ILE A 547 -16.01 0.28 14.36
N THR A 548 -15.73 1.09 13.35
CA THR A 548 -16.07 0.76 11.97
C THR A 548 -14.83 0.85 11.12
N ALA A 549 -14.54 -0.23 10.38
CA ALA A 549 -13.48 -0.25 9.39
C ALA A 549 -14.06 0.15 8.04
N ILE A 550 -13.44 1.13 7.40
CA ILE A 550 -13.92 1.73 6.17
C ILE A 550 -12.84 1.59 5.11
N LEU A 551 -13.22 1.10 3.93
CA LEU A 551 -12.27 0.96 2.83
C LEU A 551 -11.79 2.32 2.37
N GLU A 552 -10.46 2.46 2.26
CA GLU A 552 -9.87 3.71 1.83
C GLU A 552 -10.17 3.98 0.36
N PRO A 553 -10.48 5.22 -0.02
CA PRO A 553 -10.69 5.53 -1.44
C PRO A 553 -9.47 5.22 -2.28
N GLU A 554 -9.72 4.80 -3.53
CA GLU A 554 -8.66 4.38 -4.42
C GLU A 554 -7.90 5.56 -5.03
N THR A 555 -8.47 6.75 -4.98
CA THR A 555 -7.85 7.91 -5.61
C THR A 555 -6.47 8.17 -5.00
N PRO A 556 -5.48 8.54 -5.81
CA PRO A 556 -4.19 8.98 -5.25
C PRO A 556 -4.30 10.26 -4.45
N LYS A 557 -5.37 11.02 -4.61
CA LYS A 557 -5.57 12.22 -3.79
C LYS A 557 -5.79 11.90 -2.32
N TYR A 558 -6.12 10.65 -2.00
CA TYR A 558 -6.33 10.28 -0.62
C TYR A 558 -5.01 9.94 0.05
N SER A 559 -4.88 10.38 1.30
CA SER A 559 -3.76 9.99 2.15
C SER A 559 -4.31 9.90 3.57
N PHE A 560 -4.01 8.80 4.26
CA PHE A 560 -4.42 8.66 5.65
C PHE A 560 -3.87 9.80 6.49
N GLU A 561 -2.70 10.27 6.12
CA GLU A 561 -1.91 11.31 6.77
C GLU A 561 -2.66 12.63 6.76
N ALA A 562 -3.22 12.94 5.58
CA ALA A 562 -3.95 14.17 5.33
C ALA A 562 -5.26 14.17 6.06
N LEU A 563 -6.01 13.07 5.96
CA LEU A 563 -7.27 12.96 6.69
C LEU A 563 -7.03 13.03 8.20
N HIS A 564 -5.98 12.37 8.67
CA HIS A 564 -5.66 12.36 10.10
C HIS A 564 -5.30 13.75 10.60
N ASP A 565 -4.41 14.45 9.89
CA ASP A 565 -4.01 15.78 10.31
C ASP A 565 -5.16 16.77 10.20
N PHE A 566 -6.00 16.63 9.17
CA PHE A 566 -7.16 17.50 9.04
C PHE A 566 -8.12 17.29 10.20
N ALA A 567 -8.41 16.04 10.55
CA ALA A 567 -9.27 15.76 11.69
C ALA A 567 -8.64 16.22 13.00
N ALA A 568 -7.34 16.00 13.17
CA ALA A 568 -6.67 16.38 14.42
C ALA A 568 -6.67 17.89 14.57
N GLU A 569 -6.60 18.60 13.45
CA GLU A 569 -6.66 20.04 13.41
C GLU A 569 -7.98 20.57 13.98
N HIS A 570 -9.00 19.71 14.04
CA HIS A 570 -10.29 20.02 14.63
C HIS A 570 -10.60 19.15 15.85
N SER A 571 -9.57 18.67 16.56
CA SER A 571 -9.71 17.97 17.84
C SER A 571 -10.35 16.60 17.68
N PHE A 572 -10.16 15.95 16.54
CA PHE A 572 -10.64 14.60 16.30
C PHE A 572 -9.44 13.71 15.99
N THR A 573 -9.36 12.55 16.64
CA THR A 573 -8.25 11.62 16.46
C THR A 573 -8.77 10.35 15.80
N ILE A 574 -8.44 10.15 14.53
CA ILE A 574 -8.89 8.99 13.78
C ILE A 574 -7.81 7.92 13.86
N TYR A 575 -8.23 6.68 13.58
CA TYR A 575 -7.40 5.49 13.72
C TYR A 575 -7.10 4.84 12.37
N PRO A 576 -5.87 4.38 12.15
CA PRO A 576 -5.55 3.69 10.90
C PRO A 576 -6.14 2.28 10.88
N GLY A 577 -6.09 1.68 9.69
CA GLY A 577 -6.49 0.30 9.52
C GLY A 577 -5.37 -0.67 9.83
N LYS A 578 -5.72 -1.93 10.04
CA LYS A 578 -4.77 -2.93 10.49
C LYS A 578 -4.50 -4.05 9.50
N LEU A 579 -5.33 -4.21 8.47
CA LEU A 579 -5.12 -5.31 7.54
C LEU A 579 -4.08 -4.94 6.50
N GLY A 580 -3.32 -5.94 6.05
CA GLY A 580 -2.36 -5.79 4.97
C GLY A 580 -3.01 -6.11 3.65
N ASN A 581 -4.01 -6.97 3.77
CA ASN A 581 -4.77 -7.50 2.64
C ASN A 581 -5.71 -6.46 2.03
N ILE A 582 -6.27 -5.58 2.85
CA ILE A 582 -7.29 -4.59 2.47
C ILE A 582 -6.93 -3.29 3.17
N ASP A 583 -6.81 -2.21 2.39
CA ASP A 583 -6.41 -0.94 2.97
C ASP A 583 -7.64 -0.25 3.54
N THR A 584 -7.61 0.01 4.85
CA THR A 584 -8.78 0.49 5.58
C THR A 584 -8.33 1.56 6.56
N PHE A 585 -9.28 2.40 6.99
CA PHE A 585 -9.10 3.22 8.18
C PHE A 585 -10.27 2.98 9.13
N ARG A 586 -10.08 3.35 10.39
CA ARG A 586 -11.04 2.96 11.42
C ARG A 586 -11.54 4.16 12.20
N ILE A 587 -12.83 4.15 12.51
CA ILE A 587 -13.46 5.19 13.32
C ILE A 587 -14.19 4.51 14.47
N ALA A 588 -13.73 4.74 15.70
CA ALA A 588 -14.44 4.27 16.87
C ALA A 588 -15.32 5.37 17.43
N ASN A 589 -16.27 4.98 18.28
CA ASN A 589 -17.14 5.92 18.96
C ASN A 589 -17.46 5.41 20.38
N ILE A 590 -16.42 5.30 21.20
CA ILE A 590 -16.58 4.92 22.60
C ILE A 590 -16.06 6.05 23.49
N GLY A 591 -15.96 5.80 24.79
CA GLY A 591 -15.58 6.88 25.67
C GLY A 591 -16.71 7.89 25.80
N ASP A 592 -16.33 9.10 26.24
CA ASP A 592 -17.28 10.16 26.52
C ASP A 592 -17.81 10.85 25.26
N ILE A 593 -17.75 10.17 24.11
CA ILE A 593 -18.21 10.77 22.86
C ILE A 593 -19.71 11.06 22.95
N GLN A 594 -20.09 12.24 22.47
CA GLN A 594 -21.49 12.64 22.38
C GLN A 594 -21.94 12.68 20.93
N PRO A 595 -23.21 12.33 20.65
CA PRO A 595 -23.69 12.34 19.26
C PRO A 595 -23.43 13.63 18.50
N GLU A 596 -23.55 14.80 19.13
CA GLU A 596 -23.27 16.04 18.42
C GLU A 596 -21.81 16.10 17.97
N GLU A 597 -20.90 15.56 18.76
CA GLU A 597 -19.49 15.53 18.36
C GLU A 597 -19.29 14.60 17.17
N MET A 598 -20.01 13.47 17.15
CA MET A 598 -19.97 12.59 15.99
C MET A 598 -20.52 13.27 14.75
N ARG A 599 -21.54 14.11 14.91
CA ARG A 599 -22.12 14.82 13.76
C ARG A 599 -21.15 15.86 13.23
N ARG A 600 -20.47 16.56 14.13
CA ARG A 600 -19.44 17.51 13.72
C ARG A 600 -18.30 16.81 12.98
N PHE A 601 -17.90 15.64 13.48
CA PHE A 601 -16.87 14.89 12.76
C PHE A 601 -17.35 14.47 11.38
N THR A 602 -18.61 14.06 11.25
CA THR A 602 -19.11 13.65 9.94
C THR A 602 -19.07 14.81 8.96
N VAL A 603 -19.39 16.03 9.42
CA VAL A 603 -19.29 17.19 8.53
C VAL A 603 -17.84 17.40 8.09
N LYS A 604 -16.89 17.27 9.03
CA LYS A 604 -15.48 17.43 8.65
C LYS A 604 -15.04 16.35 7.68
N LEU A 605 -15.49 15.11 7.90
CA LEU A 605 -15.15 14.00 7.03
C LEU A 605 -15.69 14.23 5.62
N LYS A 606 -16.95 14.68 5.53
CA LYS A 606 -17.52 15.07 4.24
C LYS A 606 -16.69 16.15 3.57
N GLU A 607 -16.24 17.15 4.34
CA GLU A 607 -15.44 18.23 3.76
C GLU A 607 -14.15 17.69 3.13
N TYR A 608 -13.39 16.91 3.87
CA TYR A 608 -12.15 16.36 3.31
C TYR A 608 -12.45 15.49 2.09
N MET A 609 -13.39 14.56 2.23
CA MET A 609 -13.66 13.59 1.19
C MET A 609 -14.16 14.29 -0.09
N ASN A 610 -15.01 15.30 0.04
CA ASN A 610 -15.39 16.12 -1.10
C ASN A 610 -14.18 16.81 -1.69
N GLY A 611 -13.29 17.33 -0.84
CA GLY A 611 -12.08 17.95 -1.32
C GLY A 611 -11.22 17.02 -2.14
N ILE A 612 -11.38 15.71 -1.98
CA ILE A 612 -10.65 14.75 -2.81
C ILE A 612 -11.55 14.05 -3.84
N GLY A 613 -12.83 14.43 -3.96
CA GLY A 613 -13.64 13.95 -5.06
C GLY A 613 -14.65 12.84 -4.85
N VAL A 614 -15.16 12.64 -3.63
CA VAL A 614 -16.17 11.59 -3.45
C VAL A 614 -17.59 12.14 -3.58
N GLY A 615 -17.73 13.24 -4.33
CA GLY A 615 -19.02 13.76 -4.71
C GLY A 615 -19.31 13.45 -6.18
N VAL A 616 -20.57 13.61 -6.57
CA VAL A 616 -20.98 13.22 -7.91
C VAL A 616 -20.26 14.06 -8.95
N LEU A 617 -19.94 13.44 -10.08
CA LEU A 617 -19.15 14.05 -11.15
C LEU A 617 -20.04 14.31 -12.34
N GLU A 618 -20.27 15.59 -12.65
CA GLU A 618 -21.14 16.00 -13.76
C GLU A 618 -20.58 17.29 -14.33
N HIS A 619 -20.09 17.22 -15.57
CA HIS A 619 -19.47 18.38 -16.21
C HIS A 619 -19.55 18.22 -17.73
N HIS A 620 -19.09 19.24 -18.43
CA HIS A 620 -18.86 19.16 -19.89
C HIS A 620 -17.44 19.60 -20.22
N MET B 1 -1.78 -15.53 -52.23
CA MET B 1 -2.70 -16.08 -51.24
C MET B 1 -3.71 -17.04 -51.90
N ILE B 2 -3.68 -18.29 -51.48
CA ILE B 2 -4.63 -19.30 -51.96
C ILE B 2 -5.71 -19.46 -50.90
N LYS B 3 -6.97 -19.31 -51.33
CA LYS B 3 -8.09 -19.41 -50.40
C LYS B 3 -8.85 -20.73 -50.51
N GLN B 4 -8.64 -21.49 -51.57
CA GLN B 4 -9.43 -22.69 -51.83
C GLN B 4 -8.51 -23.86 -52.13
N ALA B 5 -9.03 -25.06 -51.91
CA ALA B 5 -8.29 -26.28 -52.19
C ALA B 5 -9.27 -27.37 -52.57
N VAL B 6 -8.82 -28.28 -53.43
CA VAL B 6 -9.60 -29.43 -53.85
C VAL B 6 -8.82 -30.69 -53.54
N ILE B 7 -9.47 -31.64 -52.88
CA ILE B 7 -8.88 -32.95 -52.60
C ILE B 7 -9.68 -33.99 -53.38
N LEU B 8 -9.01 -34.74 -54.24
CA LEU B 8 -9.65 -35.80 -54.99
C LEU B 8 -9.60 -37.07 -54.15
N ALA B 9 -10.77 -37.63 -53.86
CA ALA B 9 -10.89 -38.76 -52.94
C ALA B 9 -11.96 -39.73 -53.41
N GLY B 10 -12.02 -39.97 -54.71
CA GLY B 10 -13.02 -40.83 -55.31
C GLY B 10 -12.69 -42.30 -55.21
N GLY B 11 -11.45 -42.62 -55.53
CA GLY B 11 -11.03 -43.99 -55.80
C GLY B 11 -11.08 -45.04 -54.73
N LEU B 12 -10.57 -46.19 -55.13
CA LEU B 12 -10.63 -47.50 -54.51
C LEU B 12 -9.29 -47.87 -53.86
N GLY B 13 -9.31 -48.92 -53.04
CA GLY B 13 -8.08 -49.43 -52.44
C GLY B 13 -7.49 -50.65 -53.14
N LYS B 21 -9.24 -50.32 -48.94
CA LYS B 21 -10.12 -51.04 -48.03
C LYS B 21 -11.58 -50.74 -48.32
N THR B 22 -12.45 -51.21 -47.41
CA THR B 22 -13.87 -50.89 -47.38
C THR B 22 -14.09 -49.52 -46.72
N MET B 23 -13.00 -48.79 -46.55
CA MET B 23 -12.88 -47.44 -46.01
C MET B 23 -12.00 -46.69 -46.99
N PRO B 24 -12.15 -45.37 -47.10
CA PRO B 24 -11.26 -44.62 -48.01
C PRO B 24 -9.82 -44.67 -47.52
N LYS B 25 -8.89 -44.77 -48.47
CA LYS B 25 -7.48 -44.80 -48.09
C LYS B 25 -7.06 -43.52 -47.39
N GLY B 26 -7.73 -42.40 -47.70
CA GLY B 26 -7.46 -41.16 -47.00
C GLY B 26 -7.68 -41.26 -45.50
N PHE B 27 -8.42 -42.28 -45.06
CA PHE B 27 -8.70 -42.47 -43.64
C PHE B 27 -7.80 -43.54 -43.02
N LEU B 28 -6.81 -44.02 -43.75
CA LEU B 28 -5.72 -44.74 -43.12
C LEU B 28 -5.04 -43.82 -42.11
N GLU B 29 -4.73 -44.37 -40.94
CA GLU B 29 -4.24 -43.57 -39.82
C GLU B 29 -2.75 -43.82 -39.62
N ILE B 30 -1.98 -42.73 -39.58
CA ILE B 30 -0.61 -42.75 -39.09
C ILE B 30 -0.51 -41.74 -37.96
N GLY B 31 0.14 -42.13 -36.88
CA GLY B 31 0.23 -41.27 -35.71
C GLY B 31 -1.10 -40.91 -35.09
N GLY B 32 -2.14 -41.73 -35.27
CA GLY B 32 -3.41 -41.53 -34.61
C GLY B 32 -4.47 -40.77 -35.40
N THR B 33 -4.10 -40.14 -36.51
CA THR B 33 -5.04 -39.32 -37.27
C THR B 33 -5.08 -39.78 -38.73
N ALA B 34 -6.28 -39.76 -39.30
CA ALA B 34 -6.43 -40.04 -40.73
C ALA B 34 -5.56 -39.07 -41.54
N ILE B 35 -4.96 -39.60 -42.62
CA ILE B 35 -3.98 -38.82 -43.37
C ILE B 35 -4.63 -37.65 -44.09
N VAL B 36 -5.85 -37.86 -44.61
CA VAL B 36 -6.55 -36.76 -45.27
C VAL B 36 -6.95 -35.70 -44.25
N GLU B 37 -7.21 -36.10 -43.00
CA GLU B 37 -7.49 -35.11 -41.96
C GLU B 37 -6.25 -34.28 -41.66
N GLN B 38 -5.07 -34.90 -41.68
CA GLN B 38 -3.84 -34.15 -41.52
C GLN B 38 -3.64 -33.17 -42.68
N SER B 39 -4.00 -33.59 -43.90
CA SER B 39 -3.95 -32.67 -45.03
C SER B 39 -4.89 -31.49 -44.83
N VAL B 40 -6.12 -31.76 -44.38
CA VAL B 40 -7.08 -30.70 -44.10
C VAL B 40 -6.54 -29.74 -43.05
N GLN B 41 -5.91 -30.27 -41.99
CA GLN B 41 -5.40 -29.43 -40.93
C GLN B 41 -4.26 -28.55 -41.42
N LYS B 42 -3.34 -29.10 -42.22
CA LYS B 42 -2.27 -28.28 -42.77
C LYS B 42 -2.81 -27.22 -43.71
N LEU B 43 -3.83 -27.56 -44.52
CA LEU B 43 -4.44 -26.60 -45.43
C LEU B 43 -5.05 -25.44 -44.66
N LEU B 44 -5.83 -25.74 -43.62
CA LEU B 44 -6.39 -24.69 -42.78
C LEU B 44 -5.29 -23.85 -42.14
N ALA B 45 -4.21 -24.50 -41.68
CA ALA B 45 -3.12 -23.76 -41.07
C ALA B 45 -2.48 -22.79 -42.06
N HIS B 46 -2.56 -23.09 -43.36
CA HIS B 46 -2.00 -22.20 -44.37
C HIS B 46 -3.03 -21.23 -44.96
N GLY B 47 -4.20 -21.11 -44.35
CA GLY B 47 -5.14 -20.07 -44.73
C GLY B 47 -6.23 -20.44 -45.72
N ILE B 48 -6.40 -21.71 -46.05
CA ILE B 48 -7.47 -22.11 -46.95
C ILE B 48 -8.82 -21.85 -46.28
N GLU B 49 -9.76 -21.29 -47.04
CA GLU B 49 -11.10 -21.03 -46.54
C GLU B 49 -12.11 -22.09 -46.94
N LYS B 50 -11.89 -22.75 -48.07
CA LYS B 50 -12.84 -23.73 -48.60
C LYS B 50 -12.07 -24.93 -49.14
N ILE B 51 -12.43 -26.11 -48.67
CA ILE B 51 -11.84 -27.36 -49.13
C ILE B 51 -12.96 -28.17 -49.77
N VAL B 52 -12.88 -28.33 -51.10
CA VAL B 52 -13.85 -29.12 -51.85
C VAL B 52 -13.30 -30.52 -51.99
N ILE B 53 -13.97 -31.50 -51.40
CA ILE B 53 -13.54 -32.89 -51.43
C ILE B 53 -14.44 -33.66 -52.37
N GLY B 54 -13.86 -34.15 -53.46
CA GLY B 54 -14.56 -35.04 -54.38
C GLY B 54 -14.56 -36.47 -53.89
N THR B 55 -15.74 -36.97 -53.55
CA THR B 55 -15.90 -38.27 -52.93
C THR B 55 -16.48 -39.28 -53.91
N GLY B 56 -16.25 -40.55 -53.61
CA GLY B 56 -16.80 -41.65 -54.38
C GLY B 56 -17.13 -42.82 -53.48
N HIS B 57 -16.23 -43.81 -53.43
CA HIS B 57 -16.41 -44.98 -52.59
C HIS B 57 -16.36 -44.59 -51.11
N CYS B 58 -17.39 -45.02 -50.37
CA CYS B 58 -17.48 -44.79 -48.92
C CYS B 58 -17.42 -43.32 -48.56
N ASN B 59 -18.18 -42.50 -49.30
CA ASN B 59 -18.21 -41.06 -49.06
C ASN B 59 -18.66 -40.68 -47.65
N GLU B 60 -19.40 -41.56 -46.97
CA GLU B 60 -19.90 -41.25 -45.63
C GLU B 60 -18.79 -40.82 -44.68
N TYR B 61 -17.61 -41.43 -44.79
CA TYR B 61 -16.48 -41.02 -43.95
C TYR B 61 -16.17 -39.54 -44.14
N TYR B 62 -16.03 -39.11 -45.40
CA TYR B 62 -15.74 -37.70 -45.68
C TYR B 62 -16.90 -36.80 -45.28
N ASP B 63 -18.13 -37.25 -45.49
CA ASP B 63 -19.29 -36.45 -45.09
C ASP B 63 -19.30 -36.21 -43.59
N ASN B 64 -18.88 -37.21 -42.81
CA ASN B 64 -18.80 -37.01 -41.36
C ASN B 64 -17.60 -36.17 -40.97
N LEU B 65 -16.48 -36.30 -41.70
CA LEU B 65 -15.34 -35.42 -41.46
C LEU B 65 -15.71 -33.96 -41.71
N ALA B 66 -16.62 -33.72 -42.66
CA ALA B 66 -17.05 -32.35 -42.95
C ALA B 66 -17.78 -31.72 -41.77
N LYS B 67 -18.42 -32.54 -40.93
CA LYS B 67 -19.07 -32.02 -39.72
C LYS B 67 -18.06 -31.49 -38.71
N LYS B 68 -16.80 -31.91 -38.80
CA LYS B 68 -15.75 -31.42 -37.93
C LYS B 68 -15.04 -30.19 -38.50
N TYR B 69 -15.25 -29.87 -39.77
CA TYR B 69 -14.55 -28.76 -40.43
C TYR B 69 -15.52 -28.01 -41.34
N PRO B 70 -16.03 -26.86 -40.91
CA PRO B 70 -16.97 -26.11 -41.77
C PRO B 70 -16.40 -25.69 -43.12
N ALA B 71 -15.08 -25.67 -43.27
CA ALA B 71 -14.50 -25.32 -44.56
C ALA B 71 -14.70 -26.41 -45.60
N ILE B 72 -15.02 -27.63 -45.18
CA ILE B 72 -15.14 -28.77 -46.09
C ILE B 72 -16.53 -28.80 -46.71
N ILE B 73 -16.58 -28.84 -48.04
CA ILE B 73 -17.78 -29.20 -48.78
C ILE B 73 -17.50 -30.47 -49.57
N THR B 74 -18.31 -31.50 -49.36
CA THR B 74 -18.16 -32.79 -50.04
C THR B 74 -19.09 -32.88 -51.24
N VAL B 75 -18.52 -33.18 -52.41
CA VAL B 75 -19.27 -33.38 -53.64
C VAL B 75 -18.96 -34.77 -54.16
N LYS B 76 -19.99 -35.59 -54.35
CA LYS B 76 -19.79 -36.98 -54.75
C LYS B 76 -19.79 -37.12 -56.26
N ASN B 77 -18.80 -37.85 -56.77
CA ASN B 77 -18.79 -38.33 -58.16
C ASN B 77 -19.58 -39.62 -58.16
N GLU B 78 -20.86 -39.53 -58.52
CA GLU B 78 -21.76 -40.67 -58.40
C GLU B 78 -21.32 -41.84 -59.28
N ASN B 79 -20.66 -41.57 -60.39
CA ASN B 79 -20.13 -42.60 -61.28
C ASN B 79 -18.63 -42.81 -61.08
N TYR B 80 -18.20 -42.87 -59.81
CA TYR B 80 -16.77 -42.92 -59.52
C TYR B 80 -16.14 -44.24 -59.97
N ALA B 81 -16.91 -45.32 -60.02
CA ALA B 81 -16.36 -46.60 -60.41
C ALA B 81 -16.09 -46.73 -61.91
N ASN B 82 -16.74 -45.90 -62.73
CA ASN B 82 -16.56 -45.96 -64.17
C ASN B 82 -15.79 -44.76 -64.72
N THR B 83 -15.23 -43.91 -63.86
CA THR B 83 -14.47 -42.74 -64.28
C THR B 83 -13.11 -42.74 -63.60
N GLY B 84 -12.26 -41.81 -64.02
CA GLY B 84 -10.99 -41.59 -63.38
C GLY B 84 -11.01 -40.40 -62.45
N SER B 85 -9.82 -39.89 -62.14
CA SER B 85 -9.73 -38.78 -61.20
C SER B 85 -10.23 -37.48 -61.82
N MET B 86 -10.11 -37.34 -63.14
CA MET B 86 -10.60 -36.14 -63.80
C MET B 86 -12.11 -35.99 -63.68
N GLY B 87 -12.84 -37.10 -63.60
CA GLY B 87 -14.28 -37.00 -63.38
C GLY B 87 -14.61 -36.43 -62.01
N THR B 88 -13.92 -36.92 -60.97
CA THR B 88 -14.01 -36.31 -59.65
C THR B 88 -13.68 -34.84 -59.69
N LEU B 89 -12.63 -34.46 -60.42
CA LEU B 89 -12.27 -33.05 -60.54
C LEU B 89 -13.37 -32.25 -61.22
N GLU B 90 -13.96 -32.79 -62.29
CA GLU B 90 -15.04 -32.08 -62.97
C GLU B 90 -16.22 -31.87 -62.03
N VAL B 91 -16.54 -32.89 -61.23
CA VAL B 91 -17.61 -32.77 -60.25
C VAL B 91 -17.29 -31.67 -59.24
N CYS B 92 -16.02 -31.59 -58.81
CA CYS B 92 -15.62 -30.57 -57.83
C CYS B 92 -15.61 -29.16 -58.43
N ALA B 93 -15.36 -29.04 -59.74
CA ALA B 93 -15.00 -27.76 -60.32
C ALA B 93 -16.11 -26.71 -60.21
N SER B 94 -17.36 -27.12 -60.04
CA SER B 94 -18.44 -26.14 -59.93
C SER B 94 -18.33 -25.32 -58.64
N PHE B 95 -17.61 -25.82 -57.64
CA PHE B 95 -17.47 -25.16 -56.35
C PHE B 95 -16.18 -24.39 -56.19
N VAL B 96 -15.41 -24.20 -57.26
CA VAL B 96 -14.12 -23.50 -57.23
C VAL B 96 -14.28 -22.17 -57.93
N ASN B 97 -13.94 -21.08 -57.22
CA ASN B 97 -14.09 -19.74 -57.78
C ASN B 97 -12.78 -19.03 -58.05
N GLU B 98 -11.67 -19.46 -57.44
CA GLU B 98 -10.40 -18.74 -57.54
C GLU B 98 -9.29 -19.77 -57.73
N SER B 99 -8.04 -19.28 -57.69
CA SER B 99 -6.89 -20.18 -57.70
C SER B 99 -6.93 -21.08 -56.47
N PHE B 100 -6.40 -22.29 -56.64
CA PHE B 100 -6.60 -23.33 -55.63
C PHE B 100 -5.44 -24.32 -55.66
N LEU B 101 -5.33 -25.06 -54.57
CA LEU B 101 -4.41 -26.18 -54.46
C LEU B 101 -5.17 -27.47 -54.71
N LEU B 102 -4.60 -28.33 -55.55
CA LEU B 102 -5.16 -29.61 -55.93
C LEU B 102 -4.30 -30.70 -55.30
N LEU B 103 -4.93 -31.54 -54.48
CA LEU B 103 -4.25 -32.57 -53.72
C LEU B 103 -4.96 -33.90 -53.89
N GLU B 104 -4.19 -34.98 -53.86
CA GLU B 104 -4.75 -36.32 -53.79
C GLU B 104 -4.93 -36.71 -52.34
N SER B 105 -5.93 -37.55 -52.07
CA SER B 105 -6.32 -37.84 -50.70
C SER B 105 -5.37 -38.82 -50.01
N ASP B 106 -4.60 -39.60 -50.75
CA ASP B 106 -3.74 -40.63 -50.19
C ASP B 106 -2.32 -40.13 -49.95
N LEU B 107 -2.12 -38.82 -49.89
CA LEU B 107 -0.78 -38.23 -49.78
C LEU B 107 -0.46 -37.94 -48.33
N ILE B 108 0.80 -38.15 -47.96
CA ILE B 108 1.39 -37.51 -46.79
C ILE B 108 2.61 -36.73 -47.26
N TYR B 109 2.78 -35.54 -46.71
CA TYR B 109 3.76 -34.60 -47.25
C TYR B 109 4.20 -33.62 -46.18
N ASP B 110 5.40 -33.10 -46.35
CA ASP B 110 5.87 -31.96 -45.56
C ASP B 110 5.02 -30.74 -45.92
N SER B 111 4.39 -30.14 -44.90
CA SER B 111 3.51 -29.00 -45.15
C SER B 111 4.26 -27.82 -45.78
N ALA B 112 5.59 -27.79 -45.66
CA ALA B 112 6.38 -26.74 -46.31
C ALA B 112 6.04 -26.62 -47.78
N GLY B 113 5.77 -27.76 -48.44
CA GLY B 113 5.35 -27.73 -49.84
C GLY B 113 4.22 -26.75 -50.07
N LEU B 114 3.17 -26.84 -49.26
CA LEU B 114 2.09 -25.86 -49.33
C LEU B 114 2.66 -24.45 -49.31
N PHE B 115 3.41 -24.12 -48.25
CA PHE B 115 4.03 -22.81 -48.14
C PHE B 115 4.81 -22.49 -49.41
N SER B 116 5.59 -23.46 -49.88
CA SER B 116 6.41 -23.26 -51.07
C SER B 116 5.54 -22.91 -52.27
N LEU B 117 4.48 -23.68 -52.48
CA LEU B 117 3.60 -23.40 -53.61
C LEU B 117 2.94 -22.04 -53.46
N ILE B 118 2.55 -21.66 -52.24
CA ILE B 118 1.78 -20.44 -52.06
C ILE B 118 2.63 -19.20 -52.31
N ASN B 119 3.90 -19.23 -51.91
CA ASN B 119 4.77 -18.06 -51.99
C ASN B 119 5.56 -18.00 -53.29
N ASP B 120 5.28 -18.87 -54.25
CA ASP B 120 5.87 -18.79 -55.58
C ASP B 120 5.03 -17.85 -56.44
N GLU B 121 5.72 -16.97 -57.18
CA GLU B 121 5.02 -15.99 -58.02
C GLU B 121 4.16 -16.64 -59.09
N ARG B 122 4.56 -17.81 -59.59
CA ARG B 122 3.90 -18.43 -60.74
C ARG B 122 2.51 -18.95 -60.40
N LYS B 123 1.53 -18.64 -61.26
CA LYS B 123 0.13 -18.91 -60.95
C LYS B 123 -0.22 -20.39 -61.08
N ASN B 124 0.31 -21.07 -62.08
CA ASN B 124 0.09 -22.50 -62.29
C ASN B 124 1.40 -23.23 -62.01
N LEU B 125 1.40 -24.11 -61.02
CA LEU B 125 2.65 -24.63 -60.48
C LEU B 125 2.47 -26.05 -59.98
N ILE B 126 3.24 -26.96 -60.56
CA ILE B 126 3.24 -28.36 -60.16
C ILE B 126 4.35 -28.59 -59.15
N LEU B 127 4.02 -29.20 -58.02
CA LEU B 127 5.05 -29.60 -57.07
C LEU B 127 5.68 -30.90 -57.52
N ALA B 128 7.01 -30.91 -57.61
CA ALA B 128 7.74 -32.11 -58.01
C ALA B 128 8.90 -32.33 -57.06
N SER B 129 9.26 -33.59 -56.89
CA SER B 129 10.37 -33.99 -56.04
C SER B 129 11.42 -34.71 -56.89
N GLY B 130 12.54 -35.04 -56.25
CA GLY B 130 13.54 -35.85 -56.89
C GLY B 130 13.10 -37.32 -56.96
N ALA B 131 14.07 -38.16 -57.33
CA ALA B 131 13.84 -39.58 -57.47
C ALA B 131 13.39 -40.19 -56.15
N THR B 132 12.18 -40.75 -56.12
CA THR B 132 11.70 -41.44 -54.94
C THR B 132 12.07 -42.91 -54.93
N LYS B 133 12.63 -43.42 -56.03
CA LYS B 133 12.95 -44.83 -56.19
C LYS B 133 11.83 -45.72 -55.67
N SER B 134 10.61 -45.46 -56.16
CA SER B 134 9.42 -46.24 -55.86
C SER B 134 9.07 -47.04 -57.12
N GLY B 135 7.87 -47.57 -57.17
CA GLY B 135 7.51 -48.30 -58.37
C GLY B 135 6.96 -47.30 -59.37
N ASP B 136 5.75 -47.57 -59.84
CA ASP B 136 4.99 -46.67 -60.70
C ASP B 136 4.99 -45.18 -60.34
N GLU B 137 5.95 -44.46 -60.90
CA GLU B 137 6.14 -43.01 -60.74
C GLU B 137 5.74 -42.25 -62.00
N VAL B 138 5.26 -41.02 -61.81
CA VAL B 138 4.89 -40.12 -62.90
C VAL B 138 6.02 -39.11 -63.13
N TYR B 139 6.67 -39.20 -64.29
CA TYR B 139 7.78 -38.32 -64.64
C TYR B 139 7.28 -37.14 -65.46
N LEU B 140 7.91 -35.98 -65.24
CA LEU B 140 7.57 -34.74 -65.91
C LEU B 140 8.74 -34.26 -66.76
N GLU B 141 8.43 -33.81 -67.96
CA GLU B 141 9.40 -33.27 -68.91
C GLU B 141 9.13 -31.78 -69.07
N ALA B 142 10.16 -30.96 -68.86
CA ALA B 142 10.03 -29.51 -68.84
C ALA B 142 10.95 -28.88 -69.86
N ASP B 143 10.62 -27.64 -70.24
CA ASP B 143 11.39 -26.89 -71.23
C ASP B 143 12.43 -26.01 -70.53
N GLU B 144 13.06 -25.11 -71.29
CA GLU B 144 14.15 -24.27 -70.80
C GLU B 144 13.68 -23.40 -69.65
N LYS B 145 12.40 -23.04 -69.66
CA LYS B 145 11.75 -22.15 -68.71
C LYS B 145 11.06 -22.90 -67.60
N ASN B 146 11.42 -24.17 -67.40
CA ASN B 146 10.86 -25.03 -66.35
C ASN B 146 9.35 -25.14 -66.43
N CYS B 147 8.77 -25.15 -67.63
CA CYS B 147 7.34 -25.34 -67.81
C CYS B 147 7.05 -26.74 -68.35
N LEU B 148 5.90 -27.28 -67.96
CA LEU B 148 5.55 -28.65 -68.29
C LEU B 148 5.31 -28.80 -69.79
N THR B 149 6.06 -29.71 -70.42
CA THR B 149 5.84 -30.08 -71.81
C THR B 149 5.51 -31.56 -71.99
N GLY B 150 5.77 -32.40 -71.00
CA GLY B 150 5.50 -33.82 -71.15
C GLY B 150 5.22 -34.47 -69.82
N LEU B 151 4.46 -35.57 -69.87
CA LEU B 151 4.01 -36.26 -68.67
C LEU B 151 3.84 -37.73 -69.00
N SER B 152 4.57 -38.60 -68.30
CA SER B 152 4.42 -40.03 -68.59
C SER B 152 4.96 -40.86 -67.45
N LYS B 153 4.45 -42.08 -67.35
CA LYS B 153 4.95 -43.08 -66.41
C LYS B 153 6.05 -43.94 -67.01
N ASN B 154 6.48 -43.66 -68.22
CA ASN B 154 7.55 -44.38 -68.87
C ASN B 154 8.71 -43.41 -69.05
N ARG B 155 9.88 -43.77 -68.54
CA ARG B 155 11.00 -42.84 -68.63
C ARG B 155 11.42 -42.65 -70.07
N ASP B 156 11.50 -43.73 -70.84
CA ASP B 156 11.84 -43.71 -72.25
C ASP B 156 10.62 -43.32 -73.08
N ALA B 157 10.37 -42.02 -73.16
CA ALA B 157 9.30 -41.44 -73.95
C ALA B 157 9.40 -39.92 -73.87
N LEU B 158 10.24 -39.46 -72.96
CA LEU B 158 10.42 -38.05 -72.65
C LEU B 158 11.84 -37.61 -73.00
N LYS B 159 11.97 -36.37 -73.48
CA LYS B 159 13.28 -35.87 -73.87
C LYS B 159 14.16 -35.56 -72.66
N ASN B 160 13.54 -35.21 -71.53
CA ASN B 160 14.28 -35.01 -70.29
C ASN B 160 13.38 -35.38 -69.12
N ILE B 161 14.00 -35.54 -67.95
CA ILE B 161 13.29 -35.86 -66.72
C ILE B 161 13.60 -34.74 -65.74
N PHE B 162 12.62 -33.85 -65.51
CA PHE B 162 12.79 -32.73 -64.60
C PHE B 162 12.47 -33.10 -63.16
N GLY B 163 11.53 -34.01 -62.95
CA GLY B 163 11.18 -34.42 -61.60
C GLY B 163 10.04 -35.41 -61.62
N GLU B 164 9.53 -35.71 -60.43
CA GLU B 164 8.42 -36.63 -60.25
C GLU B 164 7.22 -35.90 -59.68
N LEU B 165 6.05 -36.14 -60.25
CA LEU B 165 4.84 -35.51 -59.77
C LEU B 165 4.53 -35.96 -58.35
N VAL B 166 4.31 -35.00 -57.46
CA VAL B 166 3.99 -35.30 -56.07
C VAL B 166 2.49 -35.51 -55.87
N GLY B 167 1.67 -34.73 -56.57
CA GLY B 167 0.24 -34.74 -56.35
C GLY B 167 -0.31 -33.51 -55.64
N ILE B 168 0.50 -32.47 -55.48
CA ILE B 168 0.05 -31.18 -54.97
C ILE B 168 0.38 -30.14 -56.05
N THR B 169 -0.64 -29.45 -56.53
CA THR B 169 -0.48 -28.54 -57.66
C THR B 169 -1.26 -27.26 -57.41
N LYS B 170 -0.71 -26.12 -57.80
CA LYS B 170 -1.41 -24.85 -57.68
C LYS B 170 -1.91 -24.42 -59.05
N LEU B 171 -3.20 -24.11 -59.16
CA LEU B 171 -3.81 -23.86 -60.45
C LEU B 171 -4.77 -22.67 -60.37
N THR B 172 -4.91 -21.99 -61.50
CA THR B 172 -5.91 -20.94 -61.64
C THR B 172 -7.25 -21.55 -62.08
N LYS B 173 -8.32 -20.77 -61.86
CA LYS B 173 -9.64 -21.21 -62.29
C LYS B 173 -9.71 -21.37 -63.81
N SER B 174 -8.98 -20.54 -64.57
CA SER B 174 -8.97 -20.68 -66.02
C SER B 174 -8.36 -22.01 -66.45
N THR B 175 -7.26 -22.41 -65.81
CA THR B 175 -6.66 -23.71 -66.13
C THR B 175 -7.61 -24.85 -65.82
N LEU B 176 -8.36 -24.75 -64.71
CA LEU B 176 -9.36 -25.76 -64.39
C LEU B 176 -10.46 -25.78 -65.42
N ASP B 177 -10.85 -24.60 -65.93
CA ASP B 177 -11.85 -24.54 -66.99
C ASP B 177 -11.37 -25.27 -68.23
N LYS B 178 -10.11 -25.04 -68.61
CA LYS B 178 -9.55 -25.73 -69.78
C LYS B 178 -9.51 -27.24 -69.57
N MET B 179 -9.07 -27.68 -68.38
CA MET B 179 -9.02 -29.10 -68.08
C MET B 179 -10.41 -29.73 -68.14
N CYS B 180 -11.42 -29.03 -67.61
CA CYS B 180 -12.76 -29.59 -67.60
C CYS B 180 -13.36 -29.63 -69.00
N ALA B 181 -13.08 -28.62 -69.82
CA ALA B 181 -13.53 -28.66 -71.20
C ALA B 181 -12.92 -29.85 -71.95
N TYR B 182 -11.60 -30.03 -71.80
CA TYR B 182 -10.93 -31.15 -72.44
C TYR B 182 -11.48 -32.49 -71.95
N ALA B 183 -11.86 -32.56 -70.67
CA ALA B 183 -12.41 -33.80 -70.15
C ALA B 183 -13.82 -34.04 -70.68
N LYS B 184 -14.65 -33.00 -70.72
CA LYS B 184 -16.03 -33.16 -71.20
C LYS B 184 -16.05 -33.61 -72.64
N ILE B 185 -15.30 -32.93 -73.50
CA ILE B 185 -15.30 -33.30 -74.92
C ILE B 185 -14.87 -34.75 -75.15
N HIS B 186 -14.17 -35.36 -74.17
CA HIS B 186 -13.65 -36.72 -74.31
C HIS B 186 -14.33 -37.70 -73.37
N HIS B 187 -15.58 -37.42 -72.98
CA HIS B 187 -16.30 -38.34 -72.11
C HIS B 187 -16.57 -39.67 -72.79
N SER B 188 -16.69 -39.68 -74.12
CA SER B 188 -17.05 -40.90 -74.84
C SER B 188 -15.83 -41.80 -75.06
N ASP B 189 -14.73 -41.23 -75.57
CA ASP B 189 -13.55 -42.05 -75.83
C ASP B 189 -12.73 -42.30 -74.57
N LEU B 190 -12.56 -41.29 -73.73
CA LEU B 190 -11.66 -41.36 -72.57
C LEU B 190 -12.42 -41.14 -71.26
N PRO B 191 -13.33 -42.05 -70.90
CA PRO B 191 -14.14 -41.84 -69.67
C PRO B 191 -13.35 -41.99 -68.39
N LYS B 192 -12.18 -42.63 -68.40
CA LYS B 192 -11.38 -42.85 -67.20
C LYS B 192 -10.09 -42.03 -67.23
N MET B 193 -10.16 -40.85 -67.83
CA MET B 193 -9.01 -39.95 -67.91
C MET B 193 -8.49 -39.59 -66.52
N GLU B 194 -7.17 -39.51 -66.40
CA GLU B 194 -6.56 -39.03 -65.17
C GLU B 194 -6.44 -37.51 -65.23
N TYR B 195 -6.42 -36.88 -64.05
CA TYR B 195 -6.29 -35.43 -64.03
C TYR B 195 -4.94 -34.97 -64.55
N GLU B 196 -3.90 -35.81 -64.40
CA GLU B 196 -2.59 -35.49 -64.94
C GLU B 196 -2.65 -35.32 -66.47
N HIS B 197 -3.45 -36.15 -67.14
CA HIS B 197 -3.56 -36.07 -68.60
C HIS B 197 -4.18 -34.73 -69.02
N ALA B 198 -5.29 -34.36 -68.39
CA ALA B 198 -5.94 -33.09 -68.69
C ALA B 198 -5.03 -31.92 -68.34
N LEU B 199 -4.25 -32.05 -67.27
CA LEU B 199 -3.32 -31.00 -66.90
C LEU B 199 -2.24 -30.82 -67.96
N LEU B 200 -1.71 -31.92 -68.49
CA LEU B 200 -0.74 -31.82 -69.57
C LEU B 200 -1.37 -31.19 -70.80
N GLU B 201 -2.63 -31.54 -71.09
CA GLU B 201 -3.28 -30.94 -72.26
C GLU B 201 -3.48 -29.44 -72.08
N ALA B 202 -3.91 -29.01 -70.90
CA ALA B 202 -4.01 -27.58 -70.63
C ALA B 202 -2.65 -26.91 -70.66
N ALA B 203 -1.61 -27.63 -70.21
CA ALA B 203 -0.26 -27.10 -70.28
C ALA B 203 0.22 -27.03 -71.71
N LYS B 204 -0.45 -27.72 -72.63
CA LYS B 204 -0.01 -27.60 -74.01
C LYS B 204 -0.39 -26.20 -74.55
N THR B 205 -1.46 -25.56 -73.99
CA THR B 205 -1.86 -24.21 -74.35
C THR B 205 -1.64 -23.16 -73.25
N ILE B 206 -1.46 -23.56 -72.00
CA ILE B 206 -1.25 -22.63 -70.89
C ILE B 206 0.06 -22.97 -70.18
N PRO B 207 0.95 -22.01 -69.96
CA PRO B 207 2.22 -22.32 -69.28
C PRO B 207 2.00 -22.79 -67.84
N VAL B 208 2.33 -24.05 -67.59
CA VAL B 208 2.25 -24.66 -66.27
C VAL B 208 3.68 -24.96 -65.82
N ALA B 209 4.17 -24.18 -64.86
CA ALA B 209 5.54 -24.35 -64.39
C ALA B 209 5.63 -25.54 -63.44
N ILE B 210 6.86 -26.01 -63.24
CA ILE B 210 7.16 -27.10 -62.32
C ILE B 210 8.16 -26.60 -61.29
N LYS B 211 7.81 -26.75 -60.01
CA LYS B 211 8.71 -26.42 -58.91
C LYS B 211 9.25 -27.73 -58.33
N ARG B 212 10.55 -27.96 -58.50
CA ARG B 212 11.18 -29.20 -58.05
C ARG B 212 11.90 -28.97 -56.74
N ILE B 213 11.36 -29.51 -55.65
CA ILE B 213 12.06 -29.61 -54.38
C ILE B 213 12.69 -31.00 -54.36
N GLU B 214 14.00 -31.04 -54.61
CA GLU B 214 14.70 -32.30 -54.82
C GLU B 214 14.54 -33.26 -53.64
N TYR B 215 14.60 -32.73 -52.41
CA TYR B 215 14.57 -33.55 -51.21
C TYR B 215 13.23 -33.48 -50.49
N PHE B 216 12.16 -33.14 -51.20
CA PHE B 216 10.83 -33.07 -50.60
C PHE B 216 10.45 -34.42 -50.03
N VAL B 217 9.97 -34.42 -48.78
CA VAL B 217 9.62 -35.64 -48.07
C VAL B 217 8.12 -35.84 -48.22
N TRP B 218 7.74 -36.97 -48.81
CA TRP B 218 6.35 -37.25 -49.13
C TRP B 218 6.22 -38.71 -49.52
N ARG B 219 4.98 -39.19 -49.49
CA ARG B 219 4.67 -40.51 -50.03
C ARG B 219 3.17 -40.60 -50.29
N GLU B 220 2.83 -41.27 -51.39
CA GLU B 220 1.45 -41.66 -51.68
C GLU B 220 1.17 -43.01 -51.03
N ILE B 221 0.00 -43.11 -50.39
CA ILE B 221 -0.33 -44.35 -49.67
C ILE B 221 -1.37 -45.16 -50.42
N ASP B 222 -0.94 -45.85 -51.48
CA ASP B 222 -1.84 -46.71 -52.25
C ASP B 222 -1.51 -48.19 -52.14
N ASN B 223 -0.24 -48.57 -52.09
CA ASN B 223 0.13 -49.98 -51.97
C ASN B 223 0.33 -50.35 -50.49
N GLU B 224 0.83 -51.57 -50.26
CA GLU B 224 1.29 -51.98 -48.94
C GLU B 224 2.75 -51.60 -48.74
N ASP B 225 3.52 -51.65 -49.84
CA ASP B 225 4.90 -51.21 -49.84
C ASP B 225 5.02 -49.78 -49.33
N HIS B 226 4.30 -48.85 -49.98
CA HIS B 226 4.38 -47.45 -49.61
C HIS B 226 3.80 -47.21 -48.21
N LEU B 227 2.76 -47.96 -47.84
CA LEU B 227 2.21 -47.84 -46.50
C LEU B 227 3.27 -48.14 -45.45
N GLU B 228 4.06 -49.20 -45.67
CA GLU B 228 5.04 -49.57 -44.66
C GLU B 228 6.27 -48.66 -44.72
N MET B 229 6.61 -48.16 -45.91
CA MET B 229 7.65 -47.14 -45.99
C MET B 229 7.24 -45.85 -45.29
N ALA B 230 5.95 -45.53 -45.31
CA ALA B 230 5.48 -44.31 -44.63
C ALA B 230 5.46 -44.49 -43.12
N VAL B 231 4.96 -45.63 -42.65
CA VAL B 231 4.92 -45.85 -41.20
C VAL B 231 6.33 -45.91 -40.62
N LYS B 232 7.30 -46.46 -41.38
CA LYS B 232 8.61 -46.62 -40.77
C LYS B 232 9.54 -45.43 -40.96
N ASN B 233 9.55 -44.83 -42.15
CA ASN B 233 10.56 -43.83 -42.50
C ASN B 233 10.00 -42.44 -42.75
N ILE B 234 8.98 -42.33 -43.60
CA ILE B 234 8.59 -41.01 -44.13
C ILE B 234 7.86 -40.18 -43.09
N TYR B 235 6.93 -40.76 -42.34
CA TYR B 235 6.10 -39.97 -41.44
C TYR B 235 6.89 -39.39 -40.26
N PRO B 236 7.79 -40.15 -39.61
CA PRO B 236 8.65 -39.50 -38.60
C PRO B 236 9.48 -38.37 -39.17
N HIS B 237 9.93 -38.51 -40.43
CA HIS B 237 10.67 -37.45 -41.09
C HIS B 237 9.82 -36.20 -41.25
N ILE B 238 8.56 -36.37 -41.68
CA ILE B 238 7.65 -35.23 -41.83
C ILE B 238 7.40 -34.58 -40.48
N VAL B 239 7.19 -35.39 -39.44
CA VAL B 239 6.91 -34.85 -38.11
C VAL B 239 8.09 -34.02 -37.61
N GLU B 240 9.30 -34.53 -37.78
CA GLU B 240 10.49 -33.77 -37.38
C GLU B 240 10.58 -32.46 -38.15
N ASN B 241 10.44 -32.52 -39.47
CA ASN B 241 10.53 -31.31 -40.28
C ASN B 241 9.51 -30.26 -39.85
N GLU B 242 8.29 -30.69 -39.56
CA GLU B 242 7.26 -29.72 -39.21
C GLU B 242 7.43 -29.15 -37.82
N LYS B 243 7.85 -29.97 -36.85
CA LYS B 243 8.10 -29.43 -35.52
C LYS B 243 9.35 -28.55 -35.48
N LEU B 244 10.22 -28.66 -36.50
CA LEU B 244 11.32 -27.70 -36.61
C LEU B 244 10.82 -26.26 -36.67
N ARG B 245 9.58 -26.05 -37.13
CA ARG B 245 8.99 -24.73 -37.24
C ARG B 245 8.14 -24.35 -36.04
N ALA B 246 8.05 -25.21 -35.03
CA ALA B 246 7.24 -24.91 -33.87
C ALA B 246 7.83 -23.76 -33.06
N VAL B 247 6.96 -22.89 -32.57
CA VAL B 247 7.35 -21.74 -31.75
C VAL B 247 7.21 -22.13 -30.29
N ARG B 248 8.07 -21.56 -29.44
CA ARG B 248 7.99 -21.85 -28.02
C ARG B 248 6.62 -21.45 -27.48
N ARG B 249 5.99 -22.37 -26.75
CA ARG B 249 4.66 -22.17 -26.21
C ARG B 249 4.74 -21.61 -24.79
N GLU B 250 4.42 -20.33 -24.64
CA GLU B 250 4.24 -19.72 -23.33
C GLU B 250 2.75 -19.61 -23.07
N VAL B 251 2.30 -20.15 -21.94
CA VAL B 251 0.90 -20.10 -21.56
C VAL B 251 0.67 -18.80 -20.79
N LEU B 252 0.00 -17.85 -21.43
CA LEU B 252 -0.25 -16.54 -20.86
C LEU B 252 -1.58 -16.52 -20.11
N LEU B 253 -1.54 -16.12 -18.85
CA LEU B 253 -2.74 -16.01 -18.02
C LEU B 253 -3.12 -14.56 -17.76
N ASN B 254 -2.74 -13.65 -18.67
CA ASN B 254 -3.18 -12.26 -18.65
C ASN B 254 -4.29 -12.05 -19.66
N PRO B 255 -5.16 -11.06 -19.45
CA PRO B 255 -6.30 -10.89 -20.35
C PRO B 255 -5.99 -10.08 -21.61
N GLY B 256 -4.73 -9.74 -21.84
CA GLY B 256 -4.36 -8.96 -22.99
C GLY B 256 -3.98 -9.90 -24.11
N PRO B 257 -2.90 -9.58 -24.83
CA PRO B 257 -2.33 -10.56 -25.76
C PRO B 257 -2.08 -11.87 -25.03
N ALA B 258 -2.75 -12.94 -25.47
CA ALA B 258 -2.67 -14.23 -24.82
C ALA B 258 -1.91 -15.22 -25.71
N THR B 259 -1.94 -16.49 -25.33
CA THR B 259 -1.28 -17.51 -26.13
C THR B 259 -2.01 -17.69 -27.45
N THR B 260 -1.26 -17.66 -28.55
CA THR B 260 -1.82 -17.80 -29.88
C THR B 260 -1.35 -19.11 -30.50
N THR B 261 -2.09 -19.55 -31.52
CA THR B 261 -1.66 -20.68 -32.33
C THR B 261 -0.51 -20.28 -33.25
N ASP B 262 0.31 -21.27 -33.60
CA ASP B 262 1.44 -21.00 -34.48
C ASP B 262 0.98 -20.60 -35.89
N SER B 263 -0.20 -21.06 -36.30
CA SER B 263 -0.74 -20.65 -37.60
C SER B 263 -1.05 -19.16 -37.63
N VAL B 264 -1.65 -18.64 -36.55
CA VAL B 264 -1.88 -17.20 -36.45
C VAL B 264 -0.55 -16.45 -36.45
N LYS B 265 0.44 -16.98 -35.74
CA LYS B 265 1.77 -16.35 -35.72
C LYS B 265 2.34 -16.26 -37.14
N TYR B 266 2.28 -17.36 -37.89
CA TYR B 266 2.90 -17.41 -39.21
C TYR B 266 2.07 -16.71 -40.28
N ALA B 267 0.78 -16.46 -40.02
CA ALA B 267 -0.03 -15.68 -40.94
C ALA B 267 0.53 -14.27 -41.16
N GLN B 268 1.30 -13.75 -40.20
CA GLN B 268 1.93 -12.47 -40.37
C GLN B 268 2.99 -12.49 -41.47
N VAL B 269 3.52 -13.67 -41.79
CA VAL B 269 4.59 -13.80 -42.76
C VAL B 269 3.94 -13.97 -44.13
N SER B 270 4.07 -12.94 -44.96
CA SER B 270 3.41 -12.89 -46.25
C SER B 270 4.21 -11.99 -47.17
N ALA B 271 3.91 -12.08 -48.47
CA ALA B 271 4.52 -11.19 -49.44
C ALA B 271 4.21 -9.74 -49.10
N ASP B 272 5.20 -8.86 -49.32
CA ASP B 272 4.96 -7.44 -49.17
C ASP B 272 3.92 -6.98 -50.17
N ILE B 273 3.02 -6.12 -49.72
CA ILE B 273 1.91 -5.65 -50.56
C ILE B 273 1.68 -4.17 -50.29
N CYS B 274 1.38 -3.43 -51.35
CA CYS B 274 0.93 -2.06 -51.21
C CYS B 274 -0.51 -2.06 -50.72
N PRO B 275 -0.83 -1.41 -49.60
CA PRO B 275 -2.19 -1.53 -49.04
C PRO B 275 -3.29 -0.98 -49.93
N ARG B 276 -2.97 -0.09 -50.87
CA ARG B 276 -3.98 0.46 -51.77
C ARG B 276 -4.38 -0.53 -52.87
N GLU B 277 -3.60 -1.58 -53.08
CA GLU B 277 -3.93 -2.58 -54.11
C GLU B 277 -5.28 -3.22 -53.80
N LYS B 278 -5.99 -3.67 -54.85
CA LYS B 278 -7.35 -4.17 -54.61
C LYS B 278 -7.35 -5.46 -53.82
N ALA B 279 -6.30 -6.28 -53.94
CA ALA B 279 -6.28 -7.51 -53.15
C ALA B 279 -6.38 -7.18 -51.66
N PHE B 280 -5.69 -6.13 -51.22
CA PHE B 280 -5.75 -5.77 -49.81
C PHE B 280 -7.07 -5.09 -49.45
N GLY B 281 -7.60 -4.24 -50.32
CA GLY B 281 -8.93 -3.70 -50.09
C GLY B 281 -9.99 -4.79 -49.96
N ASP B 282 -9.86 -5.84 -50.76
CA ASP B 282 -10.73 -7.00 -50.66
C ASP B 282 -10.55 -7.69 -49.32
N LEU B 283 -9.29 -7.86 -48.89
CA LEU B 283 -9.05 -8.42 -47.55
C LEU B 283 -9.73 -7.61 -46.47
N MET B 284 -9.68 -6.27 -46.58
CA MET B 284 -10.23 -5.44 -45.53
C MET B 284 -11.76 -5.48 -45.52
N GLN B 285 -12.39 -5.46 -46.69
CA GLN B 285 -13.84 -5.64 -46.72
C GLN B 285 -14.24 -7.01 -46.19
N TRP B 286 -13.49 -8.06 -46.54
CA TRP B 286 -13.75 -9.39 -46.00
C TRP B 286 -13.68 -9.39 -44.48
N LEU B 287 -12.64 -8.76 -43.92
CA LEU B 287 -12.53 -8.67 -42.47
C LEU B 287 -13.71 -7.95 -41.88
N CYS B 288 -14.14 -6.83 -42.49
CA CYS B 288 -15.30 -6.10 -41.99
C CYS B 288 -16.54 -6.98 -42.00
N ASP B 289 -16.76 -7.72 -43.09
CA ASP B 289 -17.95 -8.55 -43.21
C ASP B 289 -17.95 -9.69 -42.19
N GLU B 290 -16.78 -10.29 -41.96
CA GLU B 290 -16.71 -11.46 -41.09
C GLU B 290 -16.70 -11.09 -39.62
N LEU B 291 -16.03 -9.99 -39.25
CA LEU B 291 -15.88 -9.64 -37.84
C LEU B 291 -17.23 -9.36 -37.18
N LYS B 292 -18.16 -8.72 -37.90
CA LYS B 292 -19.44 -8.40 -37.31
C LYS B 292 -20.29 -9.65 -37.05
N LEU B 293 -20.07 -10.72 -37.82
CA LEU B 293 -20.89 -11.92 -37.66
C LEU B 293 -20.66 -12.62 -36.32
N PHE B 294 -19.49 -12.41 -35.71
CA PHE B 294 -19.23 -12.95 -34.38
C PHE B 294 -20.05 -12.25 -33.31
N ALA B 295 -20.75 -11.17 -33.66
CA ALA B 295 -21.59 -10.44 -32.73
C ALA B 295 -23.05 -10.38 -33.19
N LEU B 296 -23.45 -11.25 -34.12
CA LEU B 296 -24.82 -11.27 -34.60
C LEU B 296 -25.32 -12.70 -34.64
N ALA B 297 -26.54 -12.91 -34.16
CA ALA B 297 -27.19 -14.20 -34.30
C ALA B 297 -27.54 -14.45 -35.77
N SER B 298 -27.75 -15.72 -36.10
CA SER B 298 -28.12 -16.08 -37.47
C SER B 298 -29.39 -15.37 -37.91
N GLU B 299 -30.32 -15.14 -36.98
CA GLU B 299 -31.59 -14.48 -37.32
C GLU B 299 -31.41 -13.00 -37.61
N THR B 300 -30.28 -12.42 -37.26
CA THR B 300 -30.07 -10.99 -37.45
C THR B 300 -29.48 -10.76 -38.83
N ASN B 301 -30.02 -9.78 -39.54
CA ASN B 301 -29.57 -9.46 -40.89
C ASN B 301 -28.21 -8.77 -40.79
N PRO B 302 -27.13 -9.37 -41.30
CA PRO B 302 -25.83 -8.68 -41.24
C PRO B 302 -25.81 -7.40 -42.06
N ASP B 303 -26.76 -7.20 -42.97
CA ASP B 303 -26.78 -5.98 -43.77
C ASP B 303 -27.13 -4.76 -42.94
N GLU B 304 -27.76 -4.95 -41.78
CA GLU B 304 -28.08 -3.85 -40.88
C GLU B 304 -26.87 -3.33 -40.11
N TYR B 305 -25.69 -3.90 -40.30
CA TYR B 305 -24.53 -3.55 -39.49
C TYR B 305 -23.30 -3.34 -40.38
N GLU B 306 -22.36 -2.59 -39.82
CA GLU B 306 -21.10 -2.29 -40.49
C GLU B 306 -19.95 -2.48 -39.51
N THR B 307 -18.74 -2.65 -40.05
CA THR B 307 -17.53 -2.73 -39.25
C THR B 307 -16.55 -1.67 -39.71
N VAL B 308 -15.93 -0.97 -38.77
CA VAL B 308 -14.95 0.07 -39.06
C VAL B 308 -13.67 -0.25 -38.28
N MET B 309 -12.56 -0.39 -39.01
CA MET B 309 -11.30 -0.81 -38.42
C MET B 309 -10.30 0.35 -38.36
N PHE B 310 -9.44 0.31 -37.35
CA PHE B 310 -8.41 1.30 -37.10
C PHE B 310 -7.16 0.59 -36.61
N GLY B 311 -6.00 1.17 -36.91
CA GLY B 311 -4.77 0.70 -36.31
C GLY B 311 -4.69 1.20 -34.88
N CYS B 312 -4.98 0.32 -33.92
CA CYS B 312 -5.45 0.81 -32.63
C CYS B 312 -5.40 -0.30 -31.60
N SER B 313 -5.32 0.11 -30.34
CA SER B 313 -5.64 -0.76 -29.22
C SER B 313 -7.14 -0.68 -28.97
N GLY B 314 -7.62 -1.45 -27.99
CA GLY B 314 -9.03 -1.37 -27.65
C GLY B 314 -9.42 0.00 -27.12
N THR B 315 -8.53 0.61 -26.33
CA THR B 315 -8.77 1.97 -25.87
C THR B 315 -8.92 2.94 -27.03
N GLY B 316 -8.19 2.69 -28.13
CA GLY B 316 -8.38 3.49 -29.32
C GLY B 316 -9.79 3.38 -29.88
N ALA B 317 -10.36 2.17 -29.88
CA ALA B 317 -11.72 2.01 -30.38
C ALA B 317 -12.73 2.65 -29.45
N ASP B 318 -12.48 2.56 -28.13
CA ASP B 318 -13.32 3.27 -27.17
C ASP B 318 -13.31 4.77 -27.44
N GLU B 319 -12.13 5.33 -27.69
CA GLU B 319 -12.03 6.75 -27.98
C GLU B 319 -12.71 7.09 -29.30
N VAL B 320 -12.56 6.23 -30.31
CA VAL B 320 -13.29 6.40 -31.56
C VAL B 320 -14.78 6.58 -31.27
N MET B 321 -15.34 5.64 -30.51
CA MET B 321 -16.78 5.70 -30.23
C MET B 321 -17.16 6.96 -29.46
N VAL B 322 -16.43 7.25 -28.37
CA VAL B 322 -16.84 8.35 -27.50
C VAL B 322 -16.66 9.70 -28.20
N SER B 323 -15.60 9.84 -29.00
CA SER B 323 -15.33 11.10 -29.69
C SER B 323 -16.01 11.20 -31.04
N SER B 324 -16.73 10.17 -31.49
CA SER B 324 -17.42 10.24 -32.77
C SER B 324 -18.93 10.05 -32.69
N CYS B 325 -19.47 9.54 -31.57
CA CYS B 325 -20.87 9.13 -31.54
C CYS B 325 -21.76 10.01 -30.68
N VAL B 326 -21.21 10.96 -29.92
CA VAL B 326 -22.02 11.77 -29.03
C VAL B 326 -21.87 13.25 -29.40
N PRO B 327 -22.90 13.86 -29.96
CA PRO B 327 -22.81 15.26 -30.33
C PRO B 327 -22.98 16.17 -29.12
N ASP B 328 -22.45 17.40 -29.26
CA ASP B 328 -22.63 18.41 -28.23
C ASP B 328 -24.11 18.68 -27.95
N THR B 329 -24.98 18.27 -28.88
CA THR B 329 -26.41 18.43 -28.68
C THR B 329 -26.90 17.61 -27.49
N GLY B 330 -26.22 16.52 -27.14
CA GLY B 330 -26.72 15.57 -26.16
C GLY B 330 -26.06 15.64 -24.80
N ARG B 331 -26.34 14.60 -23.99
CA ARG B 331 -25.68 14.39 -22.70
C ARG B 331 -25.40 12.90 -22.62
N LEU B 332 -24.18 12.54 -22.24
CA LEU B 332 -23.77 11.14 -22.21
C LEU B 332 -23.74 10.68 -20.76
N LEU B 333 -24.33 9.50 -20.50
CA LEU B 333 -24.23 8.83 -19.21
C LEU B 333 -23.19 7.72 -19.34
N VAL B 334 -22.14 7.79 -18.52
CA VAL B 334 -21.05 6.83 -18.55
C VAL B 334 -21.11 5.99 -17.28
N ILE B 335 -21.27 4.69 -17.44
CA ILE B 335 -21.24 3.77 -16.30
C ILE B 335 -19.79 3.41 -16.00
N ASP B 336 -19.36 3.65 -14.77
CA ASP B 336 -17.97 3.42 -14.36
C ASP B 336 -17.96 2.48 -13.16
N ASN B 337 -17.75 1.19 -13.42
CA ASN B 337 -17.50 0.20 -12.37
C ASN B 337 -16.24 -0.57 -12.70
N GLY B 338 -15.24 0.10 -13.23
CA GLY B 338 -14.00 -0.54 -13.63
C GLY B 338 -13.17 0.40 -14.46
N SER B 339 -11.96 -0.08 -14.80
CA SER B 339 -10.98 0.78 -15.44
C SER B 339 -11.38 1.17 -16.86
N TYR B 340 -12.06 0.28 -17.59
CA TYR B 340 -12.52 0.62 -18.93
C TYR B 340 -13.58 1.73 -18.88
N GLY B 341 -14.55 1.62 -17.96
CA GLY B 341 -15.53 2.66 -17.80
C GLY B 341 -14.94 3.98 -17.34
N ALA B 342 -14.03 3.92 -16.36
CA ALA B 342 -13.34 5.13 -15.92
C ALA B 342 -12.58 5.77 -17.08
N ARG B 343 -11.99 4.95 -17.95
CA ARG B 343 -11.27 5.49 -19.10
C ARG B 343 -12.21 6.13 -20.10
N MET B 344 -13.38 5.54 -20.32
CA MET B 344 -14.37 6.16 -21.20
C MET B 344 -14.83 7.50 -20.64
N ALA B 345 -15.04 7.57 -19.32
CA ALA B 345 -15.36 8.83 -18.67
C ALA B 345 -14.25 9.86 -18.89
N LYS B 346 -13.00 9.43 -18.70
CA LYS B 346 -11.86 10.34 -18.89
C LYS B 346 -11.81 10.86 -20.32
N ILE B 347 -12.08 9.99 -21.30
CA ILE B 347 -12.09 10.41 -22.69
C ILE B 347 -13.18 11.44 -22.94
N ALA B 348 -14.40 11.15 -22.50
CA ALA B 348 -15.50 12.09 -22.65
C ALA B 348 -15.17 13.43 -21.99
N ASP B 349 -14.51 13.40 -20.85
CA ASP B 349 -14.13 14.63 -20.16
C ASP B 349 -13.10 15.42 -20.96
N ILE B 350 -12.09 14.74 -21.50
CA ILE B 350 -11.04 15.43 -22.25
C ILE B 350 -11.63 16.17 -23.45
N TYR B 351 -12.59 15.56 -24.13
CA TYR B 351 -13.22 16.17 -25.29
C TYR B 351 -14.32 17.14 -24.91
N LYS B 352 -14.60 17.32 -23.62
CA LYS B 352 -15.63 18.23 -23.13
C LYS B 352 -17.01 17.87 -23.70
N ILE B 353 -17.29 16.58 -23.73
CA ILE B 353 -18.63 16.11 -24.13
C ILE B 353 -19.54 16.19 -22.91
N PRO B 354 -20.74 16.79 -23.04
CA PRO B 354 -21.67 16.86 -21.90
C PRO B 354 -21.93 15.48 -21.31
N MET B 355 -21.55 15.28 -20.05
CA MET B 355 -21.44 13.93 -19.51
C MET B 355 -21.70 13.91 -18.00
N ASP B 356 -22.26 12.79 -17.56
CA ASP B 356 -22.39 12.41 -16.17
C ASP B 356 -21.90 10.99 -15.98
N ILE B 357 -21.41 10.70 -14.77
CA ILE B 357 -20.88 9.39 -14.45
C ILE B 357 -21.80 8.72 -13.44
N PHE B 358 -22.16 7.47 -13.73
CA PHE B 358 -22.84 6.59 -12.79
C PHE B 358 -21.77 5.64 -12.27
N LYS B 359 -21.25 5.93 -11.08
CA LYS B 359 -20.19 5.13 -10.49
C LYS B 359 -20.78 4.01 -9.63
N SER B 360 -20.13 2.85 -9.66
CA SER B 360 -20.59 1.70 -8.90
C SER B 360 -19.39 0.83 -8.57
N SER B 361 -19.63 -0.15 -7.68
CA SER B 361 -18.56 -1.02 -7.21
C SER B 361 -17.92 -1.78 -8.35
N THR B 362 -16.61 -2.03 -8.22
CA THR B 362 -15.88 -2.75 -9.25
C THR B 362 -16.11 -4.25 -9.18
N TYR B 363 -16.62 -4.77 -8.06
CA TYR B 363 -16.81 -6.21 -7.88
C TYR B 363 -18.22 -6.57 -7.44
N GLU B 364 -19.15 -5.61 -7.39
CA GLU B 364 -20.51 -5.91 -7.03
C GLU B 364 -21.46 -5.46 -8.14
N PRO B 365 -22.60 -6.13 -8.31
CA PRO B 365 -23.46 -5.84 -9.46
C PRO B 365 -24.02 -4.42 -9.39
N LEU B 366 -24.31 -3.87 -10.56
CA LEU B 366 -24.92 -2.56 -10.64
C LEU B 366 -26.32 -2.60 -10.04
N ASP B 367 -26.70 -1.48 -9.42
CA ASP B 367 -28.08 -1.31 -8.95
C ASP B 367 -28.93 -0.97 -10.16
N LEU B 368 -29.59 -1.99 -10.73
CA LEU B 368 -30.38 -1.78 -11.94
C LEU B 368 -31.56 -0.86 -11.68
N GLN B 369 -32.00 -0.74 -10.43
CA GLN B 369 -33.14 0.13 -10.13
C GLN B 369 -32.73 1.59 -10.12
N LYS B 370 -31.58 1.91 -9.51
CA LYS B 370 -31.06 3.28 -9.60
C LYS B 370 -30.64 3.61 -11.03
N LEU B 371 -30.12 2.62 -11.76
CA LEU B 371 -29.77 2.84 -13.15
C LEU B 371 -31.00 3.16 -13.98
N GLU B 372 -32.10 2.43 -13.77
CA GLU B 372 -33.34 2.75 -14.46
C GLU B 372 -33.87 4.12 -14.05
N ALA B 373 -33.76 4.45 -12.76
CA ALA B 373 -34.15 5.78 -12.31
C ALA B 373 -33.40 6.86 -13.06
N GLU B 374 -32.09 6.67 -13.26
CA GLU B 374 -31.30 7.66 -14.00
C GLU B 374 -31.68 7.68 -15.47
N PHE B 375 -32.03 6.51 -16.04
CA PHE B 375 -32.52 6.47 -17.40
C PHE B 375 -33.82 7.25 -17.55
N ALA B 376 -34.71 7.15 -16.55
CA ALA B 376 -36.07 7.69 -16.63
C ALA B 376 -36.10 9.21 -16.59
N THR B 377 -35.07 9.83 -16.02
CA THR B 377 -34.96 11.28 -15.99
C THR B 377 -35.02 11.90 -17.38
N LYS B 378 -34.72 11.12 -18.41
CA LYS B 378 -34.69 11.57 -19.80
C LYS B 378 -33.66 12.69 -20.03
N LYS B 379 -32.65 12.81 -19.16
CA LYS B 379 -31.61 13.80 -19.40
C LYS B 379 -30.62 13.36 -20.48
N TYR B 380 -30.47 12.07 -20.70
CA TYR B 380 -29.31 11.53 -21.42
C TYR B 380 -29.69 11.07 -22.82
N THR B 381 -28.86 11.47 -23.79
CA THR B 381 -29.01 11.04 -25.17
C THR B 381 -28.28 9.73 -25.46
N HIS B 382 -27.17 9.49 -24.79
CA HIS B 382 -26.31 8.35 -25.07
C HIS B 382 -25.91 7.67 -23.76
N LEU B 383 -25.73 6.36 -23.84
CA LEU B 383 -25.23 5.56 -22.75
C LEU B 383 -23.92 4.93 -23.17
N ALA B 384 -22.91 5.03 -22.32
CA ALA B 384 -21.62 4.38 -22.53
C ALA B 384 -21.37 3.43 -21.37
N CYS B 385 -21.01 2.19 -21.68
CA CYS B 385 -20.83 1.20 -20.63
C CYS B 385 -19.90 0.09 -21.15
N VAL B 386 -19.53 -0.80 -20.23
CA VAL B 386 -18.54 -1.85 -20.47
C VAL B 386 -19.21 -3.19 -20.20
N TYR B 387 -18.99 -4.16 -21.10
CA TYR B 387 -19.57 -5.48 -20.91
C TYR B 387 -18.82 -6.27 -19.84
N HIS B 388 -17.50 -6.34 -19.95
CA HIS B 388 -16.68 -7.16 -19.06
C HIS B 388 -15.50 -6.33 -18.59
N GLU B 389 -15.42 -6.13 -17.27
CA GLU B 389 -14.34 -5.36 -16.66
C GLU B 389 -13.25 -6.31 -16.19
N THR B 390 -12.09 -6.28 -16.85
CA THR B 390 -10.96 -7.11 -16.47
C THR B 390 -10.36 -6.71 -15.13
N THR B 391 -10.79 -5.59 -14.55
CA THR B 391 -10.27 -5.18 -13.25
C THR B 391 -10.56 -6.23 -12.18
N THR B 392 -11.74 -6.83 -12.22
CA THR B 392 -12.12 -7.88 -11.29
C THR B 392 -12.76 -9.09 -11.96
N GLY B 393 -13.06 -9.03 -13.26
CA GLY B 393 -13.82 -10.07 -13.90
C GLY B 393 -15.31 -9.93 -13.78
N LEU B 394 -15.80 -8.78 -13.32
CA LEU B 394 -17.23 -8.55 -13.24
C LEU B 394 -17.82 -8.45 -14.65
N LEU B 395 -18.96 -9.11 -14.84
CA LEU B 395 -19.66 -9.11 -16.12
C LEU B 395 -20.99 -8.38 -15.94
N ASN B 396 -21.12 -7.23 -16.58
CA ASN B 396 -22.34 -6.45 -16.44
C ASN B 396 -23.47 -7.10 -17.25
N PRO B 397 -24.70 -7.09 -16.73
CA PRO B 397 -25.83 -7.72 -17.45
C PRO B 397 -26.34 -6.83 -18.57
N LEU B 398 -25.53 -6.71 -19.62
CA LEU B 398 -25.85 -5.81 -20.72
C LEU B 398 -27.13 -6.19 -21.44
N HIS B 399 -27.54 -7.46 -21.36
CA HIS B 399 -28.80 -7.88 -21.96
C HIS B 399 -30.01 -7.25 -21.28
N ILE B 400 -29.84 -6.73 -20.06
CA ILE B 400 -30.86 -5.93 -19.40
C ILE B 400 -30.59 -4.44 -19.57
N ILE B 401 -29.35 -4.01 -19.34
CA ILE B 401 -29.04 -2.60 -19.30
C ILE B 401 -29.25 -1.93 -20.65
N CYS B 402 -28.81 -2.57 -21.73
CA CYS B 402 -28.81 -1.88 -23.01
C CYS B 402 -30.20 -1.85 -23.66
N PRO B 403 -30.96 -2.96 -23.67
CA PRO B 403 -32.37 -2.84 -24.10
C PRO B 403 -33.16 -1.85 -23.26
N MET B 404 -32.92 -1.82 -21.95
CA MET B 404 -33.60 -0.85 -21.10
C MET B 404 -33.26 0.58 -21.51
N ALA B 405 -31.98 0.83 -21.81
CA ALA B 405 -31.58 2.15 -22.28
C ALA B 405 -32.24 2.49 -23.61
N LYS B 406 -32.39 1.49 -24.49
CA LYS B 406 -33.09 1.71 -25.76
C LYS B 406 -34.55 2.08 -25.52
N LYS B 407 -35.18 1.47 -24.51
CA LYS B 407 -36.57 1.77 -24.22
C LYS B 407 -36.77 3.23 -23.85
N TYR B 408 -35.77 3.86 -23.25
CA TYR B 408 -35.82 5.29 -22.93
C TYR B 408 -35.22 6.16 -24.02
N GLY B 409 -34.99 5.61 -25.21
CA GLY B 409 -34.59 6.41 -26.35
C GLY B 409 -33.12 6.75 -26.46
N MET B 410 -32.25 6.04 -25.76
CA MET B 410 -30.83 6.36 -25.76
C MET B 410 -30.08 5.52 -26.79
N VAL B 411 -29.00 6.08 -27.32
CA VAL B 411 -28.09 5.37 -28.21
C VAL B 411 -27.02 4.70 -27.35
N THR B 412 -26.75 3.43 -27.64
CA THR B 412 -25.92 2.59 -26.78
C THR B 412 -24.50 2.44 -27.35
N ILE B 413 -23.52 2.70 -26.49
CA ILE B 413 -22.10 2.62 -26.80
C ILE B 413 -21.48 1.65 -25.80
N VAL B 414 -20.87 0.58 -26.29
CA VAL B 414 -20.45 -0.54 -25.45
C VAL B 414 -18.99 -0.86 -25.75
N ASP B 415 -18.20 -0.94 -24.68
CA ASP B 415 -16.89 -1.59 -24.72
C ASP B 415 -17.12 -3.08 -24.52
N ALA B 416 -16.84 -3.87 -25.56
CA ALA B 416 -16.80 -5.32 -25.46
C ALA B 416 -15.41 -5.84 -25.80
N VAL B 417 -14.38 -5.04 -25.48
CA VAL B 417 -13.01 -5.35 -25.88
C VAL B 417 -12.58 -6.71 -25.34
N SER B 418 -12.93 -7.00 -24.08
CA SER B 418 -12.54 -8.26 -23.45
C SER B 418 -13.69 -9.25 -23.34
N ALA B 419 -14.80 -9.01 -24.03
CA ALA B 419 -15.94 -9.92 -24.05
C ALA B 419 -16.21 -10.47 -25.44
N TYR B 420 -16.09 -9.65 -26.48
CA TYR B 420 -16.39 -10.06 -27.84
C TYR B 420 -15.55 -11.28 -28.25
N CYS B 421 -16.21 -12.28 -28.82
CA CYS B 421 -15.68 -13.56 -29.29
C CYS B 421 -15.38 -14.53 -28.16
N GLY B 422 -15.62 -14.16 -26.90
CA GLY B 422 -15.46 -15.08 -25.80
C GLY B 422 -16.76 -15.68 -25.34
N MET B 423 -17.87 -15.08 -25.78
CA MET B 423 -19.22 -15.49 -25.44
C MET B 423 -20.14 -15.09 -26.58
N PRO B 424 -21.24 -15.81 -26.79
CA PRO B 424 -22.18 -15.41 -27.84
C PRO B 424 -22.72 -14.00 -27.60
N MET B 425 -22.85 -13.25 -28.70
CA MET B 425 -23.39 -11.90 -28.67
C MET B 425 -24.28 -11.69 -29.88
N ASP B 426 -25.36 -10.94 -29.69
CA ASP B 426 -26.23 -10.50 -30.79
C ASP B 426 -26.59 -9.04 -30.53
N LEU B 427 -25.99 -8.13 -31.31
CA LEU B 427 -26.14 -6.70 -31.04
C LEU B 427 -27.59 -6.24 -31.11
N LYS B 428 -28.41 -6.85 -31.96
CA LYS B 428 -29.79 -6.37 -32.11
C LYS B 428 -30.61 -6.68 -30.86
N SER B 429 -30.65 -7.94 -30.44
CA SER B 429 -31.40 -8.29 -29.24
C SER B 429 -30.76 -7.69 -28.00
N LEU B 430 -29.45 -7.43 -28.03
CA LEU B 430 -28.79 -6.74 -26.93
C LEU B 430 -29.03 -5.24 -26.95
N GLY B 431 -29.60 -4.70 -28.03
CA GLY B 431 -29.83 -3.26 -28.11
C GLY B 431 -28.56 -2.45 -28.08
N ILE B 432 -27.53 -2.87 -28.81
CA ILE B 432 -26.23 -2.21 -28.83
C ILE B 432 -26.07 -1.54 -30.18
N ASP B 433 -25.85 -0.22 -30.17
CA ASP B 433 -25.69 0.55 -31.40
C ASP B 433 -24.24 0.59 -31.86
N PHE B 434 -23.30 0.80 -30.94
CA PHE B 434 -21.87 0.80 -31.26
C PHE B 434 -21.15 -0.11 -30.28
N MET B 435 -20.33 -1.02 -30.80
CA MET B 435 -19.60 -1.96 -29.96
C MET B 435 -18.13 -1.99 -30.37
N ALA B 436 -17.23 -1.84 -29.40
CA ALA B 436 -15.80 -1.81 -29.67
C ALA B 436 -15.14 -3.11 -29.26
N SER B 437 -14.08 -3.47 -29.98
CA SER B 437 -13.25 -4.62 -29.59
C SER B 437 -11.89 -4.50 -30.27
N THR B 438 -11.02 -5.47 -29.99
CA THR B 438 -9.63 -5.44 -30.42
C THR B 438 -9.26 -6.81 -30.97
N SER B 439 -8.05 -6.90 -31.53
CA SER B 439 -7.61 -8.11 -32.21
C SER B 439 -6.85 -9.09 -31.31
N ASN B 440 -6.46 -8.68 -30.10
CA ASN B 440 -5.56 -9.48 -29.27
C ASN B 440 -6.24 -10.03 -28.02
N LYS B 441 -7.56 -10.19 -28.03
CA LYS B 441 -8.27 -10.72 -26.86
C LYS B 441 -8.96 -12.02 -27.28
N ASN B 442 -10.28 -12.12 -27.13
CA ASN B 442 -10.92 -13.42 -27.28
C ASN B 442 -10.92 -13.92 -28.72
N ILE B 443 -10.72 -13.04 -29.70
CA ILE B 443 -10.56 -13.51 -31.08
C ILE B 443 -9.20 -14.18 -31.29
N GLN B 444 -8.23 -13.91 -30.41
CA GLN B 444 -6.95 -14.63 -30.38
C GLN B 444 -6.05 -14.28 -31.57
N GLY B 445 -6.02 -13.00 -31.95
CA GLY B 445 -5.08 -12.51 -32.93
C GLY B 445 -3.94 -11.75 -32.29
N MET B 446 -3.23 -10.97 -33.12
CA MET B 446 -2.11 -10.16 -32.66
C MET B 446 -2.55 -8.70 -32.50
N ALA B 447 -1.98 -8.04 -31.48
CA ALA B 447 -2.36 -6.67 -31.18
C ALA B 447 -2.04 -5.73 -32.33
N GLY B 448 -2.90 -4.73 -32.54
CA GLY B 448 -2.66 -3.74 -33.56
C GLY B 448 -3.90 -3.16 -34.23
N VAL B 449 -5.00 -3.90 -34.22
CA VAL B 449 -6.23 -3.47 -34.88
C VAL B 449 -7.35 -3.37 -33.86
N GLY B 450 -7.92 -2.18 -33.73
CA GLY B 450 -9.16 -1.98 -32.99
C GLY B 450 -10.29 -1.78 -33.98
N PHE B 451 -11.50 -2.15 -33.58
CA PHE B 451 -12.62 -2.01 -34.51
C PHE B 451 -13.91 -1.74 -33.75
N VAL B 452 -14.84 -1.12 -34.48
CA VAL B 452 -16.17 -0.80 -33.98
C VAL B 452 -17.19 -1.40 -34.93
N ILE B 453 -18.08 -2.24 -34.38
CA ILE B 453 -19.22 -2.76 -35.11
C ILE B 453 -20.41 -1.86 -34.79
N CYS B 454 -21.02 -1.30 -35.84
CA CYS B 454 -22.04 -0.27 -35.71
C CYS B 454 -23.35 -0.72 -36.33
N ASN B 455 -24.45 -0.40 -35.64
CA ASN B 455 -25.75 -0.32 -36.30
C ASN B 455 -25.65 0.70 -37.42
N LYS B 456 -25.95 0.27 -38.65
CA LYS B 456 -25.71 1.12 -39.81
C LYS B 456 -26.49 2.41 -39.74
N ALA B 457 -27.73 2.37 -39.26
CA ALA B 457 -28.56 3.57 -39.19
C ALA B 457 -27.94 4.61 -38.24
N GLU B 458 -27.55 4.19 -37.04
CA GLU B 458 -26.94 5.13 -36.10
C GLU B 458 -25.59 5.64 -36.61
N LEU B 459 -24.82 4.76 -37.26
CA LEU B 459 -23.56 5.18 -37.85
C LEU B 459 -23.79 6.27 -38.89
N GLU B 460 -24.82 6.12 -39.73
CA GLU B 460 -25.10 7.13 -40.73
C GLU B 460 -25.64 8.40 -40.08
N LYS B 461 -26.39 8.29 -38.99
CA LYS B 461 -26.81 9.48 -38.26
C LYS B 461 -25.62 10.24 -37.68
N THR B 462 -24.47 9.57 -37.55
CA THR B 462 -23.27 10.26 -37.11
C THR B 462 -22.68 11.17 -38.20
N LYS B 463 -23.18 11.09 -39.43
CA LYS B 463 -22.50 11.66 -40.60
C LYS B 463 -22.25 13.16 -40.48
N ASP B 464 -23.12 13.90 -39.81
CA ASP B 464 -23.00 15.36 -39.77
C ASP B 464 -22.47 15.91 -38.45
N TYR B 465 -22.12 15.05 -37.50
CA TYR B 465 -21.48 15.54 -36.28
C TYR B 465 -20.14 16.19 -36.64
N PRO B 466 -19.81 17.33 -36.04
CA PRO B 466 -18.47 17.89 -36.24
C PRO B 466 -17.41 16.92 -35.72
N MET B 467 -16.29 16.85 -36.44
CA MET B 467 -15.21 15.95 -36.05
C MET B 467 -14.50 16.50 -34.82
N ARG B 468 -14.28 15.64 -33.82
CA ARG B 468 -13.51 15.99 -32.65
C ARG B 468 -12.05 15.60 -32.78
N ASN B 469 -11.72 14.81 -33.80
CA ASN B 469 -10.36 14.35 -34.06
C ASN B 469 -10.29 13.92 -35.52
N TYR B 470 -9.14 13.37 -35.91
CA TYR B 470 -8.93 12.95 -37.29
C TYR B 470 -8.67 11.46 -37.41
N TYR B 471 -7.58 10.97 -36.80
CA TYR B 471 -7.20 9.56 -36.93
C TYR B 471 -8.27 8.63 -36.35
N LEU B 472 -9.01 9.09 -35.33
CA LEU B 472 -9.97 8.25 -34.62
C LEU B 472 -11.42 8.59 -34.93
N ASN B 473 -11.68 9.35 -35.99
CA ASN B 473 -13.05 9.70 -36.34
C ASN B 473 -13.71 8.53 -37.05
N LEU B 474 -14.85 8.08 -36.52
CA LEU B 474 -15.50 6.87 -37.02
C LEU B 474 -16.02 7.07 -38.44
N TYR B 475 -16.76 8.16 -38.68
CA TYR B 475 -17.48 8.28 -39.94
C TYR B 475 -16.52 8.54 -41.10
N ASP B 476 -15.48 9.35 -40.89
CA ASP B 476 -14.53 9.56 -41.98
C ASP B 476 -13.87 8.26 -42.38
N GLN B 477 -13.43 7.47 -41.38
CA GLN B 477 -12.84 6.17 -41.64
C GLN B 477 -13.79 5.29 -42.44
N TYR B 478 -15.06 5.22 -42.04
CA TYR B 478 -16.01 4.34 -42.71
C TYR B 478 -16.31 4.84 -44.12
N ALA B 479 -16.58 6.13 -44.28
CA ALA B 479 -17.00 6.69 -45.56
C ALA B 479 -15.88 6.63 -46.59
N TYR B 480 -14.64 6.92 -46.19
CA TYR B 480 -13.55 6.92 -47.15
C TYR B 480 -13.37 5.54 -47.77
N PHE B 481 -13.47 4.49 -46.95
CA PHE B 481 -13.40 3.13 -47.45
C PHE B 481 -14.68 2.67 -48.14
N ALA B 482 -15.82 3.32 -47.87
CA ALA B 482 -17.03 2.97 -48.62
C ALA B 482 -16.96 3.52 -50.04
N LYS B 483 -16.52 4.77 -50.20
CA LYS B 483 -16.43 5.40 -51.51
C LYS B 483 -15.27 4.82 -52.33
N THR B 484 -14.07 4.88 -51.78
CA THR B 484 -12.88 4.28 -52.38
C THR B 484 -12.65 2.92 -51.72
N HIS B 485 -11.97 2.02 -52.43
CA HIS B 485 -11.71 0.71 -51.82
C HIS B 485 -10.47 0.68 -50.93
N GLN B 486 -10.19 1.77 -50.22
CA GLN B 486 -8.93 1.91 -49.49
C GLN B 486 -9.17 2.61 -48.16
N THR B 487 -8.22 2.42 -47.24
CA THR B 487 -8.24 3.08 -45.95
C THR B 487 -7.57 4.45 -46.04
N ARG B 488 -7.90 5.30 -45.07
CA ARG B 488 -7.39 6.67 -45.06
C ARG B 488 -5.88 6.70 -44.97
N PHE B 489 -5.32 5.89 -44.06
CA PHE B 489 -3.89 5.88 -43.78
C PHE B 489 -3.37 4.45 -43.89
N THR B 490 -2.08 4.28 -43.69
CA THR B 490 -1.47 2.96 -43.81
C THR B 490 -1.98 2.06 -42.71
N PRO B 491 -2.63 0.94 -43.02
CA PRO B 491 -3.10 0.03 -42.00
C PRO B 491 -2.03 -0.96 -41.60
N PRO B 492 -2.17 -1.62 -40.45
CA PRO B 492 -1.18 -2.64 -40.05
C PRO B 492 -1.35 -3.94 -40.82
N VAL B 493 -0.72 -4.00 -42.00
CA VAL B 493 -0.97 -5.05 -42.98
C VAL B 493 -0.79 -6.44 -42.37
N GLN B 494 0.39 -6.70 -41.82
CA GLN B 494 0.70 -8.04 -41.31
C GLN B 494 -0.17 -8.40 -40.12
N THR B 495 -0.45 -7.43 -39.24
CA THR B 495 -1.39 -7.66 -38.16
C THR B 495 -2.75 -8.07 -38.68
N MET B 496 -3.18 -7.49 -39.80
CA MET B 496 -4.49 -7.85 -40.34
C MET B 496 -4.47 -9.20 -41.06
N TYR B 497 -3.34 -9.61 -41.63
CA TYR B 497 -3.24 -10.98 -42.10
C TYR B 497 -3.39 -11.97 -40.95
N ALA B 498 -2.69 -11.70 -39.84
CA ALA B 498 -2.86 -12.51 -38.64
C ALA B 498 -4.31 -12.49 -38.17
N LEU B 499 -4.97 -11.34 -38.29
CA LEU B 499 -6.37 -11.24 -37.90
C LEU B 499 -7.27 -12.08 -38.79
N ARG B 500 -6.95 -12.14 -40.09
CA ARG B 500 -7.67 -13.03 -40.99
C ARG B 500 -7.56 -14.48 -40.52
N GLN B 501 -6.34 -14.91 -40.19
CA GLN B 501 -6.19 -16.29 -39.73
C GLN B 501 -6.94 -16.52 -38.41
N ALA B 502 -6.94 -15.52 -37.52
CA ALA B 502 -7.67 -15.65 -36.26
C ALA B 502 -9.17 -15.76 -36.51
N VAL B 503 -9.70 -14.97 -37.45
CA VAL B 503 -11.11 -15.06 -37.82
C VAL B 503 -11.43 -16.46 -38.36
N LEU B 504 -10.56 -16.99 -39.23
CA LEU B 504 -10.78 -18.32 -39.78
C LEU B 504 -10.82 -19.37 -38.68
N GLU B 505 -9.90 -19.29 -37.72
CA GLU B 505 -9.87 -20.29 -36.66
C GLU B 505 -11.02 -20.11 -35.68
N THR B 506 -11.53 -18.88 -35.52
CA THR B 506 -12.74 -18.68 -34.72
C THR B 506 -13.94 -19.30 -35.42
N LYS B 507 -14.04 -19.16 -36.74
CA LYS B 507 -15.12 -19.82 -37.47
C LYS B 507 -15.00 -21.33 -37.40
N GLN B 508 -13.77 -21.84 -37.36
CA GLN B 508 -13.57 -23.28 -37.17
C GLN B 508 -14.07 -23.72 -35.81
N GLU B 509 -13.67 -23.00 -34.74
CA GLU B 509 -14.06 -23.40 -33.39
C GLU B 509 -15.50 -23.05 -33.07
N THR B 510 -16.00 -21.91 -33.56
CA THR B 510 -17.27 -21.28 -33.21
C THR B 510 -17.18 -20.62 -31.83
N VAL B 511 -17.88 -19.50 -31.67
CA VAL B 511 -17.81 -18.73 -30.42
C VAL B 511 -18.37 -19.52 -29.24
N GLN B 512 -19.46 -20.27 -29.47
CA GLN B 512 -20.04 -21.05 -28.38
C GLN B 512 -19.04 -22.07 -27.82
N LYS B 513 -18.32 -22.76 -28.70
CA LYS B 513 -17.41 -23.78 -28.24
C LYS B 513 -16.16 -23.17 -27.63
N ARG B 514 -15.76 -21.98 -28.10
CA ARG B 514 -14.69 -21.23 -27.45
C ARG B 514 -15.08 -20.81 -26.04
N TYR B 515 -16.32 -20.32 -25.87
CA TYR B 515 -16.82 -20.00 -24.54
C TYR B 515 -16.79 -21.23 -23.64
N GLU B 516 -17.19 -22.38 -24.17
CA GLU B 516 -17.17 -23.60 -23.36
C GLU B 516 -15.74 -23.97 -22.96
N ARG B 517 -14.78 -23.74 -23.86
CA ARG B 517 -13.37 -24.01 -23.53
C ARG B 517 -12.87 -23.08 -22.42
N TYR B 518 -13.10 -21.77 -22.59
CA TYR B 518 -12.74 -20.80 -21.57
C TYR B 518 -13.37 -21.15 -20.23
N THR B 519 -14.65 -21.52 -20.24
CA THR B 519 -15.35 -21.87 -19.02
C THR B 519 -14.81 -23.14 -18.38
N ALA B 520 -14.36 -24.10 -19.19
CA ALA B 520 -13.75 -25.30 -18.62
C ALA B 520 -12.46 -24.95 -17.87
N CYS B 521 -11.62 -24.12 -18.49
CA CYS B 521 -10.43 -23.63 -17.81
C CYS B 521 -10.81 -22.90 -16.51
N TRP B 522 -11.85 -22.06 -16.59
CA TRP B 522 -12.31 -21.33 -15.42
C TRP B 522 -12.78 -22.27 -14.31
N ASN B 523 -13.46 -23.35 -14.69
CA ASN B 523 -13.92 -24.32 -13.70
C ASN B 523 -12.75 -24.97 -12.98
N ILE B 524 -11.73 -25.37 -13.74
CA ILE B 524 -10.54 -25.97 -13.12
C ILE B 524 -9.92 -24.98 -12.14
N LEU B 525 -9.75 -23.73 -12.58
CA LEU B 525 -9.13 -22.72 -11.72
C LEU B 525 -9.94 -22.47 -10.46
N VAL B 526 -11.26 -22.40 -10.57
CA VAL B 526 -12.10 -22.09 -9.41
C VAL B 526 -12.12 -23.25 -8.43
N ALA B 527 -12.18 -24.48 -8.94
CA ALA B 527 -12.07 -25.64 -8.06
C ALA B 527 -10.76 -25.60 -7.27
N ALA B 528 -9.65 -25.29 -7.96
CA ALA B 528 -8.37 -25.20 -7.26
C ALA B 528 -8.38 -24.08 -6.23
N ILE B 529 -8.99 -22.93 -6.58
CA ILE B 529 -9.07 -21.81 -5.65
C ILE B 529 -9.80 -22.21 -4.38
N LYS B 530 -10.94 -22.89 -4.53
CA LYS B 530 -11.72 -23.30 -3.37
C LYS B 530 -10.95 -24.30 -2.52
N LYS B 531 -10.36 -25.32 -3.15
CA LYS B 531 -9.58 -26.30 -2.39
C LYS B 531 -8.40 -25.66 -1.68
N LEU B 532 -7.93 -24.51 -2.16
CA LEU B 532 -6.81 -23.81 -1.56
C LEU B 532 -7.23 -22.82 -0.48
N GLY B 533 -8.53 -22.57 -0.33
CA GLY B 533 -9.02 -21.62 0.64
C GLY B 533 -8.86 -20.16 0.29
N LEU B 534 -8.49 -19.85 -0.94
CA LEU B 534 -8.39 -18.46 -1.38
C LEU B 534 -9.78 -17.91 -1.68
N LYS B 535 -9.89 -16.59 -1.66
CA LYS B 535 -11.16 -15.91 -1.83
C LYS B 535 -11.19 -15.15 -3.15
N MET B 536 -12.27 -15.33 -3.90
CA MET B 536 -12.54 -14.56 -5.10
C MET B 536 -13.29 -13.29 -4.75
N LEU B 537 -12.93 -12.18 -5.42
CA LEU B 537 -13.55 -10.90 -5.12
C LEU B 537 -14.98 -10.83 -5.62
N VAL B 538 -15.28 -11.48 -6.74
CA VAL B 538 -16.58 -11.42 -7.38
C VAL B 538 -17.28 -12.77 -7.20
N LYS B 539 -18.57 -12.71 -6.86
CA LYS B 539 -19.36 -13.93 -6.75
C LYS B 539 -19.50 -14.57 -8.13
N GLU B 540 -19.52 -15.91 -8.15
CA GLU B 540 -19.51 -16.65 -9.41
C GLU B 540 -20.68 -16.27 -10.31
N GLU B 541 -21.84 -16.00 -9.72
CA GLU B 541 -23.01 -15.58 -10.50
C GLU B 541 -22.70 -14.41 -11.42
N HIS B 542 -21.86 -13.46 -10.99
CA HIS B 542 -21.61 -12.24 -11.73
C HIS B 542 -20.27 -12.22 -12.43
N GLN B 543 -19.57 -13.35 -12.50
CA GLN B 543 -18.25 -13.40 -13.10
C GLN B 543 -18.31 -13.77 -14.57
N SER B 544 -17.51 -13.07 -15.37
CA SER B 544 -17.12 -13.61 -16.66
C SER B 544 -16.12 -14.73 -16.41
N HIS B 545 -16.19 -15.77 -17.23
CA HIS B 545 -15.29 -16.90 -17.06
C HIS B 545 -13.94 -16.68 -17.73
N PHE B 546 -13.59 -15.43 -18.00
CA PHE B 546 -12.37 -15.08 -18.74
C PHE B 546 -11.22 -14.68 -17.84
N ILE B 547 -11.49 -14.07 -16.69
CA ILE B 547 -10.45 -13.69 -15.74
C ILE B 547 -11.07 -13.65 -14.35
N THR B 548 -10.28 -14.08 -13.35
CA THR B 548 -10.72 -14.07 -11.95
C THR B 548 -9.68 -13.34 -11.10
N ALA B 549 -10.16 -12.40 -10.31
CA ALA B 549 -9.35 -11.71 -9.32
C ALA B 549 -9.42 -12.46 -7.99
N ILE B 550 -8.25 -12.73 -7.40
CA ILE B 550 -8.12 -13.52 -6.19
C ILE B 550 -7.44 -12.66 -5.14
N LEU B 551 -8.02 -12.64 -3.95
CA LEU B 551 -7.44 -11.90 -2.84
C LEU B 551 -6.10 -12.50 -2.46
N GLU B 552 -5.09 -11.64 -2.37
CA GLU B 552 -3.76 -12.13 -2.01
C GLU B 552 -3.76 -12.60 -0.57
N PRO B 553 -3.13 -13.74 -0.27
CA PRO B 553 -3.05 -14.20 1.12
C PRO B 553 -2.37 -13.16 2.01
N GLU B 554 -2.82 -13.09 3.26
CA GLU B 554 -2.34 -12.07 4.18
C GLU B 554 -0.94 -12.36 4.73
N THR B 555 -0.49 -13.61 4.67
CA THR B 555 0.78 -13.96 5.26
C THR B 555 1.91 -13.13 4.64
N PRO B 556 2.86 -12.67 5.45
CA PRO B 556 4.05 -12.02 4.89
C PRO B 556 4.91 -12.97 4.06
N LYS B 557 4.71 -14.28 4.19
CA LYS B 557 5.41 -15.24 3.37
C LYS B 557 5.01 -15.14 1.89
N TYR B 558 3.88 -14.51 1.60
CA TYR B 558 3.43 -14.33 0.23
C TYR B 558 4.03 -13.09 -0.39
N SER B 559 4.41 -13.20 -1.66
CA SER B 559 4.75 -12.06 -2.51
C SER B 559 4.34 -12.44 -3.92
N PHE B 560 3.61 -11.54 -4.60
CA PHE B 560 3.14 -11.79 -5.96
C PHE B 560 4.28 -12.07 -6.90
N GLU B 561 5.39 -11.42 -6.62
CA GLU B 561 6.64 -11.37 -7.34
C GLU B 561 7.27 -12.77 -7.40
N ALA B 562 7.26 -13.43 -6.23
CA ALA B 562 7.77 -14.79 -6.09
C ALA B 562 6.85 -15.78 -6.78
N LEU B 563 5.55 -15.64 -6.58
CA LEU B 563 4.58 -16.49 -7.26
C LEU B 563 4.71 -16.32 -8.78
N HIS B 564 4.93 -15.08 -9.23
CA HIS B 564 5.09 -14.81 -10.65
C HIS B 564 6.33 -15.49 -11.20
N ASP B 565 7.46 -15.37 -10.50
CA ASP B 565 8.70 -15.99 -10.98
C ASP B 565 8.58 -17.51 -10.98
N PHE B 566 7.95 -18.07 -9.93
CA PHE B 566 7.76 -19.52 -9.87
C PHE B 566 6.89 -20.01 -11.02
N ALA B 567 5.77 -19.32 -11.27
CA ALA B 567 4.91 -19.70 -12.39
C ALA B 567 5.63 -19.54 -13.71
N ALA B 568 6.45 -18.48 -13.85
CA ALA B 568 7.14 -18.22 -15.11
C ALA B 568 8.15 -19.31 -15.42
N GLU B 569 8.82 -19.84 -14.40
CA GLU B 569 9.76 -20.94 -14.64
C GLU B 569 9.08 -22.19 -15.19
N HIS B 570 7.75 -22.29 -15.07
CA HIS B 570 7.00 -23.39 -15.63
C HIS B 570 6.09 -22.92 -16.78
N SER B 571 6.48 -21.82 -17.43
CA SER B 571 5.86 -21.34 -18.67
C SER B 571 4.46 -20.77 -18.46
N PHE B 572 4.18 -20.23 -17.27
CA PHE B 572 2.91 -19.58 -17.00
C PHE B 572 3.16 -18.13 -16.61
N THR B 573 2.40 -17.22 -17.20
CA THR B 573 2.54 -15.79 -16.94
C THR B 573 1.28 -15.31 -16.25
N ILE B 574 1.38 -15.00 -14.96
CA ILE B 574 0.24 -14.56 -14.17
C ILE B 574 0.20 -13.04 -14.19
N TYR B 575 -0.97 -12.49 -13.86
CA TYR B 575 -1.23 -11.07 -13.94
C TYR B 575 -1.44 -10.46 -12.56
N PRO B 576 -0.88 -9.28 -12.31
CA PRO B 576 -1.09 -8.62 -11.01
C PRO B 576 -2.50 -8.05 -10.90
N GLY B 577 -2.82 -7.60 -9.68
CA GLY B 577 -4.09 -6.93 -9.46
C GLY B 577 -4.03 -5.45 -9.80
N LYS B 578 -5.22 -4.85 -9.93
CA LYS B 578 -5.33 -3.48 -10.40
C LYS B 578 -5.91 -2.52 -9.35
N LEU B 579 -6.51 -3.04 -8.29
CA LEU B 579 -7.13 -2.19 -7.29
C LEU B 579 -6.11 -1.63 -6.31
N GLY B 580 -6.39 -0.45 -5.78
CA GLY B 580 -5.51 0.13 -4.78
C GLY B 580 -5.87 -0.21 -3.35
N ASN B 581 -7.17 -0.25 -3.03
CA ASN B 581 -7.61 -0.58 -1.67
C ASN B 581 -7.57 -2.07 -1.36
N ILE B 582 -7.57 -2.93 -2.37
CA ILE B 582 -7.68 -4.38 -2.15
C ILE B 582 -6.55 -5.06 -2.93
N ASP B 583 -5.77 -5.88 -2.24
CA ASP B 583 -4.63 -6.56 -2.84
C ASP B 583 -5.09 -7.84 -3.52
N THR B 584 -4.89 -7.92 -4.82
CA THR B 584 -5.36 -9.06 -5.61
C THR B 584 -4.29 -9.44 -6.61
N PHE B 585 -4.38 -10.68 -7.08
CA PHE B 585 -3.72 -11.09 -8.31
C PHE B 585 -4.77 -11.68 -9.23
N ARG B 586 -4.46 -11.77 -10.51
CA ARG B 586 -5.48 -12.13 -11.48
C ARG B 586 -5.01 -13.30 -12.33
N ILE B 587 -5.94 -14.21 -12.63
CA ILE B 587 -5.68 -15.33 -13.50
C ILE B 587 -6.72 -15.30 -14.61
N ALA B 588 -6.28 -15.05 -15.83
CA ALA B 588 -7.12 -15.13 -17.01
C ALA B 588 -6.92 -16.50 -17.68
N ASN B 589 -7.88 -16.87 -18.52
CA ASN B 589 -7.80 -18.10 -19.29
C ASN B 589 -8.43 -17.89 -20.67
N ILE B 590 -7.84 -16.99 -21.46
CA ILE B 590 -8.29 -16.78 -22.82
C ILE B 590 -7.14 -17.15 -23.75
N GLY B 591 -7.28 -16.83 -25.03
CA GLY B 591 -6.27 -17.28 -25.97
C GLY B 591 -6.33 -18.79 -26.15
N ASP B 592 -5.24 -19.35 -26.67
CA ASP B 592 -5.15 -20.76 -27.04
C ASP B 592 -4.94 -21.68 -25.84
N ILE B 593 -5.24 -21.24 -24.62
CA ILE B 593 -5.06 -22.10 -23.45
C ILE B 593 -5.99 -23.31 -23.54
N GLN B 594 -5.47 -24.48 -23.15
CA GLN B 594 -6.18 -25.75 -23.09
C GLN B 594 -6.44 -26.14 -21.63
N PRO B 595 -7.56 -26.84 -21.37
CA PRO B 595 -7.87 -27.25 -19.98
C PRO B 595 -6.74 -27.98 -19.26
N GLU B 596 -6.01 -28.86 -19.94
CA GLU B 596 -4.92 -29.57 -19.29
C GLU B 596 -3.83 -28.63 -18.80
N GLU B 597 -3.57 -27.56 -19.56
CA GLU B 597 -2.58 -26.59 -19.12
C GLU B 597 -3.07 -25.81 -17.91
N MET B 598 -4.37 -25.53 -17.85
CA MET B 598 -4.96 -24.92 -16.66
C MET B 598 -4.84 -25.83 -15.45
N ARG B 599 -4.97 -27.15 -15.66
CA ARG B 599 -4.86 -28.08 -14.54
C ARG B 599 -3.43 -28.16 -14.04
N ARG B 600 -2.46 -28.15 -14.96
CA ARG B 600 -1.06 -28.12 -14.51
C ARG B 600 -0.74 -26.83 -13.77
N PHE B 601 -1.23 -25.71 -14.25
CA PHE B 601 -0.98 -24.46 -13.52
C PHE B 601 -1.59 -24.51 -12.15
N THR B 602 -2.78 -25.09 -12.02
CA THR B 602 -3.39 -25.20 -10.69
C THR B 602 -2.52 -26.05 -9.77
N VAL B 603 -1.89 -27.10 -10.32
CA VAL B 603 -0.97 -27.90 -9.51
C VAL B 603 0.20 -27.04 -9.04
N LYS B 604 0.75 -26.21 -9.93
CA LYS B 604 1.87 -25.34 -9.55
C LYS B 604 1.44 -24.32 -8.50
N LEU B 605 0.23 -23.76 -8.66
CA LEU B 605 -0.29 -22.79 -7.71
C LEU B 605 -0.47 -23.42 -6.33
N LYS B 606 -1.03 -24.63 -6.29
CA LYS B 606 -1.12 -25.37 -5.04
C LYS B 606 0.26 -25.56 -4.42
N GLU B 607 1.26 -25.88 -5.24
CA GLU B 607 2.61 -26.07 -4.71
C GLU B 607 3.10 -24.80 -4.02
N TYR B 608 3.00 -23.65 -4.70
CA TYR B 608 3.45 -22.39 -4.09
C TYR B 608 2.68 -22.11 -2.80
N MET B 609 1.35 -22.14 -2.87
CA MET B 609 0.53 -21.73 -1.74
C MET B 609 0.78 -22.62 -0.54
N ASN B 610 0.87 -23.92 -0.74
CA ASN B 610 1.26 -24.82 0.35
C ASN B 610 2.66 -24.50 0.86
N GLY B 611 3.59 -24.20 -0.04
CA GLY B 611 4.94 -23.84 0.37
C GLY B 611 5.00 -22.60 1.25
N ILE B 612 4.00 -21.73 1.17
CA ILE B 612 3.94 -20.58 2.07
C ILE B 612 2.87 -20.75 3.15
N GLY B 613 2.21 -21.89 3.20
CA GLY B 613 1.29 -22.24 4.26
C GLY B 613 -0.17 -22.00 3.92
N VAL B 614 -0.50 -21.83 2.65
CA VAL B 614 -1.88 -21.66 2.21
C VAL B 614 -2.40 -22.99 1.69
N MET C 1 0.78 21.00 25.85
CA MET C 1 1.94 20.98 26.73
C MET C 1 3.00 21.98 26.28
N ILE C 2 3.29 22.96 27.14
CA ILE C 2 4.33 23.94 26.92
C ILE C 2 5.56 23.54 27.71
N LYS C 3 6.72 23.47 27.04
CA LYS C 3 7.95 23.05 27.69
C LYS C 3 8.90 24.20 28.04
N GLN C 4 8.72 25.37 27.44
CA GLN C 4 9.67 26.46 27.59
C GLN C 4 8.93 27.73 27.99
N ALA C 5 9.68 28.63 28.63
CA ALA C 5 9.10 29.89 29.10
C ALA C 5 10.18 30.96 29.09
N VAL C 6 9.75 32.20 28.86
CA VAL C 6 10.63 33.37 28.85
C VAL C 6 10.14 34.35 29.91
N ILE C 7 11.05 34.80 30.76
CA ILE C 7 10.77 35.82 31.76
C ILE C 7 11.57 37.07 31.40
N LEU C 8 10.86 38.18 31.18
CA LEU C 8 11.49 39.45 30.86
C LEU C 8 11.84 40.20 32.13
N ALA C 9 13.13 40.51 32.32
CA ALA C 9 13.58 41.17 33.54
C ALA C 9 14.71 42.13 33.23
N GLY C 10 14.60 42.84 32.11
CA GLY C 10 15.61 43.79 31.69
C GLY C 10 15.47 45.11 32.42
N GLY C 11 14.24 45.63 32.44
CA GLY C 11 13.98 46.99 32.85
C GLY C 11 14.28 47.29 34.31
N LEU C 12 14.00 48.55 34.67
CA LEU C 12 14.38 49.15 35.94
C LEU C 12 13.16 49.38 36.83
N GLY C 13 13.44 49.69 38.09
CA GLY C 13 12.41 50.07 39.04
C GLY C 13 12.34 51.57 39.25
N LYS C 21 14.25 49.55 41.98
CA LYS C 21 15.07 49.77 43.16
C LYS C 21 16.53 49.36 42.89
N THR C 22 17.35 49.30 43.97
CA THR C 22 18.69 48.73 43.99
C THR C 22 18.65 47.22 43.86
N MET C 23 17.45 46.74 43.56
CA MET C 23 16.98 45.36 43.41
C MET C 23 16.23 45.22 42.08
N PRO C 24 16.25 44.01 41.53
CA PRO C 24 15.26 43.71 40.50
C PRO C 24 13.90 43.59 41.15
N LYS C 25 12.86 44.09 40.48
CA LYS C 25 11.55 43.99 41.09
C LYS C 25 11.12 42.55 41.26
N GLY C 26 11.58 41.65 40.38
CA GLY C 26 11.26 40.24 40.58
C GLY C 26 11.73 39.70 41.92
N PHE C 27 12.65 40.39 42.58
CA PHE C 27 13.20 39.94 43.85
C PHE C 27 12.61 40.66 45.05
N LEU C 28 11.60 41.50 44.86
CA LEU C 28 10.77 41.91 45.99
C LEU C 28 10.13 40.67 46.60
N GLU C 29 10.08 40.60 47.93
CA GLU C 29 9.68 39.38 48.63
C GLU C 29 8.27 39.50 49.18
N ILE C 30 7.44 38.51 48.86
CA ILE C 30 6.13 38.33 49.47
C ILE C 30 6.04 36.95 50.09
N GLY C 31 5.50 36.88 51.31
CA GLY C 31 5.40 35.61 52.01
C GLY C 31 6.72 34.92 52.22
N GLY C 32 7.82 35.66 52.23
CA GLY C 32 9.14 35.11 52.49
C GLY C 32 9.93 34.77 51.25
N THR C 33 9.32 34.77 50.07
CA THR C 33 9.99 34.37 48.83
C THR C 33 9.84 35.46 47.78
N ALA C 34 10.93 35.69 47.03
CA ALA C 34 10.89 36.61 45.90
C ALA C 34 9.79 36.20 44.92
N ILE C 35 9.11 37.20 44.36
CA ILE C 35 7.92 36.93 43.55
C ILE C 35 8.28 36.23 42.26
N VAL C 36 9.42 36.58 41.65
CA VAL C 36 9.84 35.89 40.43
C VAL C 36 10.23 34.45 40.74
N GLU C 37 10.73 34.17 41.94
CA GLU C 37 11.01 32.79 42.30
C GLU C 37 9.72 31.98 42.42
N GLN C 38 8.66 32.61 42.95
CA GLN C 38 7.36 31.95 42.99
C GLN C 38 6.84 31.70 41.59
N SER C 39 7.10 32.64 40.67
CA SER C 39 6.73 32.42 39.27
C SER C 39 7.47 31.22 38.69
N VAL C 40 8.77 31.13 38.96
CA VAL C 40 9.56 29.99 38.51
C VAL C 40 9.00 28.70 39.09
N GLN C 41 8.63 28.70 40.37
CA GLN C 41 8.12 27.50 41.01
C GLN C 41 6.79 27.05 40.39
N LYS C 42 5.89 28.00 40.14
CA LYS C 42 4.62 27.66 39.50
C LYS C 42 4.83 27.13 38.09
N LEU C 43 5.75 27.75 37.34
CA LEU C 43 6.04 27.29 35.98
C LEU C 43 6.56 25.86 36.00
N LEU C 44 7.54 25.58 36.87
CA LEU C 44 8.04 24.21 37.00
C LEU C 44 6.93 23.27 37.43
N ALA C 45 6.06 23.72 38.34
CA ALA C 45 4.95 22.88 38.78
C ALA C 45 4.01 22.52 37.64
N HIS C 46 3.94 23.35 36.60
CA HIS C 46 3.11 23.02 35.46
C HIS C 46 3.89 22.34 34.33
N GLY C 47 5.12 21.89 34.59
CA GLY C 47 5.84 21.07 33.65
C GLY C 47 6.80 21.79 32.72
N ILE C 48 7.09 23.07 32.97
CA ILE C 48 8.06 23.77 32.14
C ILE C 48 9.43 23.14 32.33
N GLU C 49 10.13 22.92 31.22
CA GLU C 49 11.47 22.33 31.27
C GLU C 49 12.59 23.34 31.17
N LYS C 50 12.36 24.49 30.52
CA LYS C 50 13.40 25.49 30.33
C LYS C 50 12.81 26.88 30.50
N ILE C 51 13.41 27.68 31.39
CA ILE C 51 12.99 29.05 31.62
C ILE C 51 14.15 29.97 31.24
N VAL C 52 13.96 30.74 30.17
CA VAL C 52 14.96 31.71 29.73
C VAL C 52 14.61 33.06 30.33
N ILE C 53 15.49 33.58 31.18
CA ILE C 53 15.28 34.85 31.85
C ILE C 53 16.19 35.88 31.20
N GLY C 54 15.57 36.87 30.55
CA GLY C 54 16.32 37.99 30.04
C GLY C 54 16.58 39.00 31.12
N THR C 55 17.86 39.17 31.48
CA THR C 55 18.30 39.99 32.60
C THR C 55 18.95 41.27 32.08
N GLY C 56 18.99 42.29 32.94
CA GLY C 56 19.68 43.53 32.62
C GLY C 56 20.30 44.18 33.83
N HIS C 57 19.57 45.15 34.39
CA HIS C 57 19.98 45.84 35.61
C HIS C 57 20.07 44.84 36.74
N CYS C 58 21.22 44.78 37.42
CA CYS C 58 21.38 43.89 38.59
C CYS C 58 21.18 42.42 38.22
N ASN C 59 21.84 41.99 37.14
CA ASN C 59 21.75 40.62 36.64
C ASN C 59 22.20 39.55 37.65
N GLU C 60 23.13 39.90 38.55
CA GLU C 60 23.68 38.92 39.47
C GLU C 60 22.61 38.20 40.29
N TYR C 61 21.53 38.91 40.66
CA TYR C 61 20.44 38.27 41.39
C TYR C 61 19.89 37.07 40.64
N TYR C 62 19.53 37.26 39.37
CA TYR C 62 18.99 36.16 38.58
C TYR C 62 20.05 35.10 38.33
N ASP C 63 21.31 35.51 38.12
CA ASP C 63 22.37 34.53 37.95
C ASP C 63 22.52 33.64 39.17
N ASN C 64 22.31 34.19 40.36
CA ASN C 64 22.39 33.39 41.57
C ASN C 64 21.15 32.52 41.75
N LEU C 65 19.98 33.04 41.37
CA LEU C 65 18.77 32.23 41.44
C LEU C 65 18.87 31.03 40.51
N ALA C 66 19.57 31.17 39.38
CA ALA C 66 19.72 30.06 38.45
C ALA C 66 20.48 28.89 39.06
N LYS C 67 21.33 29.16 40.06
CA LYS C 67 22.04 28.08 40.74
C LYS C 67 21.10 27.17 41.53
N LYS C 68 19.92 27.65 41.89
CA LYS C 68 18.95 26.81 42.61
C LYS C 68 17.99 26.08 41.68
N TYR C 69 17.94 26.44 40.41
CA TYR C 69 16.98 25.88 39.47
C TYR C 69 17.70 25.59 38.16
N PRO C 70 18.05 24.33 37.90
CA PRO C 70 18.77 23.99 36.67
C PRO C 70 18.02 24.36 35.40
N ALA C 71 16.70 24.55 35.49
CA ALA C 71 15.91 24.94 34.33
C ALA C 71 16.16 26.38 33.89
N ILE C 72 16.74 27.21 34.76
CA ILE C 72 16.90 28.63 34.46
C ILE C 72 18.15 28.83 33.62
N ILE C 73 18.00 29.52 32.49
CA ILE C 73 19.10 30.06 31.71
C ILE C 73 18.97 31.57 31.75
N THR C 74 20.00 32.25 32.26
CA THR C 74 20.01 33.70 32.32
C THR C 74 20.77 34.24 31.11
N VAL C 75 20.10 35.07 30.32
CA VAL C 75 20.69 35.73 29.16
C VAL C 75 20.55 37.22 29.36
N LYS C 76 21.68 37.93 29.37
CA LYS C 76 21.66 39.35 29.68
C LYS C 76 21.52 40.19 28.43
N ASN C 77 20.62 41.17 28.47
CA ASN C 77 20.52 42.23 27.47
C ASN C 77 21.49 43.34 27.89
N GLU C 78 22.69 43.33 27.30
CA GLU C 78 23.73 44.27 27.72
C GLU C 78 23.34 45.72 27.44
N ASN C 79 22.49 45.95 26.46
CA ASN C 79 22.01 47.30 26.13
C ASN C 79 20.64 47.56 26.73
N TYR C 80 20.42 47.11 27.98
CA TYR C 80 19.10 47.20 28.59
C TYR C 80 18.70 48.63 28.89
N ALA C 81 19.67 49.51 29.16
CA ALA C 81 19.35 50.88 29.52
C ALA C 81 18.90 51.69 28.31
N ASN C 82 19.24 51.24 27.09
CA ASN C 82 18.87 51.93 25.87
C ASN C 82 17.83 51.20 25.06
N THR C 83 17.25 50.12 25.59
CA THR C 83 16.22 49.36 24.88
C THR C 83 15.00 49.15 25.76
N GLY C 84 13.95 48.61 25.14
CA GLY C 84 12.75 48.21 25.83
C GLY C 84 12.69 46.72 26.06
N SER C 85 11.47 46.22 26.27
CA SER C 85 11.28 44.80 26.57
C SER C 85 11.52 43.92 25.34
N MET C 86 11.25 44.43 24.13
CA MET C 86 11.47 43.63 22.94
C MET C 86 12.95 43.32 22.73
N GLY C 87 13.85 44.21 23.18
CA GLY C 87 15.27 43.91 23.07
C GLY C 87 15.67 42.74 23.96
N THR C 88 15.20 42.74 25.21
CA THR C 88 15.37 41.59 26.07
C THR C 88 14.78 40.33 25.43
N LEU C 89 13.60 40.45 24.83
CA LEU C 89 12.98 39.29 24.19
C LEU C 89 13.82 38.74 23.04
N GLU C 90 14.32 39.61 22.16
CA GLU C 90 15.15 39.12 21.05
C GLU C 90 16.43 38.50 21.57
N VAL C 91 17.01 39.06 22.64
CA VAL C 91 18.19 38.44 23.24
C VAL C 91 17.84 37.03 23.71
N CYS C 92 16.65 36.85 24.29
CA CYS C 92 16.23 35.52 24.73
C CYS C 92 15.89 34.59 23.57
N ALA C 93 15.46 35.15 22.44
CA ALA C 93 14.77 34.36 21.41
C ALA C 93 15.64 33.29 20.79
N SER C 94 16.97 33.45 20.80
CA SER C 94 17.83 32.41 20.26
C SER C 94 17.79 31.14 21.09
N PHE C 95 17.33 31.22 22.34
CA PHE C 95 17.28 30.09 23.25
C PHE C 95 15.91 29.43 23.29
N VAL C 96 14.98 29.85 22.42
CA VAL C 96 13.62 29.34 22.41
C VAL C 96 13.43 28.50 21.16
N ASN C 97 12.99 27.24 21.34
CA ASN C 97 12.84 26.32 20.22
C ASN C 97 11.40 25.93 19.92
N GLU C 98 10.47 26.13 20.85
CA GLU C 98 9.11 25.63 20.70
C GLU C 98 8.13 26.70 21.12
N SER C 99 6.85 26.33 21.19
CA SER C 99 5.85 27.18 21.79
C SER C 99 6.21 27.41 23.25
N PHE C 100 5.88 28.60 23.75
CA PHE C 100 6.44 29.02 25.03
C PHE C 100 5.49 30.00 25.72
N LEU C 101 5.72 30.14 27.02
CA LEU C 101 5.04 31.13 27.84
C LEU C 101 5.95 32.33 28.04
N LEU C 102 5.39 33.52 27.86
CA LEU C 102 6.09 34.80 27.99
C LEU C 102 5.54 35.50 29.22
N LEU C 103 6.42 35.79 30.18
CA LEU C 103 6.03 36.39 31.45
C LEU C 103 6.94 37.56 31.78
N GLU C 104 6.36 38.56 32.44
CA GLU C 104 7.14 39.64 33.01
C GLU C 104 7.51 39.30 34.44
N SER C 105 8.65 39.83 34.89
CA SER C 105 9.23 39.39 36.16
C SER C 105 8.52 39.93 37.39
N ASP C 106 7.75 41.01 37.25
CA ASP C 106 7.13 41.69 38.37
C ASP C 106 5.71 41.22 38.65
N LEU C 107 5.32 40.05 38.17
CA LEU C 107 3.93 39.61 38.27
C LEU C 107 3.73 38.74 39.50
N ILE C 108 2.57 38.90 40.14
CA ILE C 108 2.02 37.87 41.01
C ILE C 108 0.67 37.47 40.40
N TYR C 109 0.40 36.18 40.39
CA TYR C 109 -0.74 35.70 39.63
C TYR C 109 -1.23 34.37 40.18
N ASP C 110 -2.52 34.11 39.97
CA ASP C 110 -3.09 32.80 40.20
C ASP C 110 -2.50 31.81 39.21
N SER C 111 -1.90 30.73 39.73
CA SER C 111 -1.27 29.74 38.85
C SER C 111 -2.27 29.09 37.90
N ALA C 112 -3.56 29.14 38.23
CA ALA C 112 -4.58 28.59 37.33
C ALA C 112 -4.43 29.16 35.92
N GLY C 113 -4.05 30.43 35.81
CA GLY C 113 -3.80 31.02 34.51
C GLY C 113 -2.89 30.17 33.65
N LEU C 114 -1.75 29.76 34.20
CA LEU C 114 -0.87 28.82 33.50
C LEU C 114 -1.68 27.62 33.01
N PHE C 115 -2.34 26.92 33.94
CA PHE C 115 -3.16 25.78 33.58
C PHE C 115 -4.13 26.16 32.48
N SER C 116 -4.74 27.34 32.57
CA SER C 116 -5.68 27.76 31.55
C SER C 116 -4.99 27.90 30.20
N LEU C 117 -3.88 28.65 30.17
CA LEU C 117 -3.21 28.91 28.89
C LEU C 117 -2.71 27.62 28.27
N ILE C 118 -2.21 26.69 29.09
CA ILE C 118 -1.70 25.44 28.57
C ILE C 118 -2.83 24.58 28.02
N ASN C 119 -4.03 24.66 28.61
CA ASN C 119 -5.12 23.77 28.23
C ASN C 119 -6.01 24.34 27.14
N ASP C 120 -5.71 25.52 26.62
CA ASP C 120 -6.46 26.09 25.51
C ASP C 120 -5.87 25.63 24.18
N GLU C 121 -6.73 25.23 23.24
CA GLU C 121 -6.25 24.77 21.93
C GLU C 121 -5.49 25.85 21.20
N ARG C 122 -5.87 27.11 21.37
CA ARG C 122 -5.33 28.17 20.52
C ARG C 122 -3.85 28.34 20.81
N LYS C 123 -3.05 28.32 19.75
CA LYS C 123 -1.60 28.26 19.91
C LYS C 123 -1.00 29.60 20.31
N ASN C 124 -1.56 30.70 19.80
CA ASN C 124 -1.16 32.05 20.20
C ASN C 124 -2.30 32.67 21.00
N LEU C 125 -2.05 32.97 22.26
CA LEU C 125 -3.13 33.29 23.20
C LEU C 125 -2.62 34.24 24.27
N ILE C 126 -3.26 35.41 24.38
CA ILE C 126 -2.93 36.42 25.39
C ILE C 126 -3.87 36.24 26.57
N LEU C 127 -3.30 36.16 27.78
CA LEU C 127 -4.12 36.14 28.98
C LEU C 127 -4.53 37.55 29.36
N ALA C 128 -5.83 37.75 29.57
CA ALA C 128 -6.38 39.05 29.94
C ALA C 128 -7.35 38.89 31.10
N SER C 129 -7.48 39.95 31.89
CA SER C 129 -8.39 39.99 33.02
C SER C 129 -9.45 41.07 32.82
N GLY C 130 -10.42 41.08 33.73
CA GLY C 130 -11.42 42.11 33.79
C GLY C 130 -10.86 43.39 34.37
N ALA C 131 -11.77 44.31 34.71
CA ALA C 131 -11.37 45.60 35.25
C ALA C 131 -10.59 45.42 36.54
N THR C 132 -9.32 45.80 36.52
CA THR C 132 -8.47 45.77 37.70
C THR C 132 -8.45 47.10 38.44
N LYS C 133 -8.95 48.17 37.82
CA LYS C 133 -8.91 49.53 38.38
C LYS C 133 -7.60 49.79 39.10
N SER C 134 -6.51 49.64 38.36
CA SER C 134 -5.16 49.84 38.81
C SER C 134 -4.61 51.12 38.19
N GLY C 135 -3.29 51.26 38.18
CA GLY C 135 -2.64 52.44 37.61
C GLY C 135 -2.40 52.45 36.12
N ASP C 136 -1.41 51.68 35.63
CA ASP C 136 -1.03 51.68 34.22
C ASP C 136 -1.86 50.56 33.60
N GLU C 137 -2.99 50.83 32.99
CA GLU C 137 -3.65 49.68 32.42
C GLU C 137 -3.35 49.57 30.94
N VAL C 138 -3.09 48.34 30.50
CA VAL C 138 -2.88 48.01 29.11
C VAL C 138 -4.18 47.39 28.63
N TYR C 139 -4.87 48.11 27.76
CA TYR C 139 -6.18 47.71 27.25
C TYR C 139 -6.03 47.04 25.89
N LEU C 140 -6.85 46.02 25.66
CA LEU C 140 -6.81 45.23 24.43
C LEU C 140 -8.13 45.36 23.66
N GLU C 141 -8.00 45.49 22.34
CA GLU C 141 -9.09 45.66 21.38
C GLU C 141 -9.18 44.37 20.56
N ALA C 142 -10.37 43.74 20.56
CA ALA C 142 -10.56 42.43 19.94
C ALA C 142 -11.67 42.48 18.89
N ASP C 143 -11.63 41.51 17.96
CA ASP C 143 -12.55 41.37 16.83
C ASP C 143 -13.67 40.37 17.09
N GLU C 144 -14.45 40.01 16.03
CA GLU C 144 -15.48 38.99 16.24
C GLU C 144 -14.90 37.68 16.78
N LYS C 145 -13.67 37.31 16.42
CA LYS C 145 -13.12 36.02 16.85
C LYS C 145 -12.25 36.17 18.10
N ASN C 146 -12.42 37.28 18.83
CA ASN C 146 -11.67 37.56 20.04
C ASN C 146 -10.17 37.50 19.79
N CYS C 147 -9.76 37.95 18.60
CA CYS C 147 -8.35 38.06 18.23
C CYS C 147 -7.91 39.51 18.34
N LEU C 148 -6.63 39.71 18.63
CA LEU C 148 -6.12 41.05 18.92
C LEU C 148 -6.24 41.95 17.69
N THR C 149 -6.92 43.08 17.87
CA THR C 149 -6.99 44.08 16.83
C THR C 149 -6.32 45.39 17.22
N GLY C 150 -6.22 45.69 18.51
CA GLY C 150 -5.64 46.93 18.99
C GLY C 150 -5.12 46.80 20.40
N LEU C 151 -4.20 47.68 20.76
CA LEU C 151 -3.63 47.67 22.11
C LEU C 151 -3.23 49.08 22.46
N SER C 152 -3.69 49.57 23.62
CA SER C 152 -3.30 50.92 24.02
C SER C 152 -3.48 51.08 25.51
N LYS C 153 -2.73 52.03 26.07
CA LYS C 153 -2.83 52.40 27.48
C LYS C 153 -3.86 53.49 27.71
N ASN C 154 -4.51 53.96 26.65
CA ASN C 154 -5.59 54.94 26.73
C ASN C 154 -6.84 54.30 26.15
N ARG C 155 -7.93 54.32 26.92
CA ARG C 155 -9.14 53.64 26.48
C ARG C 155 -9.72 54.30 25.23
N ASP C 156 -9.63 55.62 25.12
CA ASP C 156 -10.04 56.35 23.91
C ASP C 156 -8.93 56.24 22.87
N ALA C 157 -8.92 55.11 22.16
CA ALA C 157 -8.01 54.85 21.07
C ALA C 157 -8.39 53.50 20.49
N LEU C 158 -9.21 52.77 21.25
CA LEU C 158 -9.62 51.42 20.88
C LEU C 158 -11.12 51.43 20.61
N LYS C 159 -11.53 50.71 19.57
CA LYS C 159 -12.93 50.63 19.16
C LYS C 159 -13.76 49.80 20.12
N ASN C 160 -13.12 48.84 20.81
CA ASN C 160 -13.75 48.09 21.86
C ASN C 160 -12.66 47.75 22.87
N ILE C 161 -13.06 47.36 24.06
CA ILE C 161 -12.10 46.94 25.09
C ILE C 161 -12.49 45.55 25.57
N PHE C 162 -11.69 44.56 25.17
CA PHE C 162 -11.96 43.17 25.52
C PHE C 162 -11.43 42.80 26.90
N GLY C 163 -10.33 43.43 27.33
CA GLY C 163 -9.78 43.12 28.64
C GLY C 163 -8.49 43.90 28.85
N GLU C 164 -7.80 43.54 29.93
CA GLU C 164 -6.54 44.17 30.28
C GLU C 164 -5.40 43.15 30.23
N LEU C 165 -4.29 43.57 29.62
CA LEU C 165 -3.13 42.68 29.48
C LEU C 165 -2.57 42.30 30.85
N VAL C 166 -2.38 41.01 31.07
CA VAL C 166 -1.82 40.51 32.33
C VAL C 166 -0.30 40.50 32.31
N GLY C 167 0.29 40.11 31.18
CA GLY C 167 1.71 39.88 31.08
C GLY C 167 2.11 38.42 31.02
N ILE C 168 1.16 37.51 30.85
CA ILE C 168 1.43 36.10 30.60
C ILE C 168 0.78 35.76 29.26
N THR C 169 1.59 35.30 28.32
CA THR C 169 1.11 35.07 26.96
C THR C 169 1.69 33.77 26.42
N LYS C 170 0.89 33.02 25.66
CA LYS C 170 1.38 31.80 25.03
C LYS C 170 1.61 32.07 23.54
N LEU C 171 2.81 31.74 23.06
CA LEU C 171 3.19 32.10 21.70
C LEU C 171 3.91 30.94 21.05
N THR C 172 3.78 30.85 19.73
CA THR C 172 4.55 29.89 18.96
C THR C 172 5.91 30.50 18.59
N LYS C 173 6.86 29.63 18.23
CA LYS C 173 8.16 30.10 17.78
C LYS C 173 8.04 30.95 16.52
N SER C 174 7.07 30.64 15.66
CA SER C 174 6.86 31.44 14.45
C SER C 174 6.43 32.86 14.79
N THR C 175 5.52 33.01 15.76
CA THR C 175 5.09 34.33 16.17
C THR C 175 6.26 35.12 16.75
N LEU C 176 7.11 34.45 17.54
CA LEU C 176 8.30 35.10 18.07
C LEU C 176 9.25 35.50 16.96
N ASP C 177 9.38 34.67 15.93
CA ASP C 177 10.21 35.02 14.79
C ASP C 177 9.71 36.27 14.09
N LYS C 178 8.39 36.37 13.87
CA LYS C 178 7.85 37.58 13.26
C LYS C 178 8.08 38.79 14.14
N MET C 179 7.86 38.65 15.45
CA MET C 179 8.09 39.77 16.36
C MET C 179 9.55 40.22 16.31
N CYS C 180 10.47 39.27 16.24
CA CYS C 180 11.88 39.62 16.23
C CYS C 180 12.27 40.27 14.91
N ALA C 181 11.74 39.77 13.79
CA ALA C 181 12.04 40.40 12.50
C ALA C 181 11.55 41.85 12.48
N TYR C 182 10.32 42.07 12.95
CA TYR C 182 9.81 43.43 13.04
C TYR C 182 10.65 44.28 13.98
N ALA C 183 11.22 43.68 15.03
CA ALA C 183 12.06 44.45 15.93
C ALA C 183 13.38 44.84 15.28
N LYS C 184 14.01 43.90 14.58
CA LYS C 184 15.29 44.20 13.93
C LYS C 184 15.11 45.29 12.89
N ILE C 185 14.04 45.21 12.08
CA ILE C 185 13.83 46.22 11.04
C ILE C 185 13.76 47.62 11.63
N HIS C 186 13.38 47.75 12.90
CA HIS C 186 13.13 49.04 13.53
C HIS C 186 14.07 49.32 14.70
N HIS C 187 15.28 48.75 14.69
CA HIS C 187 16.22 49.01 15.77
C HIS C 187 16.66 50.46 15.82
N SER C 188 16.69 51.14 14.67
CA SER C 188 17.15 52.52 14.63
C SER C 188 16.06 53.49 15.04
N ASP C 189 14.86 53.33 14.48
CA ASP C 189 13.76 54.25 14.76
C ASP C 189 13.16 54.00 16.14
N LEU C 190 12.95 52.74 16.51
CA LEU C 190 12.25 52.38 17.75
C LEU C 190 13.17 51.53 18.64
N PRO C 191 14.26 52.11 19.16
CA PRO C 191 15.19 51.30 19.97
C PRO C 191 14.61 50.86 21.31
N LYS C 192 13.54 51.51 21.79
CA LYS C 192 12.92 51.18 23.06
C LYS C 192 11.50 50.62 22.88
N MET C 193 11.29 49.89 21.78
CA MET C 193 9.99 49.26 21.51
C MET C 193 9.62 48.31 22.65
N GLU C 194 8.33 48.28 23.05
CA GLU C 194 7.90 47.30 24.04
C GLU C 194 7.48 46.06 23.27
N TYR C 195 7.50 44.88 23.93
CA TYR C 195 7.09 43.65 23.27
C TYR C 195 5.61 43.62 22.91
N GLU C 196 4.78 44.34 23.68
CA GLU C 196 3.36 44.42 23.35
C GLU C 196 3.15 44.98 21.95
N HIS C 197 3.97 45.96 21.57
CA HIS C 197 3.88 46.55 20.23
C HIS C 197 4.21 45.53 19.15
N ALA C 198 5.29 44.79 19.34
CA ALA C 198 5.68 43.79 18.35
C ALA C 198 4.61 42.70 18.22
N LEU C 199 4.01 42.29 19.34
CA LEU C 199 2.95 41.30 19.26
C LEU C 199 1.72 41.87 18.55
N LEU C 200 1.38 43.14 18.82
CA LEU C 200 0.25 43.75 18.13
C LEU C 200 0.47 43.78 16.63
N GLU C 201 1.69 44.11 16.17
CA GLU C 201 1.95 44.12 14.74
C GLU C 201 1.92 42.70 14.17
N ALA C 202 2.51 41.74 14.90
CA ALA C 202 2.46 40.34 14.46
C ALA C 202 1.03 39.84 14.36
N ALA C 203 0.12 40.40 15.16
CA ALA C 203 -1.27 40.01 15.14
C ALA C 203 -1.97 40.43 13.86
N LYS C 204 -1.35 41.30 13.05
CA LYS C 204 -1.98 41.69 11.79
C LYS C 204 -1.92 40.58 10.75
N THR C 205 -0.87 39.75 10.80
CA THR C 205 -0.73 38.63 9.89
C THR C 205 -0.90 37.26 10.54
N ILE C 206 -0.83 37.18 11.87
CA ILE C 206 -0.99 35.94 12.60
C ILE C 206 -2.12 36.13 13.60
N PRO C 207 -3.15 35.26 13.60
CA PRO C 207 -4.23 35.41 14.57
C PRO C 207 -3.75 35.15 15.99
N VAL C 208 -3.75 36.18 16.84
CA VAL C 208 -3.37 36.04 18.24
C VAL C 208 -4.62 36.29 19.07
N ALA C 209 -5.18 35.22 19.62
CA ALA C 209 -6.41 35.32 20.38
C ALA C 209 -6.17 35.83 21.80
N ILE C 210 -7.24 36.28 22.43
CA ILE C 210 -7.19 36.75 23.81
C ILE C 210 -8.16 35.91 24.62
N LYS C 211 -7.65 35.32 25.71
CA LYS C 211 -8.48 34.58 26.65
C LYS C 211 -8.75 35.47 27.85
N ARG C 212 -10.03 35.84 28.04
CA ARG C 212 -10.42 36.80 29.03
C ARG C 212 -10.96 36.08 30.25
N ILE C 213 -10.18 36.08 31.33
CA ILE C 213 -10.64 35.61 32.63
C ILE C 213 -11.08 36.84 33.42
N GLU C 214 -12.39 37.07 33.50
CA GLU C 214 -12.91 38.30 34.08
C GLU C 214 -12.43 38.52 35.51
N TYR C 215 -12.43 37.47 36.33
CA TYR C 215 -12.10 37.60 37.74
C TYR C 215 -10.72 37.06 38.06
N PHE C 216 -9.83 36.99 37.07
CA PHE C 216 -8.48 36.54 37.28
C PHE C 216 -7.78 37.43 38.31
N VAL C 217 -7.13 36.80 39.28
CA VAL C 217 -6.46 37.49 40.37
C VAL C 217 -4.98 37.59 40.03
N TRP C 218 -4.47 38.82 39.97
CA TRP C 218 -3.10 39.09 39.55
C TRP C 218 -2.79 40.54 39.86
N ARG C 219 -1.49 40.86 39.87
CA ARG C 219 -1.08 42.25 39.98
C ARG C 219 0.37 42.41 39.52
N GLU C 220 0.64 43.56 38.90
CA GLU C 220 2.02 43.98 38.60
C GLU C 220 2.61 44.71 39.80
N ILE C 221 3.83 44.31 40.18
CA ILE C 221 4.52 44.93 41.31
C ILE C 221 5.69 45.76 40.80
N ASP C 222 5.41 46.93 40.25
CA ASP C 222 6.43 47.81 39.70
C ASP C 222 6.64 49.07 40.53
N ASN C 223 5.56 49.61 41.06
CA ASN C 223 5.44 50.83 41.81
C ASN C 223 5.51 50.57 43.32
N GLU C 224 5.18 51.59 44.11
CA GLU C 224 4.91 51.40 45.53
C GLU C 224 3.43 51.17 45.84
N ASP C 225 2.51 51.82 45.11
CA ASP C 225 1.08 51.60 45.33
C ASP C 225 0.70 50.13 45.18
N HIS C 226 1.00 49.54 44.02
CA HIS C 226 0.63 48.13 43.81
C HIS C 226 1.41 47.22 44.74
N LEU C 227 2.65 47.57 45.03
CA LEU C 227 3.45 46.78 45.97
C LEU C 227 2.73 46.64 47.31
N GLU C 228 2.17 47.73 47.82
CA GLU C 228 1.53 47.71 49.14
C GLU C 228 0.08 47.24 49.10
N MET C 229 -0.67 47.50 48.03
CA MET C 229 -2.01 46.93 47.90
C MET C 229 -1.97 45.42 47.63
N ALA C 230 -0.87 44.90 47.08
CA ALA C 230 -0.78 43.46 46.82
C ALA C 230 -0.65 42.66 48.12
N VAL C 231 0.17 43.15 49.06
CA VAL C 231 0.37 42.44 50.32
C VAL C 231 -0.93 42.34 51.12
N LYS C 232 -1.79 43.34 51.00
CA LYS C 232 -3.01 43.37 51.83
C LYS C 232 -4.20 42.68 51.16
N ASN C 233 -4.37 42.83 49.85
CA ASN C 233 -5.58 42.35 49.17
C ASN C 233 -5.32 41.24 48.17
N ILE C 234 -4.39 41.43 47.24
CA ILE C 234 -4.29 40.52 46.10
C ILE C 234 -3.64 39.20 46.48
N TYR C 235 -2.54 39.25 47.23
CA TYR C 235 -1.75 38.06 47.53
C TYR C 235 -2.48 37.05 48.42
N PRO C 236 -3.17 37.48 49.49
CA PRO C 236 -4.01 36.50 50.22
C PRO C 236 -5.05 35.85 49.33
N HIS C 237 -5.61 36.60 48.38
CA HIS C 237 -6.56 36.04 47.44
C HIS C 237 -5.91 34.96 46.58
N ILE C 238 -4.70 35.24 46.09
CA ILE C 238 -3.98 34.26 45.28
C ILE C 238 -3.68 33.01 46.10
N VAL C 239 -3.23 33.19 47.34
CA VAL C 239 -2.90 32.06 48.20
C VAL C 239 -4.13 31.19 48.47
N GLU C 240 -5.27 31.83 48.75
CA GLU C 240 -6.51 31.11 48.95
C GLU C 240 -6.89 30.32 47.70
N ASN C 241 -6.87 30.98 46.54
CA ASN C 241 -7.23 30.30 45.30
C ASN C 241 -6.35 29.10 45.05
N GLU C 242 -5.04 29.23 45.31
CA GLU C 242 -4.13 28.12 45.01
C GLU C 242 -4.28 26.98 46.02
N LYS C 243 -4.51 27.31 47.30
CA LYS C 243 -4.71 26.26 48.28
C LYS C 243 -6.07 25.58 48.13
N LEU C 244 -7.01 26.20 47.42
CA LEU C 244 -8.26 25.52 47.10
C LEU C 244 -8.01 24.22 46.34
N ARG C 245 -6.89 24.12 45.62
CA ARG C 245 -6.53 22.93 44.87
C ARG C 245 -5.57 22.02 45.62
N ALA C 246 -5.18 22.38 46.84
CA ALA C 246 -4.24 21.56 47.60
C ALA C 246 -4.89 20.25 48.03
N VAL C 247 -4.11 19.17 47.99
CA VAL C 247 -4.54 17.83 48.34
C VAL C 247 -4.16 17.54 49.78
N ARG C 248 -4.96 16.71 50.45
CA ARG C 248 -4.64 16.32 51.82
C ARG C 248 -3.27 15.68 51.87
N ARG C 249 -2.42 16.16 52.79
CA ARG C 249 -1.05 15.67 52.90
C ARG C 249 -1.01 14.56 53.93
N GLU C 250 -0.82 13.33 53.46
CA GLU C 250 -0.52 12.20 54.31
C GLU C 250 0.98 11.92 54.24
N VAL C 251 1.63 11.87 55.41
CA VAL C 251 3.05 11.58 55.49
C VAL C 251 3.17 10.06 55.56
N LEU C 252 3.57 9.46 54.45
CA LEU C 252 3.66 8.00 54.35
C LEU C 252 5.07 7.56 54.74
N LEU C 253 5.16 6.68 55.73
CA LEU C 253 6.44 6.13 56.17
C LEU C 253 6.59 4.67 55.75
N ASN C 254 5.92 4.28 54.67
CA ASN C 254 6.11 2.98 54.04
C ASN C 254 7.01 3.11 52.83
N PRO C 255 7.72 2.05 52.44
CA PRO C 255 8.66 2.17 51.32
C PRO C 255 8.04 2.01 49.96
N GLY C 256 6.71 1.89 49.89
CA GLY C 256 6.04 1.70 48.62
C GLY C 256 5.71 3.05 48.03
N PRO C 257 4.49 3.20 47.53
CA PRO C 257 3.98 4.54 47.24
C PRO C 257 4.11 5.44 48.46
N ALA C 258 4.86 6.52 48.34
CA ALA C 258 5.10 7.44 49.43
C ALA C 258 4.39 8.76 49.15
N THR C 259 4.67 9.76 49.98
CA THR C 259 4.09 11.08 49.80
C THR C 259 4.65 11.75 48.56
N THR C 260 3.78 12.29 47.74
CA THR C 260 4.18 12.97 46.52
C THR C 260 3.84 14.45 46.58
N THR C 261 4.49 15.22 45.72
CA THR C 261 4.13 16.61 45.53
C THR C 261 2.82 16.70 44.77
N ASP C 262 2.07 17.77 45.03
CA ASP C 262 0.79 17.97 44.36
C ASP C 262 0.96 18.25 42.88
N SER C 263 2.12 18.78 42.48
CA SER C 263 2.37 18.97 41.05
C SER C 263 2.46 17.63 40.33
N VAL C 264 3.14 16.66 40.93
CA VAL C 264 3.16 15.31 40.37
C VAL C 264 1.76 14.73 40.33
N LYS C 265 0.97 14.96 41.38
CA LYS C 265 -0.41 14.48 41.42
C LYS C 265 -1.20 15.03 40.24
N TYR C 266 -1.09 16.33 39.98
CA TYR C 266 -1.88 16.97 38.94
C TYR C 266 -1.32 16.69 37.55
N ALA C 267 -0.07 16.26 37.44
CA ALA C 267 0.48 15.86 36.14
C ALA C 267 -0.35 14.74 35.50
N GLN C 268 -1.08 13.95 36.29
CA GLN C 268 -1.99 12.96 35.72
C GLN C 268 -3.15 13.59 34.98
N VAL C 269 -3.48 14.84 35.28
CA VAL C 269 -4.64 15.50 34.68
C VAL C 269 -4.18 16.14 33.38
N SER C 270 -4.62 15.58 32.26
CA SER C 270 -4.16 16.02 30.95
C SER C 270 -5.22 15.66 29.92
N ALA C 271 -5.10 16.28 28.75
CA ALA C 271 -5.97 15.95 27.64
C ALA C 271 -5.85 14.48 27.27
N ASP C 272 -6.97 13.87 26.92
CA ASP C 272 -6.96 12.50 26.43
C ASP C 272 -6.18 12.43 25.12
N ILE C 273 -5.38 11.38 24.98
CA ILE C 273 -4.52 11.21 23.82
C ILE C 273 -4.49 9.75 23.43
N CYS C 274 -4.48 9.49 22.12
CA CYS C 274 -4.27 8.13 21.64
C CYS C 274 -2.79 7.78 21.76
N PRO C 275 -2.45 6.68 22.42
CA PRO C 275 -1.02 6.38 22.67
C PRO C 275 -0.20 6.17 21.41
N ARG C 276 -0.83 5.90 20.26
CA ARG C 276 -0.08 5.70 19.02
C ARG C 276 0.43 7.02 18.44
N GLU C 277 -0.16 8.14 18.82
CA GLU C 277 0.21 9.43 18.25
C GLU C 277 1.68 9.76 18.50
N LYS C 278 2.25 10.56 17.58
CA LYS C 278 3.68 10.84 17.63
C LYS C 278 4.06 11.64 18.88
N ALA C 279 3.14 12.47 19.38
CA ALA C 279 3.43 13.21 20.61
C ALA C 279 3.66 12.27 21.78
N PHE C 280 2.85 11.21 21.88
CA PHE C 280 3.01 10.29 23.00
C PHE C 280 4.23 9.40 22.82
N GLY C 281 4.50 8.95 21.59
CA GLY C 281 5.75 8.25 21.34
C GLY C 281 6.96 9.09 21.68
N ASP C 282 6.87 10.40 21.42
CA ASP C 282 7.94 11.31 21.81
C ASP C 282 8.07 11.38 23.33
N LEU C 283 6.94 11.45 24.04
CA LEU C 283 6.98 11.41 25.50
C LEU C 283 7.66 10.15 26.00
N MET C 284 7.37 9.01 25.36
CA MET C 284 7.93 7.74 25.82
C MET C 284 9.42 7.67 25.54
N GLN C 285 9.85 8.14 24.36
CA GLN C 285 11.28 8.22 24.07
C GLN C 285 12.01 9.13 25.04
N TRP C 286 11.40 10.29 25.35
CA TRP C 286 11.97 11.21 26.33
C TRP C 286 12.12 10.53 27.69
N LEU C 287 11.08 9.82 28.14
CA LEU C 287 11.16 9.12 29.42
C LEU C 287 12.28 8.08 29.40
N CYS C 288 12.39 7.32 28.31
CA CYS C 288 13.46 6.32 28.22
C CYS C 288 14.83 6.98 28.32
N ASP C 289 15.03 8.09 27.62
CA ASP C 289 16.33 8.76 27.63
C ASP C 289 16.64 9.35 29.01
N GLU C 290 15.63 9.90 29.68
CA GLU C 290 15.88 10.61 30.95
C GLU C 290 16.03 9.65 32.12
N LEU C 291 15.26 8.57 32.16
CA LEU C 291 15.30 7.66 33.30
C LEU C 291 16.68 7.02 33.46
N LYS C 292 17.33 6.67 32.35
CA LYS C 292 18.62 5.98 32.44
C LYS C 292 19.72 6.87 33.00
N LEU C 293 19.64 8.19 32.80
CA LEU C 293 20.70 9.07 33.27
C LEU C 293 20.73 9.17 34.79
N PHE C 294 19.60 8.89 35.46
CA PHE C 294 19.60 8.85 36.91
C PHE C 294 20.38 7.68 37.46
N ALA C 295 20.81 6.74 36.61
CA ALA C 295 21.60 5.58 37.01
C ALA C 295 22.94 5.53 36.30
N LEU C 296 23.39 6.65 35.73
CA LEU C 296 24.66 6.73 35.03
C LEU C 296 25.38 8.00 35.47
N ALA C 297 26.69 7.87 35.71
CA ALA C 297 27.51 9.04 35.99
C ALA C 297 27.65 9.91 34.74
N SER C 298 27.98 11.18 34.96
CA SER C 298 28.16 12.11 33.84
C SER C 298 29.25 11.63 32.90
N GLU C 299 30.28 10.96 33.42
CA GLU C 299 31.39 10.48 32.63
C GLU C 299 31.02 9.29 31.75
N THR C 300 29.87 8.65 32.01
CA THR C 300 29.45 7.48 31.28
C THR C 300 28.65 7.89 30.05
N ASN C 301 28.94 7.26 28.92
CA ASN C 301 28.24 7.57 27.67
C ASN C 301 26.81 7.08 27.74
N PRO C 302 25.81 7.97 27.70
CA PRO C 302 24.41 7.51 27.77
C PRO C 302 23.99 6.65 26.60
N ASP C 303 24.72 6.70 25.48
CA ASP C 303 24.35 5.91 24.31
C ASP C 303 24.61 4.43 24.50
N GLU C 304 25.48 4.05 25.43
CA GLU C 304 25.73 2.64 25.70
C GLU C 304 24.60 1.96 26.44
N TYR C 305 23.53 2.68 26.78
CA TYR C 305 22.46 2.14 27.60
C TYR C 305 21.11 2.50 27.01
N GLU C 306 20.11 1.69 27.36
CA GLU C 306 18.75 1.90 26.91
C GLU C 306 17.80 1.67 28.08
N THR C 307 16.58 2.17 27.94
CA THR C 307 15.52 1.96 28.92
C THR C 307 14.33 1.30 28.25
N VAL C 308 13.77 0.30 28.92
CA VAL C 308 12.59 -0.43 28.44
C VAL C 308 11.52 -0.36 29.52
N MET C 309 10.36 0.19 29.17
CA MET C 309 9.28 0.43 30.13
C MET C 309 8.12 -0.51 29.89
N PHE C 310 7.41 -0.82 30.98
CA PHE C 310 6.25 -1.70 30.97
C PHE C 310 5.21 -1.11 31.91
N GLY C 311 3.94 -1.34 31.59
CA GLY C 311 2.88 -1.01 32.53
C GLY C 311 2.90 -2.06 33.62
N CYS C 312 3.44 -1.72 34.78
CA CYS C 312 4.04 -2.78 35.58
C CYS C 312 4.30 -2.29 37.00
N SER C 313 4.36 -3.25 37.91
CA SER C 313 4.96 -3.04 39.22
C SER C 313 6.46 -3.28 39.15
N GLY C 314 7.15 -3.03 40.26
CA GLY C 314 8.59 -3.30 40.30
C GLY C 314 8.91 -4.78 40.20
N THR C 315 8.15 -5.61 40.91
CA THR C 315 8.32 -7.06 40.80
C THR C 315 8.05 -7.53 39.37
N GLY C 316 7.14 -6.86 38.67
CA GLY C 316 6.94 -7.17 37.26
C GLY C 316 8.19 -6.93 36.43
N ALA C 317 8.91 -5.84 36.72
CA ALA C 317 10.17 -5.59 36.02
C ALA C 317 11.23 -6.62 36.39
N ASP C 318 11.23 -7.05 37.66
CA ASP C 318 12.10 -8.15 38.06
C ASP C 318 11.80 -9.40 37.24
N GLU C 319 10.51 -9.70 37.05
CA GLU C 319 10.14 -10.86 36.26
C GLU C 319 10.55 -10.67 34.80
N VAL C 320 10.41 -9.45 34.28
CA VAL C 320 10.91 -9.12 32.95
C VAL C 320 12.38 -9.54 32.82
N MET C 321 13.20 -9.06 33.75
CA MET C 321 14.64 -9.35 33.69
C MET C 321 14.91 -10.85 33.80
N VAL C 322 14.30 -11.50 34.79
CA VAL C 322 14.64 -12.90 35.06
C VAL C 322 14.16 -13.79 33.92
N SER C 323 12.99 -13.49 33.35
CA SER C 323 12.40 -14.30 32.28
C SER C 323 12.84 -13.90 30.89
N SER C 324 13.66 -12.84 30.75
CA SER C 324 14.10 -12.44 29.43
C SER C 324 15.61 -12.45 29.23
N CYS C 325 16.42 -12.52 30.30
CA CYS C 325 17.85 -12.31 30.19
C CYS C 325 18.67 -13.59 30.39
N VAL C 326 18.06 -14.70 30.75
CA VAL C 326 18.82 -15.92 31.06
C VAL C 326 18.37 -17.05 30.14
N PRO C 327 19.19 -17.46 29.18
CA PRO C 327 18.79 -18.55 28.29
C PRO C 327 18.94 -19.90 28.97
N ASP C 328 18.19 -20.88 28.44
CA ASP C 328 18.27 -22.24 28.96
C ASP C 328 19.67 -22.82 28.87
N THR C 329 20.53 -22.27 28.01
CA THR C 329 21.91 -22.73 27.90
C THR C 329 22.75 -22.43 29.14
N GLY C 330 22.40 -21.40 29.91
CA GLY C 330 23.23 -20.95 31.00
C GLY C 330 22.76 -21.45 32.37
N ARG C 331 23.33 -20.85 33.41
CA ARG C 331 22.95 -21.13 34.78
C ARG C 331 23.04 -19.85 35.60
N LEU C 332 21.99 -19.56 36.36
CA LEU C 332 21.86 -18.32 37.10
C LEU C 332 22.11 -18.56 38.59
N LEU C 333 22.90 -17.69 39.21
CA LEU C 333 23.08 -17.66 40.65
C LEU C 333 22.26 -16.52 41.23
N VAL C 334 21.33 -16.84 42.13
CA VAL C 334 20.44 -15.86 42.73
C VAL C 334 20.85 -15.65 44.17
N ILE C 335 21.21 -14.43 44.52
CA ILE C 335 21.51 -14.08 45.92
C ILE C 335 20.20 -13.73 46.61
N ASP C 336 19.90 -14.43 47.70
CA ASP C 336 18.65 -14.27 48.43
C ASP C 336 18.99 -13.96 49.89
N ASN C 337 19.00 -12.67 50.23
CA ASN C 337 19.12 -12.21 51.61
C ASN C 337 17.98 -11.25 51.94
N GLY C 338 16.80 -11.53 51.42
CA GLY C 338 15.66 -10.67 51.61
C GLY C 338 14.54 -11.08 50.67
N SER C 339 13.40 -10.40 50.83
CA SER C 339 12.18 -10.82 50.14
C SER C 339 12.26 -10.58 48.63
N TYR C 340 12.93 -9.51 48.20
CA TYR C 340 13.07 -9.25 46.77
C TYR C 340 13.92 -10.33 46.10
N GLY C 341 15.04 -10.70 46.72
CA GLY C 341 15.85 -11.78 46.18
C GLY C 341 15.14 -13.11 46.18
N ALA C 342 14.42 -13.41 47.27
CA ALA C 342 13.61 -14.63 47.31
C ALA C 342 12.58 -14.64 46.19
N ARG C 343 12.00 -13.47 45.88
CA ARG C 343 11.02 -13.42 44.80
C ARG C 343 11.68 -13.65 43.45
N MET C 344 12.89 -13.11 43.25
CA MET C 344 13.61 -13.38 42.01
C MET C 344 13.91 -14.87 41.88
N ALA C 345 14.30 -15.51 42.99
CA ALA C 345 14.51 -16.96 42.98
C ALA C 345 13.23 -17.70 42.60
N LYS C 346 12.10 -17.33 43.22
CA LYS C 346 10.84 -18.00 42.90
C LYS C 346 10.46 -17.82 41.44
N ILE C 347 10.67 -16.62 40.89
CA ILE C 347 10.36 -16.39 39.48
C ILE C 347 11.21 -17.29 38.60
N ALA C 348 12.53 -17.30 38.84
CA ALA C 348 13.41 -18.17 38.07
C ALA C 348 12.98 -19.63 38.18
N ASP C 349 12.53 -20.04 39.38
CA ASP C 349 12.09 -21.42 39.58
C ASP C 349 10.84 -21.74 38.76
N ILE C 350 9.86 -20.83 38.76
CA ILE C 350 8.62 -21.08 38.04
C ILE C 350 8.89 -21.27 36.54
N TYR C 351 9.82 -20.50 35.99
CA TYR C 351 10.15 -20.57 34.57
C TYR C 351 11.12 -21.69 34.21
N LYS C 352 11.53 -22.52 35.18
CA LYS C 352 12.46 -23.63 34.95
C LYS C 352 13.81 -23.13 34.44
N ILE C 353 14.28 -22.03 35.00
CA ILE C 353 15.60 -21.48 34.62
C ILE C 353 16.68 -22.20 35.42
N PRO C 354 17.71 -22.72 34.75
CA PRO C 354 18.83 -23.36 35.48
C PRO C 354 19.44 -22.40 36.48
N MET C 355 19.35 -22.75 37.77
CA MET C 355 19.60 -21.78 38.83
C MET C 355 20.08 -22.47 40.09
N ASP C 356 20.90 -21.73 40.85
CA ASP C 356 21.25 -22.07 42.22
C ASP C 356 21.01 -20.83 43.09
N ILE C 357 20.68 -21.05 44.36
CA ILE C 357 20.36 -19.98 45.29
C ILE C 357 21.45 -19.89 46.35
N PHE C 358 21.97 -18.68 46.56
CA PHE C 358 22.90 -18.36 47.64
C PHE C 358 22.11 -17.61 48.71
N LYS C 359 21.73 -18.31 49.77
CA LYS C 359 20.93 -17.72 50.85
C LYS C 359 21.83 -17.14 51.93
N SER C 360 21.41 -16.01 52.49
CA SER C 360 22.19 -15.34 53.53
C SER C 360 21.27 -14.52 54.41
N SER C 361 21.86 -14.00 55.50
CA SER C 361 21.11 -13.25 56.51
C SER C 361 20.44 -12.02 55.92
N THR C 362 19.26 -11.69 56.46
CA THR C 362 18.53 -10.51 56.03
C THR C 362 19.03 -9.22 56.66
N TYR C 363 19.80 -9.30 57.76
CA TYR C 363 20.21 -8.10 58.45
C TYR C 363 21.72 -7.99 58.70
N GLU C 364 22.52 -8.94 58.19
CA GLU C 364 23.97 -8.85 58.28
C GLU C 364 24.58 -9.06 56.90
N PRO C 365 25.76 -8.50 56.66
CA PRO C 365 26.33 -8.52 55.30
C PRO C 365 26.63 -9.92 54.80
N LEU C 366 26.60 -10.05 53.47
CA LEU C 366 26.98 -11.29 52.81
C LEU C 366 28.44 -11.62 53.07
N ASP C 367 28.73 -12.93 53.12
CA ASP C 367 30.11 -13.40 53.17
C ASP C 367 30.70 -13.30 51.76
N LEU C 368 31.42 -12.21 51.50
CA LEU C 368 31.94 -11.97 50.16
C LEU C 368 32.95 -13.01 49.72
N GLN C 369 33.61 -13.68 50.66
CA GLN C 369 34.59 -14.69 50.28
C GLN C 369 33.93 -15.99 49.87
N LYS C 370 32.85 -16.39 50.56
CA LYS C 370 32.07 -17.53 50.08
C LYS C 370 31.41 -17.20 48.74
N LEU C 371 31.02 -15.94 48.56
CA LEU C 371 30.45 -15.50 47.28
C LEU C 371 31.48 -15.60 46.17
N GLU C 372 32.71 -15.15 46.43
CA GLU C 372 33.77 -15.28 45.42
C GLU C 372 34.10 -16.74 45.16
N ALA C 373 34.13 -17.56 46.21
CA ALA C 373 34.35 -18.99 46.01
C ALA C 373 33.32 -19.59 45.06
N GLU C 374 32.04 -19.22 45.23
CA GLU C 374 31.02 -19.72 44.32
C GLU C 374 31.17 -19.12 42.92
N PHE C 375 31.60 -17.86 42.83
CA PHE C 375 31.87 -17.27 41.52
C PHE C 375 32.98 -18.01 40.80
N ALA C 376 33.99 -18.48 41.54
CA ALA C 376 35.19 -19.06 40.96
C ALA C 376 34.95 -20.43 40.32
N THR C 377 33.91 -21.15 40.73
CA THR C 377 33.60 -22.42 40.08
C THR C 377 33.33 -22.25 38.60
N LYS C 378 33.00 -21.04 38.16
CA LYS C 378 32.67 -20.74 36.76
C LYS C 378 31.46 -21.53 36.27
N LYS C 379 30.60 -21.97 37.20
CA LYS C 379 29.37 -22.65 36.82
C LYS C 379 28.34 -21.70 36.27
N TYR C 380 28.40 -20.41 36.63
CA TYR C 380 27.30 -19.49 36.45
C TYR C 380 27.58 -18.50 35.34
N THR C 381 26.63 -18.36 34.42
CA THR C 381 26.67 -17.34 33.39
C THR C 381 26.04 -16.03 33.83
N HIS C 382 25.05 -16.08 34.71
CA HIS C 382 24.31 -14.90 35.13
C HIS C 382 24.21 -14.86 36.65
N LEU C 383 24.23 -13.63 37.17
CA LEU C 383 24.07 -13.34 38.60
C LEU C 383 22.86 -12.43 38.77
N ALA C 384 21.96 -12.79 39.68
CA ALA C 384 20.80 -11.96 40.01
C ALA C 384 20.87 -11.60 41.49
N CYS C 385 20.72 -10.30 41.79
CA CYS C 385 20.85 -9.86 43.17
C CYS C 385 20.10 -8.54 43.37
N VAL C 386 20.06 -8.10 44.63
CA VAL C 386 19.28 -6.94 45.05
C VAL C 386 20.22 -5.93 45.71
N TYR C 387 20.05 -4.66 45.35
CA TYR C 387 20.85 -3.60 45.96
C TYR C 387 20.38 -3.28 47.37
N HIS C 388 19.09 -3.06 47.55
CA HIS C 388 18.53 -2.61 48.82
C HIS C 388 17.30 -3.45 49.13
N GLU C 389 17.36 -4.18 50.24
CA GLU C 389 16.23 -5.01 50.67
C GLU C 389 15.41 -4.24 51.69
N THR C 390 14.20 -3.83 51.29
CA THR C 390 13.34 -3.09 52.20
C THR C 390 12.82 -3.93 53.35
N THR C 391 13.04 -5.24 53.32
CA THR C 391 12.61 -6.09 54.43
C THR C 391 13.31 -5.68 55.73
N THR C 392 14.59 -5.28 55.64
CA THR C 392 15.33 -4.81 56.81
C THR C 392 16.05 -3.49 56.58
N GLY C 393 16.13 -3.00 55.36
CA GLY C 393 16.94 -1.83 55.06
C GLY C 393 18.40 -2.12 54.85
N LEU C 394 18.79 -3.39 54.76
CA LEU C 394 20.18 -3.74 54.49
C LEU C 394 20.55 -3.35 53.07
N LEU C 395 21.74 -2.79 52.91
CA LEU C 395 22.25 -2.34 51.61
C LEU C 395 23.43 -3.23 51.21
N ASN C 396 23.23 -4.03 50.17
CA ASN C 396 24.30 -4.91 49.73
C ASN C 396 25.36 -4.10 48.97
N PRO C 397 26.64 -4.41 49.17
CA PRO C 397 27.72 -3.67 48.49
C PRO C 397 27.91 -4.10 47.04
N LEU C 398 26.93 -3.75 46.21
CA LEU C 398 26.97 -4.17 44.80
C LEU C 398 28.15 -3.56 44.04
N HIS C 399 28.70 -2.44 44.53
CA HIS C 399 29.89 -1.88 43.90
C HIS C 399 31.09 -2.81 44.05
N ILE C 400 31.01 -3.75 44.98
CA ILE C 400 31.98 -4.84 45.08
C ILE C 400 31.45 -6.11 44.41
N ILE C 401 30.20 -6.46 44.67
CA ILE C 401 29.65 -7.75 44.24
C ILE C 401 29.59 -7.84 42.72
N CYS C 402 29.14 -6.78 42.06
CA CYS C 402 28.86 -6.86 40.63
C CYS C 402 30.12 -6.72 39.77
N PRO C 403 31.05 -5.79 40.05
CA PRO C 403 32.34 -5.86 39.33
C PRO C 403 33.05 -7.19 39.51
N MET C 404 33.00 -7.77 40.71
CA MET C 404 33.62 -9.07 40.92
C MET C 404 32.95 -10.14 40.05
N ALA C 405 31.62 -10.13 39.98
CA ALA C 405 30.92 -11.05 39.09
C ALA C 405 31.29 -10.81 37.64
N LYS C 406 31.53 -9.55 37.27
CA LYS C 406 31.99 -9.22 35.93
C LYS C 406 33.34 -9.84 35.65
N LYS C 407 34.21 -9.86 36.66
CA LYS C 407 35.55 -10.41 36.49
C LYS C 407 35.51 -11.89 36.14
N TYR C 408 34.49 -12.61 36.62
CA TYR C 408 34.33 -14.03 36.31
C TYR C 408 33.44 -14.29 35.09
N GLY C 409 33.16 -13.26 34.29
CA GLY C 409 32.44 -13.46 33.04
C GLY C 409 30.94 -13.57 33.14
N MET C 410 30.34 -13.11 34.23
CA MET C 410 28.91 -13.25 34.46
C MET C 410 28.16 -11.98 34.03
N VAL C 411 26.92 -12.17 33.61
CA VAL C 411 26.00 -11.08 33.28
C VAL C 411 25.21 -10.71 34.54
N THR C 412 25.11 -9.42 34.82
CA THR C 412 24.54 -8.94 36.08
C THR C 412 23.11 -8.44 35.91
N ILE C 413 22.22 -8.96 36.76
CA ILE C 413 20.81 -8.62 36.79
C ILE C 413 20.50 -8.15 38.21
N VAL C 414 20.03 -6.91 38.33
CA VAL C 414 19.95 -6.21 39.61
C VAL C 414 18.54 -5.68 39.84
N ASP C 415 18.00 -5.96 41.02
CA ASP C 415 16.85 -5.23 41.55
C ASP C 415 17.37 -3.99 42.24
N ALA C 416 17.07 -2.82 41.67
CA ALA C 416 17.31 -1.54 42.34
C ALA C 416 16.00 -0.78 42.53
N VAL C 417 14.90 -1.53 42.71
CA VAL C 417 13.57 -0.93 42.77
C VAL C 417 13.47 0.09 43.89
N SER C 418 14.05 -0.21 45.05
CA SER C 418 14.00 0.67 46.20
C SER C 418 15.32 1.38 46.44
N ALA C 419 16.24 1.33 45.48
CA ALA C 419 17.51 2.04 45.53
C ALA C 419 17.62 3.13 44.48
N TYR C 420 17.11 2.85 43.28
CA TYR C 420 17.20 3.79 42.16
C TYR C 420 16.57 5.14 42.51
N CYS C 421 17.32 6.22 42.23
CA CYS C 421 16.97 7.61 42.46
C CYS C 421 17.00 8.02 43.93
N GLY C 422 17.34 7.11 44.83
CA GLY C 422 17.48 7.46 46.24
C GLY C 422 18.94 7.66 46.61
N MET C 423 19.83 7.20 45.74
CA MET C 423 21.27 7.28 45.96
C MET C 423 21.94 7.35 44.59
N PRO C 424 23.09 8.02 44.48
CA PRO C 424 23.80 8.06 43.20
C PRO C 424 24.19 6.66 42.72
N MET C 425 24.05 6.44 41.42
CA MET C 425 24.43 5.18 40.80
C MET C 425 25.05 5.42 39.44
N ASP C 426 26.02 4.59 39.10
CA ASP C 426 26.61 4.55 37.76
C ASP C 426 26.73 3.09 37.37
N LEU C 427 25.84 2.64 36.46
CA LEU C 427 25.78 1.22 36.12
C LEU C 427 27.09 0.70 35.56
N LYS C 428 27.87 1.55 34.89
CA LYS C 428 29.10 1.09 34.26
C LYS C 428 30.16 0.73 35.30
N SER C 429 30.50 1.68 36.18
CA SER C 429 31.46 1.37 37.23
C SER C 429 30.90 0.40 38.25
N LEU C 430 29.57 0.32 38.38
CA LEU C 430 28.95 -0.69 39.23
C LEU C 430 28.93 -2.06 38.56
N GLY C 431 29.30 -2.15 37.29
CA GLY C 431 29.30 -3.41 36.57
C GLY C 431 27.93 -4.06 36.47
N ILE C 432 26.91 -3.27 36.17
CA ILE C 432 25.52 -3.75 36.12
C ILE C 432 25.05 -3.72 34.67
N ASP C 433 24.60 -4.88 34.18
CA ASP C 433 24.11 -4.99 32.81
C ASP C 433 22.60 -4.71 32.72
N PHE C 434 21.82 -5.23 33.66
CA PHE C 434 20.38 -4.98 33.70
C PHE C 434 20.00 -4.52 35.09
N MET C 435 19.27 -3.40 35.17
CA MET C 435 18.83 -2.83 36.45
C MET C 435 17.34 -2.53 36.37
N ALA C 436 16.57 -3.02 37.34
CA ALA C 436 15.13 -2.80 37.34
C ALA C 436 14.75 -1.77 38.40
N SER C 437 13.69 -1.02 38.11
CA SER C 437 13.12 -0.09 39.09
C SER C 437 11.69 0.24 38.68
N THR C 438 11.04 1.07 39.50
CA THR C 438 9.63 1.38 39.34
C THR C 438 9.42 2.88 39.48
N SER C 439 8.18 3.32 39.24
CA SER C 439 7.82 4.73 39.23
C SER C 439 7.35 5.25 40.59
N ASN C 440 7.11 4.38 41.56
CA ASN C 440 6.45 4.80 42.81
C ASN C 440 7.36 4.74 44.03
N LYS C 441 8.68 4.82 43.83
CA LYS C 441 9.58 4.78 44.98
C LYS C 441 10.35 6.09 44.99
N ASN C 442 11.68 6.04 44.97
CA ASN C 442 12.49 7.24 45.19
C ASN C 442 12.41 8.24 44.04
N ILE C 443 11.93 7.82 42.87
CA ILE C 443 11.64 8.80 41.83
C ILE C 443 10.42 9.63 42.20
N GLN C 444 9.57 9.12 43.08
CA GLN C 444 8.47 9.87 43.70
C GLN C 444 7.35 10.19 42.71
N GLY C 445 7.04 9.22 41.85
CA GLY C 445 5.90 9.31 40.97
C GLY C 445 4.74 8.47 41.46
N MET C 446 3.82 8.19 40.54
CA MET C 446 2.63 7.39 40.82
C MET C 446 2.87 5.96 40.35
N ALA C 447 2.33 5.00 41.09
CA ALA C 447 2.52 3.60 40.75
C ALA C 447 1.94 3.29 39.38
N GLY C 448 2.60 2.40 38.65
CA GLY C 448 2.08 1.97 37.35
C GLY C 448 3.08 1.61 36.28
N VAL C 449 4.31 2.12 36.36
CA VAL C 449 5.33 1.88 35.34
C VAL C 449 6.54 1.21 35.99
N GLY C 450 6.89 0.02 35.50
CA GLY C 450 8.15 -0.61 35.82
C GLY C 450 9.08 -0.47 34.64
N PHE C 451 10.38 -0.43 34.89
CA PHE C 451 11.31 -0.26 33.79
C PHE C 451 12.65 -0.94 34.10
N VAL C 452 13.36 -1.25 33.02
CA VAL C 452 14.68 -1.88 33.08
C VAL C 452 15.64 -1.03 32.27
N ILE C 453 16.71 -0.59 32.91
CA ILE C 453 17.82 0.08 32.24
C ILE C 453 18.87 -0.97 31.91
N CYS C 454 19.22 -1.09 30.63
CA CYS C 454 20.06 -2.15 30.14
C CYS C 454 21.32 -1.60 29.49
N ASN C 455 22.45 -2.26 29.75
CA ASN C 455 23.60 -2.16 28.86
C ASN C 455 23.17 -2.59 27.46
N LYS C 456 23.31 -1.68 26.49
CA LYS C 456 22.72 -1.91 25.17
C LYS C 456 23.28 -3.16 24.50
N ALA C 457 24.59 -3.39 24.60
CA ALA C 457 25.18 -4.58 24.00
C ALA C 457 24.62 -5.85 24.63
N GLU C 458 24.58 -5.89 25.97
CA GLU C 458 24.02 -7.03 26.67
C GLU C 458 22.54 -7.18 26.36
N LEU C 459 21.84 -6.06 26.20
CA LEU C 459 20.43 -6.13 25.82
C LEU C 459 20.26 -6.78 24.45
N GLU C 460 21.07 -6.40 23.46
CA GLU C 460 20.78 -7.05 22.19
C GLU C 460 21.28 -8.48 22.14
N LYS C 461 22.28 -8.83 22.94
CA LYS C 461 22.67 -10.24 22.94
C LYS C 461 21.49 -11.14 23.31
N THR C 462 20.42 -10.56 23.86
CA THR C 462 19.17 -11.22 24.19
C THR C 462 18.29 -11.49 22.97
N LYS C 463 18.62 -10.91 21.81
CA LYS C 463 17.67 -10.83 20.70
C LYS C 463 17.16 -12.21 20.26
N ASP C 464 17.98 -13.25 20.39
CA ASP C 464 17.63 -14.56 19.88
C ASP C 464 17.20 -15.54 20.97
N TYR C 465 17.12 -15.10 22.23
CA TYR C 465 16.59 -15.97 23.27
C TYR C 465 15.14 -16.33 22.96
N PRO C 466 14.74 -17.58 23.12
CA PRO C 466 13.32 -17.91 22.99
C PRO C 466 12.52 -17.19 24.06
N MET C 467 11.34 -16.72 23.70
CA MET C 467 10.51 -16.00 24.65
C MET C 467 9.92 -16.95 25.68
N ARG C 468 10.03 -16.57 26.96
CA ARG C 468 9.39 -17.31 28.04
C ARG C 468 8.01 -16.77 28.38
N ASN C 469 7.67 -15.61 27.84
CA ASN C 469 6.38 -14.96 28.07
C ASN C 469 6.19 -13.96 26.94
N TYR C 470 5.11 -13.18 27.04
CA TYR C 470 4.78 -12.18 26.02
C TYR C 470 4.77 -10.78 26.58
N TYR C 471 3.88 -10.50 27.54
CA TYR C 471 3.73 -9.14 28.08
C TYR C 471 5.00 -8.64 28.75
N LEU C 472 5.78 -9.53 29.35
CA LEU C 472 6.94 -9.14 30.14
C LEU C 472 8.27 -9.46 29.44
N ASN C 473 8.24 -9.72 28.14
CA ASN C 473 9.46 -10.04 27.41
C ASN C 473 10.22 -8.76 27.10
N LEU C 474 11.47 -8.70 27.54
CA LEU C 474 12.26 -7.47 27.44
C LEU C 474 12.55 -7.10 25.99
N TYR C 475 13.04 -8.05 25.21
CA TYR C 475 13.56 -7.70 23.89
C TYR C 475 12.43 -7.33 22.93
N ASP C 476 11.31 -8.05 22.96
CA ASP C 476 10.21 -7.68 22.07
C ASP C 476 9.70 -6.27 22.38
N GLN C 477 9.53 -5.97 23.68
CA GLN C 477 9.13 -4.63 24.10
C GLN C 477 10.09 -3.58 23.57
N TYR C 478 11.39 -3.81 23.71
CA TYR C 478 12.38 -2.81 23.27
C TYR C 478 12.39 -2.69 21.74
N ALA C 479 12.41 -3.83 21.04
CA ALA C 479 12.55 -3.81 19.58
C ALA C 479 11.33 -3.21 18.91
N TYR C 480 10.13 -3.48 19.41
CA TYR C 480 8.94 -2.94 18.75
C TYR C 480 8.93 -1.42 18.79
N PHE C 481 9.33 -0.82 19.91
CA PHE C 481 9.41 0.64 19.99
C PHE C 481 10.65 1.17 19.25
N ALA C 482 11.66 0.34 19.03
CA ALA C 482 12.76 0.79 18.18
C ALA C 482 12.33 0.80 16.71
N LYS C 483 11.55 -0.21 16.28
CA LYS C 483 11.12 -0.27 14.88
C LYS C 483 10.11 0.83 14.59
N THR C 484 8.99 0.79 15.31
CA THR C 484 7.92 1.76 15.23
C THR C 484 8.03 2.73 16.39
N HIS C 485 7.45 3.92 16.22
CA HIS C 485 7.50 4.88 17.33
C HIS C 485 6.40 4.63 18.36
N GLN C 486 6.08 3.37 18.63
CA GLN C 486 4.93 3.01 19.45
C GLN C 486 5.28 1.87 20.37
N THR C 487 4.57 1.77 21.48
CA THR C 487 4.71 0.65 22.39
C THR C 487 3.74 -0.47 21.98
N ARG C 488 4.06 -1.69 22.41
CA ARG C 488 3.32 -2.87 21.95
C ARG C 488 1.85 -2.81 22.34
N PHE C 489 1.56 -2.47 23.59
CA PHE C 489 0.20 -2.46 24.10
C PHE C 489 -0.06 -1.10 24.74
N THR C 490 -1.28 -0.91 25.24
CA THR C 490 -1.64 0.39 25.81
C THR C 490 -0.85 0.65 27.07
N PRO C 491 -0.06 1.73 27.13
CA PRO C 491 0.69 2.03 28.34
C PRO C 491 -0.14 2.86 29.30
N PRO C 492 0.26 2.95 30.57
CA PRO C 492 -0.49 3.80 31.51
C PRO C 492 -0.20 5.28 31.26
N VAL C 493 -0.97 5.86 30.35
CA VAL C 493 -0.69 7.20 29.82
C VAL C 493 -0.52 8.21 30.93
N GLN C 494 -1.53 8.32 31.80
CA GLN C 494 -1.52 9.32 32.85
C GLN C 494 -0.41 9.06 33.86
N THR C 495 -0.16 7.78 34.17
CA THR C 495 0.99 7.44 35.01
C THR C 495 2.28 7.94 34.38
N MET C 496 2.38 7.88 33.06
CA MET C 496 3.60 8.33 32.40
C MET C 496 3.72 9.86 32.35
N TYR C 497 2.59 10.59 32.27
CA TYR C 497 2.66 12.04 32.44
C TYR C 497 3.14 12.39 33.85
N ALA C 498 2.56 11.74 34.86
CA ALA C 498 3.03 11.94 36.23
C ALA C 498 4.49 11.60 36.37
N LEU C 499 4.94 10.55 35.68
CA LEU C 499 6.34 10.16 35.73
C LEU C 499 7.23 11.20 35.08
N ARG C 500 6.77 11.82 33.99
CA ARG C 500 7.52 12.92 33.39
C ARG C 500 7.73 14.04 34.40
N GLN C 501 6.66 14.45 35.09
CA GLN C 501 6.86 15.52 36.07
C GLN C 501 7.74 15.05 37.24
N ALA C 502 7.63 13.80 37.65
CA ALA C 502 8.49 13.28 38.70
C ALA C 502 9.95 13.31 38.28
N VAL C 503 10.23 12.96 37.03
CA VAL C 503 11.59 13.05 36.50
C VAL C 503 12.07 14.50 36.51
N LEU C 504 11.21 15.43 36.09
CA LEU C 504 11.59 16.84 36.08
C LEU C 504 11.93 17.32 37.48
N GLU C 505 11.14 16.93 38.48
CA GLU C 505 11.40 17.35 39.85
C GLU C 505 12.61 16.63 40.44
N THR C 506 12.91 15.42 39.97
CA THR C 506 14.16 14.77 40.37
C THR C 506 15.36 15.52 39.82
N LYS C 507 15.27 15.97 38.56
CA LYS C 507 16.34 16.78 37.98
C LYS C 507 16.47 18.11 38.71
N GLN C 508 15.35 18.66 39.18
CA GLN C 508 15.38 19.88 39.98
C GLN C 508 16.07 19.65 41.34
N GLU C 509 15.68 18.58 42.05
CA GLU C 509 16.21 18.36 43.39
C GLU C 509 17.64 17.84 43.37
N THR C 510 17.99 17.02 42.38
CA THR C 510 19.22 16.25 42.16
C THR C 510 19.17 14.94 42.96
N VAL C 511 19.76 13.85 42.45
CA VAL C 511 19.76 12.61 43.21
C VAL C 511 20.59 12.73 44.49
N GLN C 512 21.75 13.40 44.42
CA GLN C 512 22.61 13.53 45.59
C GLN C 512 21.89 14.25 46.74
N LYS C 513 21.20 15.35 46.42
CA LYS C 513 20.54 16.11 47.47
C LYS C 513 19.26 15.42 47.94
N ARG C 514 18.63 14.64 47.07
CA ARG C 514 17.54 13.77 47.52
C ARG C 514 18.05 12.73 48.53
N TYR C 515 19.21 12.13 48.24
CA TYR C 515 19.84 11.24 49.20
C TYR C 515 20.09 11.95 50.52
N GLU C 516 20.59 13.20 50.45
CA GLU C 516 20.85 13.94 51.68
C GLU C 516 19.57 14.23 52.46
N ARG C 517 18.46 14.48 51.76
CA ARG C 517 17.19 14.70 52.45
C ARG C 517 16.72 13.43 53.15
N TYR C 518 16.73 12.31 52.42
CA TYR C 518 16.39 11.02 53.01
C TYR C 518 17.27 10.73 54.22
N THR C 519 18.57 11.00 54.10
CA THR C 519 19.51 10.74 55.18
C THR C 519 19.26 11.64 56.38
N ALA C 520 18.84 12.88 56.16
CA ALA C 520 18.52 13.76 57.28
C ALA C 520 17.32 13.23 58.06
N CYS C 521 16.27 12.83 57.34
CA CYS C 521 15.13 12.21 58.01
C CYS C 521 15.56 10.95 58.78
N TRP C 522 16.40 10.13 58.15
CA TRP C 522 16.90 8.92 58.78
C TRP C 522 17.70 9.23 60.03
N ASN C 523 18.50 10.30 60.00
CA ASN C 523 19.28 10.70 61.17
C ASN C 523 18.39 11.08 62.33
N ILE C 524 17.34 11.87 62.05
CA ILE C 524 16.41 12.23 63.12
C ILE C 524 15.78 10.98 63.73
N LEU C 525 15.32 10.06 62.87
CA LEU C 525 14.68 8.85 63.38
C LEU C 525 15.65 8.01 64.21
N VAL C 526 16.91 7.89 63.74
CA VAL C 526 17.88 7.05 64.43
C VAL C 526 18.26 7.65 65.77
N ALA C 527 18.41 8.98 65.82
CA ALA C 527 18.65 9.66 67.09
C ALA C 527 17.54 9.33 68.08
N ALA C 528 16.28 9.39 67.64
CA ALA C 528 15.20 9.05 68.55
C ALA C 528 15.23 7.59 68.98
N ILE C 529 15.53 6.68 68.04
CA ILE C 529 15.60 5.26 68.38
C ILE C 529 16.62 5.05 69.48
N LYS C 530 17.78 5.71 69.35
CA LYS C 530 18.82 5.59 70.37
C LYS C 530 18.35 6.19 71.70
N LYS C 531 17.73 7.37 71.66
CA LYS C 531 17.26 8.00 72.88
C LYS C 531 16.22 7.14 73.60
N LEU C 532 15.49 6.30 72.85
CA LEU C 532 14.48 5.44 73.47
C LEU C 532 15.00 4.08 73.88
N GLY C 533 16.22 3.71 73.47
CA GLY C 533 16.72 2.38 73.76
C GLY C 533 16.16 1.28 72.89
N LEU C 534 15.47 1.62 71.80
CA LEU C 534 14.99 0.61 70.87
C LEU C 534 16.16 0.11 70.03
N LYS C 535 16.02 -1.08 69.48
CA LYS C 535 17.11 -1.74 68.76
C LYS C 535 16.82 -1.82 67.28
N MET C 536 17.80 -1.40 66.47
CA MET C 536 17.78 -1.56 65.03
C MET C 536 18.41 -2.89 64.65
N LEU C 537 17.82 -3.57 63.67
CA LEU C 537 18.31 -4.89 63.29
C LEU C 537 19.63 -4.82 62.54
N VAL C 538 19.81 -3.78 61.72
CA VAL C 538 20.98 -3.65 60.87
C VAL C 538 21.87 -2.54 61.42
N LYS C 539 23.16 -2.81 61.50
CA LYS C 539 24.09 -1.79 61.95
C LYS C 539 24.19 -0.67 60.91
N GLU C 540 24.40 0.55 61.39
CA GLU C 540 24.31 1.74 60.56
C GLU C 540 25.24 1.69 59.37
N GLU C 541 26.44 1.10 59.51
CA GLU C 541 27.35 0.96 58.39
C GLU C 541 26.69 0.31 57.18
N HIS C 542 25.82 -0.68 57.40
CA HIS C 542 25.24 -1.46 56.32
C HIS C 542 23.80 -1.10 56.02
N GLN C 543 23.30 0.01 56.55
CA GLN C 543 21.94 0.43 56.32
C GLN C 543 21.86 1.37 55.13
N SER C 544 20.86 1.15 54.28
CA SER C 544 20.40 2.22 53.44
C SER C 544 19.61 3.19 54.32
N HIS C 545 19.74 4.47 54.06
CA HIS C 545 19.06 5.44 54.91
C HIS C 545 17.61 5.64 54.50
N PHE C 546 17.02 4.67 53.80
CA PHE C 546 15.68 4.77 53.26
C PHE C 546 14.62 4.11 54.14
N ILE C 547 14.95 3.03 54.83
CA ILE C 547 14.00 2.35 55.70
C ILE C 547 14.77 1.68 56.83
N THR C 548 14.18 1.68 58.02
CA THR C 548 14.80 1.12 59.21
C THR C 548 13.86 0.12 59.86
N ALA C 549 14.36 -1.09 60.10
CA ALA C 549 13.65 -2.12 60.84
C ALA C 549 14.00 -2.02 62.31
N ILE C 550 12.96 -1.98 63.17
CA ILE C 550 13.12 -1.77 64.60
C ILE C 550 12.48 -2.96 65.31
N LEU C 551 13.23 -3.53 66.25
CA LEU C 551 12.75 -4.67 67.02
C LEU C 551 11.58 -4.27 67.91
N GLU C 552 10.49 -5.04 67.82
CA GLU C 552 9.33 -4.76 68.65
C GLU C 552 9.63 -5.06 70.11
N PRO C 553 9.22 -4.20 71.03
CA PRO C 553 9.39 -4.49 72.47
C PRO C 553 8.62 -5.74 72.86
N GLU C 554 9.20 -6.49 73.81
CA GLU C 554 8.60 -7.76 74.21
C GLU C 554 7.40 -7.58 75.14
N THR C 555 7.23 -6.42 75.75
CA THR C 555 6.15 -6.24 76.72
C THR C 555 4.80 -6.53 76.06
N PRO C 556 3.88 -7.17 76.77
CA PRO C 556 2.52 -7.34 76.22
C PRO C 556 1.79 -6.02 76.03
N LYS C 557 2.25 -4.95 76.67
CA LYS C 557 1.65 -3.64 76.47
C LYS C 557 1.88 -3.07 75.07
N TYR C 558 2.83 -3.62 74.32
CA TYR C 558 3.08 -3.14 72.97
C TYR C 558 2.09 -3.78 72.00
N SER C 559 1.64 -2.99 71.04
CA SER C 559 0.84 -3.50 69.93
C SER C 559 1.17 -2.68 68.69
N PHE C 560 1.48 -3.36 67.60
CA PHE C 560 1.74 -2.65 66.35
C PHE C 560 0.49 -1.91 65.88
N GLU C 561 -0.68 -2.51 66.09
CA GLU C 561 -1.92 -1.86 65.70
C GLU C 561 -2.14 -0.58 66.49
N ALA C 562 -1.79 -0.59 67.78
CA ALA C 562 -1.97 0.60 68.61
C ALA C 562 -1.04 1.72 68.16
N LEU C 563 0.25 1.41 67.97
CA LEU C 563 1.19 2.41 67.49
C LEU C 563 0.79 2.92 66.11
N HIS C 564 0.31 2.02 65.25
CA HIS C 564 -0.10 2.39 63.90
C HIS C 564 -1.29 3.35 63.92
N ASP C 565 -2.33 3.02 64.69
CA ASP C 565 -3.50 3.89 64.75
C ASP C 565 -3.16 5.22 65.41
N PHE C 566 -2.31 5.20 66.44
CA PHE C 566 -1.89 6.43 67.09
C PHE C 566 -1.15 7.34 66.11
N ALA C 567 -0.21 6.77 65.35
CA ALA C 567 0.49 7.54 64.33
C ALA C 567 -0.47 8.04 63.25
N ALA C 568 -1.45 7.21 62.87
CA ALA C 568 -2.37 7.58 61.80
C ALA C 568 -3.23 8.76 62.20
N GLU C 569 -3.61 8.84 63.49
CA GLU C 569 -4.39 9.99 63.94
C GLU C 569 -3.65 11.31 63.74
N HIS C 570 -2.33 11.27 63.57
CA HIS C 570 -1.53 12.46 63.31
C HIS C 570 -0.91 12.45 61.91
N SER C 571 -1.57 11.76 60.97
CA SER C 571 -1.22 11.79 59.55
C SER C 571 0.09 11.08 59.23
N PHE C 572 0.44 10.06 60.00
CA PHE C 572 1.63 9.26 59.74
C PHE C 572 1.22 7.82 59.50
N THR C 573 1.74 7.21 58.45
CA THR C 573 1.44 5.82 58.11
C THR C 573 2.71 5.00 58.27
N ILE C 574 2.75 4.18 59.31
CA ILE C 574 3.93 3.36 59.59
C ILE C 574 3.73 1.98 58.96
N TYR C 575 4.83 1.26 58.79
CA TYR C 575 4.82 -0.02 58.08
C TYR C 575 5.15 -1.18 59.02
N PRO C 576 4.45 -2.30 58.88
CA PRO C 576 4.75 -3.47 59.71
C PRO C 576 6.03 -4.18 59.26
N GLY C 577 6.47 -5.13 60.08
CA GLY C 577 7.59 -5.98 59.71
C GLY C 577 7.17 -7.19 58.91
N LYS C 578 8.12 -7.78 58.20
CA LYS C 578 7.86 -8.88 57.29
C LYS C 578 8.58 -10.18 57.65
N LEU C 579 9.56 -10.15 58.56
CA LEU C 579 10.35 -11.33 58.83
C LEU C 579 9.59 -12.32 59.72
N GLY C 580 9.93 -13.60 59.52
CA GLY C 580 9.39 -14.70 60.31
C GLY C 580 10.24 -14.94 61.54
N ASN C 581 11.54 -14.64 61.41
CA ASN C 581 12.48 -14.87 62.50
C ASN C 581 12.32 -13.87 63.64
N ILE C 582 12.00 -12.62 63.30
CA ILE C 582 12.13 -11.51 64.22
C ILE C 582 10.92 -10.60 64.12
N ASP C 583 10.36 -10.21 65.26
CA ASP C 583 9.23 -9.31 65.27
C ASP C 583 9.75 -7.88 65.15
N THR C 584 9.34 -7.19 64.08
CA THR C 584 9.86 -5.87 63.76
C THR C 584 8.71 -4.99 63.28
N PHE C 585 8.94 -3.69 63.35
CA PHE C 585 8.16 -2.73 62.57
C PHE C 585 9.15 -1.87 61.79
N ARG C 586 8.65 -1.21 60.75
CA ARG C 586 9.53 -0.52 59.82
C ARG C 586 9.13 0.93 59.65
N ILE C 587 10.12 1.80 59.55
CA ILE C 587 9.91 3.22 59.30
C ILE C 587 10.75 3.60 58.09
N ALA C 588 10.09 3.97 57.00
CA ALA C 588 10.75 4.51 55.82
C ALA C 588 10.71 6.03 55.85
N ASN C 589 11.59 6.64 55.06
CA ASN C 589 11.63 8.09 54.92
C ASN C 589 12.01 8.48 53.48
N ILE C 590 11.17 8.10 52.53
CA ILE C 590 11.38 8.48 51.13
C ILE C 590 10.20 9.32 50.68
N GLY C 591 10.11 9.58 49.37
CA GLY C 591 9.06 10.46 48.91
C GLY C 591 9.32 11.89 49.35
N ASP C 592 8.24 12.68 49.32
CA ASP C 592 8.31 14.11 49.59
C ASP C 592 8.40 14.43 51.09
N ILE C 593 8.83 13.48 51.93
CA ILE C 593 8.92 13.74 53.35
C ILE C 593 9.96 14.83 53.63
N GLN C 594 9.63 15.72 54.57
CA GLN C 594 10.53 16.77 55.01
C GLN C 594 11.09 16.45 56.40
N PRO C 595 12.33 16.86 56.70
CA PRO C 595 12.93 16.54 58.02
C PRO C 595 12.06 16.90 59.24
N GLU C 596 11.41 18.06 59.19
CA GLU C 596 10.56 18.48 60.31
C GLU C 596 9.37 17.55 60.50
N GLU C 597 8.85 17.00 59.41
CA GLU C 597 7.77 16.02 59.55
C GLU C 597 8.29 14.76 60.24
N MET C 598 9.54 14.38 59.96
CA MET C 598 10.12 13.24 60.67
C MET C 598 10.28 13.50 62.17
N ARG C 599 10.60 14.74 62.57
CA ARG C 599 10.72 15.09 63.98
C ARG C 599 9.35 15.06 64.66
N ARG C 600 8.30 15.58 63.98
CA ARG C 600 6.98 15.48 64.59
C ARG C 600 6.59 14.01 64.79
N PHE C 601 6.86 13.16 63.78
CA PHE C 601 6.61 11.74 63.98
C PHE C 601 7.47 11.21 65.12
N THR C 602 8.73 11.66 65.21
CA THR C 602 9.62 11.16 66.24
C THR C 602 9.09 11.51 67.62
N VAL C 603 8.50 12.70 67.76
CA VAL C 603 7.88 13.07 69.02
C VAL C 603 6.74 12.13 69.35
N LYS C 604 5.93 11.79 68.33
CA LYS C 604 4.83 10.85 68.57
C LYS C 604 5.34 9.46 68.97
N LEU C 605 6.41 9.00 68.31
CA LEU C 605 6.98 7.69 68.62
C LEU C 605 7.48 7.64 70.06
N LYS C 606 8.21 8.67 70.48
CA LYS C 606 8.64 8.75 71.87
C LYS C 606 7.44 8.71 72.82
N GLU C 607 6.38 9.44 72.48
CA GLU C 607 5.20 9.46 73.35
C GLU C 607 4.65 8.05 73.55
N TYR C 608 4.42 7.33 72.45
CA TYR C 608 3.90 5.96 72.55
C TYR C 608 4.85 5.06 73.35
N MET C 609 6.13 5.05 72.97
CA MET C 609 7.06 4.08 73.57
C MET C 609 7.21 4.32 75.07
N ASN C 610 7.32 5.58 75.49
CA ASN C 610 7.31 5.86 76.92
C ASN C 610 5.99 5.43 77.55
N GLY C 611 4.87 5.69 76.86
CA GLY C 611 3.58 5.28 77.37
C GLY C 611 3.40 3.80 77.59
N ILE C 612 4.20 2.96 76.92
CA ILE C 612 4.11 1.52 77.14
C ILE C 612 5.26 0.99 77.98
N GLY C 613 6.13 1.85 78.48
CA GLY C 613 7.18 1.46 79.40
C GLY C 613 8.55 1.27 78.78
N VAL C 614 8.80 1.85 77.61
CA VAL C 614 10.09 1.73 76.94
C VAL C 614 10.93 2.94 77.30
N GLY C 615 12.17 2.70 77.72
CA GLY C 615 13.05 3.74 78.20
C GLY C 615 12.79 4.19 79.61
N VAL C 616 11.70 3.74 80.24
CA VAL C 616 11.32 4.19 81.57
C VAL C 616 11.58 3.07 82.55
N LEU C 617 11.90 3.46 83.79
CA LEU C 617 11.87 2.51 84.90
C LEU C 617 10.43 2.10 85.19
N GLU C 618 10.24 0.85 85.60
CA GLU C 618 8.93 0.38 86.04
C GLU C 618 8.82 0.62 87.53
N HIS C 619 8.06 1.64 87.91
CA HIS C 619 7.84 1.96 89.32
C HIS C 619 6.65 1.19 89.85
N HIS C 620 6.83 0.56 91.02
CA HIS C 620 5.74 -0.07 91.73
C HIS C 620 5.41 0.74 92.97
N HIS C 621 4.12 0.88 93.25
CA HIS C 621 3.65 1.76 94.33
C HIS C 621 2.96 0.99 95.45
N HIS C 622 2.96 -0.33 95.41
CA HIS C 622 2.46 -1.10 96.54
C HIS C 622 3.39 -0.94 97.73
N HIS C 623 2.81 -1.05 98.93
CA HIS C 623 3.58 -0.94 100.16
C HIS C 623 2.76 -1.45 101.33
N HIS C 624 3.33 -2.38 102.10
CA HIS C 624 2.67 -2.88 103.30
C HIS C 624 2.44 -1.74 104.29
N MET D 1 14.39 -15.38 -25.87
CA MET D 1 15.06 -14.70 -26.97
C MET D 1 16.57 -14.66 -26.73
N ILE D 2 17.33 -15.24 -27.65
CA ILE D 2 18.79 -15.27 -27.55
C ILE D 2 19.34 -14.10 -28.35
N LYS D 3 20.15 -13.27 -27.69
CA LYS D 3 20.71 -12.07 -28.29
C LYS D 3 22.18 -12.19 -28.67
N GLN D 4 22.90 -13.18 -28.14
CA GLN D 4 24.35 -13.24 -28.27
C GLN D 4 24.78 -14.62 -28.76
N ALA D 5 25.96 -14.66 -29.39
CA ALA D 5 26.50 -15.88 -29.94
C ALA D 5 28.03 -15.84 -29.89
N VAL D 6 28.64 -17.02 -29.78
CA VAL D 6 30.09 -17.17 -29.75
C VAL D 6 30.51 -18.09 -30.89
N ILE D 7 31.50 -17.65 -31.66
CA ILE D 7 32.12 -18.45 -32.71
C ILE D 7 33.58 -18.71 -32.34
N LEU D 8 33.95 -19.99 -32.27
CA LEU D 8 35.32 -20.40 -31.95
C LEU D 8 36.16 -20.49 -33.22
N ALA D 9 37.28 -19.76 -33.24
CA ALA D 9 38.16 -19.73 -34.41
C ALA D 9 39.62 -19.62 -33.98
N GLY D 10 39.99 -20.32 -32.92
CA GLY D 10 41.34 -20.24 -32.39
C GLY D 10 42.37 -21.09 -33.10
N GLY D 11 42.08 -22.38 -33.25
CA GLY D 11 43.06 -23.34 -33.69
C GLY D 11 43.48 -23.15 -35.13
N LEU D 12 44.34 -24.05 -35.59
CA LEU D 12 44.96 -23.95 -36.91
C LEU D 12 44.35 -24.99 -37.85
N GLY D 13 44.66 -24.84 -39.13
CA GLY D 13 44.24 -25.80 -40.14
C GLY D 13 45.31 -26.78 -40.54
N LYS D 21 44.83 -24.76 -45.00
CA LYS D 21 45.44 -23.79 -45.90
C LYS D 21 46.18 -22.68 -45.14
N THR D 22 46.62 -21.65 -45.86
CA THR D 22 47.23 -20.45 -45.30
C THR D 22 46.20 -19.48 -44.75
N MET D 23 44.94 -19.91 -44.64
CA MET D 23 43.76 -19.13 -44.34
C MET D 23 42.98 -19.79 -43.21
N PRO D 24 42.21 -19.05 -42.43
CA PRO D 24 41.37 -19.73 -41.44
C PRO D 24 40.32 -20.56 -42.16
N LYS D 25 40.01 -21.73 -41.59
CA LYS D 25 39.08 -22.64 -42.23
C LYS D 25 37.71 -22.00 -42.45
N GLY D 26 37.30 -21.11 -41.55
CA GLY D 26 36.01 -20.44 -41.70
C GLY D 26 35.88 -19.61 -42.95
N PHE D 27 36.99 -19.23 -43.57
CA PHE D 27 36.95 -18.35 -44.73
C PHE D 27 37.06 -19.11 -46.06
N LEU D 28 37.00 -20.44 -46.03
CA LEU D 28 36.74 -21.20 -47.24
C LEU D 28 35.39 -20.80 -47.81
N GLU D 29 35.32 -20.66 -49.13
CA GLU D 29 34.13 -20.13 -49.80
C GLU D 29 33.34 -21.27 -50.45
N ILE D 30 32.05 -21.33 -50.12
CA ILE D 30 31.09 -22.15 -50.83
C ILE D 30 29.97 -21.23 -51.30
N GLY D 31 29.54 -21.40 -52.55
CA GLY D 31 28.56 -20.49 -53.12
C GLY D 31 29.02 -19.05 -53.18
N GLY D 32 30.33 -18.82 -53.19
CA GLY D 32 30.90 -17.50 -53.38
C GLY D 32 31.24 -16.74 -52.11
N THR D 33 30.75 -17.16 -50.95
CA THR D 33 30.96 -16.43 -49.70
C THR D 33 31.55 -17.37 -48.65
N ALA D 34 32.48 -16.83 -47.86
CA ALA D 34 33.06 -17.57 -46.75
C ALA D 34 31.98 -18.12 -45.82
N ILE D 35 32.20 -19.34 -45.33
CA ILE D 35 31.18 -20.05 -44.56
C ILE D 35 30.94 -19.38 -43.20
N VAL D 36 31.97 -18.82 -42.57
CA VAL D 36 31.71 -18.12 -41.31
C VAL D 36 30.86 -16.89 -41.58
N GLU D 37 31.00 -16.27 -42.76
CA GLU D 37 30.14 -15.15 -43.09
C GLU D 37 28.69 -15.60 -43.25
N GLN D 38 28.48 -16.78 -43.83
CA GLN D 38 27.13 -17.33 -43.91
C GLN D 38 26.57 -17.62 -42.53
N SER D 39 27.42 -18.13 -41.63
CA SER D 39 26.98 -18.36 -40.25
C SER D 39 26.61 -17.05 -39.57
N VAL D 40 27.44 -16.02 -39.75
CA VAL D 40 27.15 -14.70 -39.20
C VAL D 40 25.83 -14.17 -39.75
N GLN D 41 25.60 -14.35 -41.04
CA GLN D 41 24.36 -13.86 -41.65
C GLN D 41 23.14 -14.59 -41.11
N LYS D 42 23.23 -15.91 -40.96
CA LYS D 42 22.11 -16.66 -40.39
C LYS D 42 21.85 -16.24 -38.95
N LEU D 43 22.92 -16.04 -38.16
CA LEU D 43 22.77 -15.61 -36.78
C LEU D 43 22.08 -14.25 -36.71
N LEU D 44 22.54 -13.29 -37.52
CA LEU D 44 21.89 -11.99 -37.57
C LEU D 44 20.43 -12.13 -38.00
N ALA D 45 20.17 -12.99 -38.99
CA ALA D 45 18.81 -13.20 -39.47
C ALA D 45 17.91 -13.74 -38.37
N HIS D 46 18.47 -14.46 -37.40
CA HIS D 46 17.67 -14.96 -36.29
C HIS D 46 17.69 -14.03 -35.07
N GLY D 47 18.17 -12.80 -35.23
CA GLY D 47 18.03 -11.78 -34.21
C GLY D 47 19.19 -11.61 -33.25
N ILE D 48 20.33 -12.25 -33.50
CA ILE D 48 21.50 -12.06 -32.64
C ILE D 48 22.01 -10.63 -32.78
N GLU D 49 22.32 -10.01 -31.65
CA GLU D 49 22.88 -8.66 -31.63
C GLU D 49 24.38 -8.63 -31.47
N LYS D 50 24.96 -9.66 -30.85
CA LYS D 50 26.38 -9.66 -30.53
C LYS D 50 26.95 -11.02 -30.86
N ILE D 51 27.97 -11.04 -31.72
CA ILE D 51 28.67 -12.26 -32.10
C ILE D 51 30.11 -12.07 -31.66
N VAL D 52 30.52 -12.85 -30.67
CA VAL D 52 31.89 -12.83 -30.14
C VAL D 52 32.67 -13.92 -30.85
N ILE D 53 33.67 -13.53 -31.63
CA ILE D 53 34.49 -14.47 -32.38
C ILE D 53 35.85 -14.55 -31.71
N GLY D 54 36.14 -15.71 -31.14
CA GLY D 54 37.47 -15.97 -30.61
C GLY D 54 38.43 -16.37 -31.71
N THR D 55 39.38 -15.51 -31.98
CA THR D 55 40.32 -15.65 -33.08
C THR D 55 41.70 -16.03 -32.57
N GLY D 56 42.50 -16.61 -33.47
CA GLY D 56 43.88 -16.94 -33.15
C GLY D 56 44.77 -16.78 -34.36
N HIS D 57 45.09 -17.89 -35.01
CA HIS D 57 45.88 -17.83 -36.23
C HIS D 57 45.10 -17.11 -37.33
N CYS D 58 45.78 -16.15 -37.97
CA CYS D 58 45.22 -15.37 -39.10
C CYS D 58 43.92 -14.67 -38.70
N ASN D 59 43.96 -14.05 -37.52
CA ASN D 59 42.81 -13.33 -37.02
C ASN D 59 42.40 -12.17 -37.92
N GLU D 60 43.34 -11.64 -38.71
CA GLU D 60 43.10 -10.44 -39.50
C GLU D 60 41.89 -10.61 -40.39
N TYR D 61 41.70 -11.79 -40.92
CA TYR D 61 40.56 -12.11 -41.76
C TYR D 61 39.27 -11.85 -40.99
N TYR D 62 39.20 -12.33 -39.75
CA TYR D 62 38.04 -12.08 -38.90
C TYR D 62 37.94 -10.59 -38.54
N ASP D 63 39.08 -9.94 -38.29
CA ASP D 63 39.07 -8.51 -38.01
C ASP D 63 38.53 -7.70 -39.19
N ASN D 64 38.81 -8.16 -40.41
CA ASN D 64 38.28 -7.49 -41.61
C ASN D 64 36.81 -7.83 -41.80
N LEU D 65 36.41 -9.06 -41.49
CA LEU D 65 35.00 -9.42 -41.55
C LEU D 65 34.19 -8.62 -40.55
N ALA D 66 34.79 -8.30 -39.40
CA ALA D 66 34.10 -7.49 -38.40
C ALA D 66 33.83 -6.09 -38.93
N LYS D 67 34.64 -5.62 -39.88
CA LYS D 67 34.39 -4.32 -40.49
C LYS D 67 33.12 -4.29 -41.33
N LYS D 68 32.62 -5.44 -41.79
CA LYS D 68 31.35 -5.46 -42.50
C LYS D 68 30.14 -5.74 -41.62
N TYR D 69 30.33 -6.15 -40.37
CA TYR D 69 29.22 -6.48 -39.48
C TYR D 69 29.49 -5.92 -38.08
N PRO D 70 28.87 -4.79 -37.73
CA PRO D 70 29.11 -4.18 -36.42
C PRO D 70 28.77 -5.06 -35.23
N ALA D 71 27.94 -6.08 -35.41
CA ALA D 71 27.61 -6.97 -34.31
C ALA D 71 28.81 -7.82 -33.90
N ILE D 72 29.81 -7.91 -34.77
CA ILE D 72 30.96 -8.78 -34.54
C ILE D 72 31.97 -8.07 -33.65
N ILE D 73 32.33 -8.72 -32.57
CA ILE D 73 33.48 -8.36 -31.76
C ILE D 73 34.47 -9.51 -31.80
N THR D 74 35.67 -9.24 -32.28
CA THR D 74 36.73 -10.23 -32.43
C THR D 74 37.68 -10.11 -31.25
N VAL D 75 37.87 -11.21 -30.54
CA VAL D 75 38.77 -11.26 -29.38
C VAL D 75 39.77 -12.36 -29.65
N LYS D 76 41.06 -12.00 -29.62
CA LYS D 76 42.11 -12.96 -29.95
C LYS D 76 42.60 -13.68 -28.71
N ASN D 77 42.72 -15.00 -28.81
CA ASN D 77 43.43 -15.80 -27.82
C ASN D 77 44.89 -15.77 -28.19
N GLU D 78 45.66 -14.88 -27.56
CA GLU D 78 47.06 -14.69 -27.94
C GLU D 78 47.88 -15.95 -27.77
N ASN D 79 47.45 -16.83 -26.88
CA ASN D 79 48.04 -18.16 -26.67
C ASN D 79 47.20 -19.20 -27.38
N TYR D 80 46.87 -18.94 -28.65
CA TYR D 80 46.04 -19.88 -29.40
C TYR D 80 46.82 -21.15 -29.74
N ALA D 81 48.14 -21.02 -29.92
CA ALA D 81 48.98 -22.15 -30.31
C ALA D 81 49.29 -23.12 -29.18
N ASN D 82 49.22 -22.69 -27.92
CA ASN D 82 49.52 -23.58 -26.81
C ASN D 82 48.27 -23.94 -26.00
N THR D 83 47.07 -23.59 -26.49
CA THR D 83 45.82 -23.93 -25.83
C THR D 83 44.90 -24.60 -26.81
N GLY D 84 43.78 -25.11 -26.30
CA GLY D 84 42.72 -25.69 -27.11
C GLY D 84 41.55 -24.75 -27.31
N SER D 85 40.40 -25.33 -27.65
CA SER D 85 39.21 -24.53 -27.91
C SER D 85 38.65 -23.94 -26.63
N MET D 86 38.84 -24.61 -25.49
CA MET D 86 38.35 -24.06 -24.22
C MET D 86 39.05 -22.75 -23.88
N GLY D 87 40.31 -22.59 -24.31
CA GLY D 87 40.99 -21.32 -24.07
C GLY D 87 40.39 -20.18 -24.87
N THR D 88 40.11 -20.43 -26.15
CA THR D 88 39.36 -19.47 -26.96
C THR D 88 38.02 -19.14 -26.30
N LEU D 89 37.32 -20.16 -25.81
CA LEU D 89 36.05 -19.94 -25.12
C LEU D 89 36.23 -19.07 -23.87
N GLU D 90 37.30 -19.33 -23.10
CA GLU D 90 37.55 -18.53 -21.90
C GLU D 90 37.81 -17.07 -22.26
N VAL D 91 38.56 -16.85 -23.33
CA VAL D 91 38.81 -15.48 -23.78
C VAL D 91 37.51 -14.82 -24.20
N CYS D 92 36.63 -15.57 -24.88
CA CYS D 92 35.35 -14.99 -25.31
C CYS D 92 34.41 -14.75 -24.14
N ALA D 93 34.54 -15.52 -23.07
CA ALA D 93 33.52 -15.54 -22.02
C ALA D 93 33.38 -14.21 -21.32
N SER D 94 34.43 -13.37 -21.35
CA SER D 94 34.34 -12.06 -20.73
C SER D 94 33.35 -11.14 -21.41
N PHE D 95 33.01 -11.43 -22.67
CA PHE D 95 32.09 -10.62 -23.44
C PHE D 95 30.67 -11.19 -23.48
N VAL D 96 30.41 -12.25 -22.73
CA VAL D 96 29.11 -12.92 -22.73
C VAL D 96 28.44 -12.65 -21.39
N ASN D 97 27.25 -12.04 -21.43
CA ASN D 97 26.50 -11.71 -20.23
C ASN D 97 25.18 -12.47 -20.09
N GLU D 98 24.70 -13.09 -21.16
CA GLU D 98 23.39 -13.74 -21.17
C GLU D 98 23.53 -15.12 -21.78
N SER D 99 22.39 -15.79 -21.96
CA SER D 99 22.38 -17.06 -22.70
C SER D 99 22.79 -16.81 -24.14
N PHE D 100 23.46 -17.81 -24.73
CA PHE D 100 24.13 -17.59 -26.00
C PHE D 100 24.20 -18.88 -26.80
N LEU D 101 24.46 -18.73 -28.10
CA LEU D 101 24.73 -19.84 -28.99
C LEU D 101 26.24 -19.97 -29.20
N LEU D 102 26.73 -21.19 -29.10
CA LEU D 102 28.13 -21.53 -29.27
C LEU D 102 28.27 -22.30 -30.57
N LEU D 103 29.09 -21.76 -31.48
CA LEU D 103 29.26 -22.32 -32.81
C LEU D 103 30.73 -22.46 -33.12
N GLU D 104 31.05 -23.50 -33.88
CA GLU D 104 32.39 -23.66 -34.44
C GLU D 104 32.46 -23.01 -35.82
N SER D 105 33.66 -22.55 -36.18
CA SER D 105 33.81 -21.73 -37.37
C SER D 105 33.76 -22.53 -38.67
N ASP D 106 33.99 -23.84 -38.64
CA ASP D 106 34.09 -24.63 -39.85
C ASP D 106 32.77 -25.28 -40.26
N LEU D 107 31.64 -24.75 -39.78
CA LEU D 107 30.35 -25.38 -39.99
C LEU D 107 29.62 -24.80 -41.20
N ILE D 108 28.92 -25.67 -41.92
CA ILE D 108 27.78 -25.28 -42.75
C ILE D 108 26.58 -26.06 -42.25
N TYR D 109 25.44 -25.40 -42.15
CA TYR D 109 24.31 -26.01 -41.46
C TYR D 109 23.01 -25.39 -41.93
N ASP D 110 21.94 -26.16 -41.80
CA ASP D 110 20.58 -25.65 -41.98
C ASP D 110 20.26 -24.65 -40.87
N SER D 111 19.91 -23.41 -41.25
CA SER D 111 19.61 -22.38 -40.27
C SER D 111 18.43 -22.75 -39.39
N ALA D 112 17.59 -23.69 -39.83
CA ALA D 112 16.50 -24.19 -39.00
C ALA D 112 17.00 -24.64 -37.63
N GLY D 113 18.21 -25.19 -37.57
CA GLY D 113 18.81 -25.55 -36.30
C GLY D 113 18.82 -24.41 -35.29
N LEU D 114 19.29 -23.24 -35.72
CA LEU D 114 19.25 -22.03 -34.90
C LEU D 114 17.84 -21.79 -34.34
N PHE D 115 16.86 -21.69 -35.23
CA PHE D 115 15.46 -21.48 -34.83
C PHE D 115 15.02 -22.51 -33.81
N SER D 116 15.36 -23.78 -34.05
CA SER D 116 14.96 -24.86 -33.16
C SER D 116 15.56 -24.68 -31.77
N LEU D 117 16.87 -24.41 -31.72
CA LEU D 117 17.55 -24.24 -30.44
C LEU D 117 16.97 -23.05 -29.68
N ILE D 118 16.67 -21.96 -30.38
CA ILE D 118 16.16 -20.76 -29.72
C ILE D 118 14.75 -20.99 -29.20
N ASN D 119 13.94 -21.74 -29.93
CA ASN D 119 12.54 -21.91 -29.56
C ASN D 119 12.34 -23.11 -28.64
N ASP D 120 13.42 -23.78 -28.25
CA ASP D 120 13.32 -24.87 -27.31
C ASP D 120 13.34 -24.35 -25.88
N GLU D 121 12.41 -24.87 -25.10
CA GLU D 121 12.17 -24.51 -23.71
C GLU D 121 13.37 -24.81 -22.82
N ARG D 122 14.16 -25.84 -23.16
CA ARG D 122 15.31 -26.21 -22.35
C ARG D 122 16.40 -25.15 -22.48
N LYS D 123 16.97 -24.74 -21.34
CA LYS D 123 17.90 -23.61 -21.32
C LYS D 123 19.29 -24.02 -21.81
N ASN D 124 19.75 -25.22 -21.50
CA ASN D 124 21.02 -25.75 -21.98
C ASN D 124 20.74 -26.92 -22.91
N LEU D 125 21.15 -26.80 -24.17
CA LEU D 125 20.70 -27.73 -25.20
C LEU D 125 21.76 -27.89 -26.28
N ILE D 126 22.21 -29.13 -26.48
CA ILE D 126 23.17 -29.47 -27.51
C ILE D 126 22.41 -29.93 -28.76
N LEU D 127 22.74 -29.36 -29.91
CA LEU D 127 22.19 -29.82 -31.17
C LEU D 127 22.94 -31.04 -31.65
N ALA D 128 22.21 -32.11 -31.97
CA ALA D 128 22.78 -33.35 -32.46
C ALA D 128 22.01 -33.83 -33.67
N SER D 129 22.69 -34.57 -34.54
CA SER D 129 22.08 -35.13 -35.74
C SER D 129 22.12 -36.65 -35.70
N GLY D 130 21.46 -37.26 -36.69
CA GLY D 130 21.51 -38.68 -36.85
C GLY D 130 22.85 -39.14 -37.41
N ALA D 131 22.88 -40.41 -37.79
CA ALA D 131 24.12 -41.01 -38.29
C ALA D 131 24.62 -40.34 -39.56
N THR D 132 25.73 -39.60 -39.46
CA THR D 132 26.42 -39.07 -40.63
C THR D 132 27.60 -39.99 -40.94
N LYS D 133 27.68 -40.43 -42.19
CA LYS D 133 28.71 -41.38 -42.59
C LYS D 133 30.00 -40.65 -42.95
N SER D 134 30.48 -39.84 -42.00
CA SER D 134 31.72 -39.12 -42.17
C SER D 134 32.79 -39.79 -41.32
N GLY D 135 33.92 -39.11 -41.16
CA GLY D 135 35.04 -39.64 -40.41
C GLY D 135 34.93 -39.36 -38.93
N ASP D 136 35.88 -38.55 -38.49
CA ASP D 136 35.90 -37.89 -37.20
C ASP D 136 34.55 -37.42 -36.69
N GLU D 137 33.79 -38.36 -36.12
CA GLU D 137 32.45 -38.15 -35.57
C GLU D 137 32.52 -38.16 -34.04
N VAL D 138 31.81 -37.23 -33.41
CA VAL D 138 31.72 -37.15 -31.95
C VAL D 138 30.34 -37.66 -31.52
N TYR D 139 30.33 -38.80 -30.83
CA TYR D 139 29.09 -39.43 -30.39
C TYR D 139 28.73 -38.98 -28.98
N LEU D 140 27.43 -38.81 -28.74
CA LEU D 140 26.90 -38.34 -27.47
C LEU D 140 26.05 -39.42 -26.82
N GLU D 141 26.25 -39.60 -25.52
CA GLU D 141 25.50 -40.55 -24.71
C GLU D 141 24.64 -39.78 -23.72
N ALA D 142 23.35 -40.09 -23.71
CA ALA D 142 22.37 -39.35 -22.91
C ALA D 142 21.66 -40.31 -21.97
N ASP D 143 21.06 -39.75 -20.92
CA ASP D 143 20.33 -40.55 -19.97
C ASP D 143 18.87 -40.60 -20.40
N GLU D 144 18.02 -41.12 -19.52
CA GLU D 144 16.61 -41.18 -19.83
C GLU D 144 16.04 -39.82 -20.19
N LYS D 145 16.59 -38.73 -19.66
CA LYS D 145 15.94 -37.49 -20.01
C LYS D 145 16.65 -36.70 -21.11
N ASN D 146 17.38 -37.42 -21.99
CA ASN D 146 18.10 -36.86 -23.13
C ASN D 146 19.07 -35.79 -22.66
N CYS D 147 19.64 -35.99 -21.47
CA CYS D 147 20.65 -35.08 -20.95
C CYS D 147 22.01 -35.73 -21.10
N LEU D 148 23.01 -34.89 -21.37
CA LEU D 148 24.34 -35.40 -21.70
C LEU D 148 24.98 -36.05 -20.50
N THR D 149 25.34 -37.33 -20.65
CA THR D 149 26.11 -38.05 -19.65
C THR D 149 27.45 -38.54 -20.18
N GLY D 150 27.64 -38.58 -21.49
CA GLY D 150 28.89 -39.06 -22.05
C GLY D 150 29.15 -38.44 -23.40
N LEU D 151 30.43 -38.35 -23.75
CA LEU D 151 30.84 -37.74 -25.01
C LEU D 151 32.13 -38.44 -25.40
N SER D 152 32.16 -39.04 -26.58
CA SER D 152 33.38 -39.71 -26.97
C SER D 152 33.44 -39.83 -28.47
N LYS D 153 34.66 -39.96 -28.96
CA LYS D 153 34.90 -39.93 -30.39
C LYS D 153 34.99 -41.37 -30.92
N ASN D 154 34.82 -42.35 -30.02
CA ASN D 154 34.79 -43.80 -30.26
C ASN D 154 33.47 -44.39 -29.77
N ARG D 155 32.82 -45.21 -30.61
CA ARG D 155 31.50 -45.75 -30.29
C ARG D 155 31.51 -46.65 -29.05
N ASP D 156 32.59 -47.40 -28.83
CA ASP D 156 32.63 -48.41 -27.79
C ASP D 156 32.84 -47.87 -26.38
N ALA D 157 33.20 -46.59 -26.21
CA ALA D 157 33.39 -46.04 -24.89
C ALA D 157 32.10 -45.62 -24.18
N LEU D 158 30.96 -45.59 -24.86
CA LEU D 158 29.71 -45.07 -24.30
C LEU D 158 28.65 -46.17 -24.17
N LYS D 159 27.80 -46.15 -23.11
CA LYS D 159 26.74 -47.16 -23.00
C LYS D 159 25.66 -46.97 -24.07
N ASN D 160 25.49 -45.76 -24.59
CA ASN D 160 24.51 -45.58 -25.66
C ASN D 160 24.98 -44.49 -26.62
N ILE D 161 24.34 -44.46 -27.79
CA ILE D 161 24.61 -43.44 -28.79
C ILE D 161 23.30 -42.72 -29.05
N PHE D 162 23.18 -41.50 -28.52
CA PHE D 162 21.98 -40.69 -28.72
C PHE D 162 22.04 -39.88 -29.99
N GLY D 163 23.23 -39.49 -30.41
CA GLY D 163 23.38 -38.72 -31.64
C GLY D 163 24.84 -38.33 -31.82
N GLU D 164 25.06 -37.47 -32.81
CA GLU D 164 26.38 -36.97 -33.12
C GLU D 164 26.40 -35.46 -32.91
N LEU D 165 27.45 -34.98 -32.24
CA LEU D 165 27.57 -33.55 -31.97
C LEU D 165 27.67 -32.77 -33.27
N VAL D 166 26.84 -31.74 -33.40
CA VAL D 166 26.86 -30.90 -34.60
C VAL D 166 27.88 -29.77 -34.45
N GLY D 167 27.99 -29.20 -33.26
CA GLY D 167 28.82 -28.03 -33.04
C GLY D 167 28.06 -26.73 -32.85
N ILE D 168 26.75 -26.78 -32.70
CA ILE D 168 25.93 -25.63 -32.34
C ILE D 168 25.20 -25.97 -31.04
N THR D 169 25.42 -25.15 -30.01
CA THR D 169 24.90 -25.45 -28.69
C THR D 169 24.36 -24.18 -28.04
N LYS D 170 23.25 -24.31 -27.29
CA LYS D 170 22.70 -23.19 -26.54
C LYS D 170 23.04 -23.33 -25.07
N LEU D 171 23.58 -22.27 -24.48
CA LEU D 171 24.11 -22.33 -23.12
C LEU D 171 23.70 -21.10 -22.32
N THR D 172 23.54 -21.29 -21.02
CA THR D 172 23.32 -20.20 -20.08
C THR D 172 24.66 -19.62 -19.64
N LYS D 173 24.61 -18.40 -19.11
CA LYS D 173 25.83 -17.77 -18.60
C LYS D 173 26.43 -18.54 -17.44
N SER D 174 25.58 -19.12 -16.59
CA SER D 174 26.07 -19.91 -15.46
C SER D 174 26.83 -21.15 -15.93
N THR D 175 26.31 -21.84 -16.96
CA THR D 175 27.01 -23.00 -17.50
C THR D 175 28.37 -22.61 -18.07
N LEU D 176 28.44 -21.47 -18.76
CA LEU D 176 29.71 -20.98 -19.27
C LEU D 176 30.67 -20.65 -18.13
N ASP D 177 30.15 -20.09 -17.05
CA ASP D 177 30.97 -19.82 -15.87
C ASP D 177 31.52 -21.12 -15.28
N LYS D 178 30.67 -22.15 -15.20
CA LYS D 178 31.13 -23.45 -14.69
C LYS D 178 32.23 -24.03 -15.57
N MET D 179 32.04 -23.96 -16.89
CA MET D 179 33.06 -24.46 -17.81
C MET D 179 34.37 -23.68 -17.65
N CYS D 180 34.27 -22.36 -17.46
CA CYS D 180 35.47 -21.54 -17.33
C CYS D 180 36.19 -21.79 -16.01
N ALA D 181 35.43 -21.99 -14.93
CA ALA D 181 36.05 -22.33 -13.65
C ALA D 181 36.79 -23.66 -13.74
N TYR D 182 36.14 -24.68 -14.32
CA TYR D 182 36.80 -25.97 -14.50
C TYR D 182 38.03 -25.83 -15.39
N ALA D 183 37.99 -24.91 -16.37
CA ALA D 183 39.15 -24.71 -17.23
C ALA D 183 40.28 -24.05 -16.46
N LYS D 184 39.96 -23.03 -15.66
CA LYS D 184 40.97 -22.32 -14.89
C LYS D 184 41.69 -23.28 -13.95
N ILE D 185 40.93 -24.15 -13.27
CA ILE D 185 41.54 -25.11 -12.36
C ILE D 185 42.55 -25.99 -13.09
N HIS D 186 42.39 -26.17 -14.41
CA HIS D 186 43.17 -27.13 -15.18
C HIS D 186 44.04 -26.46 -16.25
N HIS D 187 44.45 -25.20 -16.04
CA HIS D 187 45.30 -24.56 -17.04
C HIS D 187 46.66 -25.25 -17.15
N SER D 188 47.17 -25.83 -16.05
CA SER D 188 48.46 -26.52 -16.06
C SER D 188 48.34 -27.97 -16.52
N ASP D 189 47.31 -28.71 -16.06
CA ASP D 189 47.24 -30.12 -16.41
C ASP D 189 46.93 -30.30 -17.88
N LEU D 190 45.88 -29.62 -18.34
CA LEU D 190 45.29 -29.84 -19.67
C LEU D 190 45.28 -28.53 -20.43
N PRO D 191 46.44 -28.02 -20.83
CA PRO D 191 46.46 -26.73 -21.52
C PRO D 191 45.76 -26.74 -22.86
N LYS D 192 45.47 -27.91 -23.44
CA LYS D 192 44.83 -28.06 -24.75
C LYS D 192 43.41 -28.66 -24.67
N MET D 193 42.67 -28.33 -23.62
CA MET D 193 41.30 -28.83 -23.38
C MET D 193 40.27 -28.51 -24.49
N GLU D 194 39.27 -29.39 -24.70
CA GLU D 194 38.21 -29.00 -25.61
C GLU D 194 37.13 -28.27 -24.83
N TYR D 195 36.39 -27.44 -25.53
CA TYR D 195 35.20 -26.89 -24.92
C TYR D 195 34.22 -28.03 -24.66
N GLU D 196 34.31 -29.10 -25.45
CA GLU D 196 33.44 -30.26 -25.26
C GLU D 196 33.67 -30.92 -23.90
N HIS D 197 34.92 -30.98 -23.46
CA HIS D 197 35.23 -31.60 -22.15
C HIS D 197 34.65 -30.78 -20.99
N ALA D 198 34.83 -29.46 -21.05
CA ALA D 198 34.28 -28.59 -20.02
C ALA D 198 32.76 -28.65 -20.01
N LEU D 199 32.17 -28.79 -21.20
CA LEU D 199 30.72 -28.94 -21.27
C LEU D 199 30.28 -30.28 -20.65
N LEU D 200 30.99 -31.37 -20.96
CA LEU D 200 30.67 -32.67 -20.37
C LEU D 200 30.84 -32.64 -18.86
N GLU D 201 31.88 -31.96 -18.38
CA GLU D 201 32.13 -31.86 -16.94
C GLU D 201 31.04 -31.06 -16.25
N ALA D 202 30.64 -29.95 -16.87
CA ALA D 202 29.52 -29.17 -16.36
C ALA D 202 28.22 -29.96 -16.39
N ALA D 203 28.09 -30.90 -17.33
CA ALA D 203 26.85 -31.66 -17.45
C ALA D 203 26.60 -32.60 -16.28
N LYS D 204 27.62 -32.90 -15.47
CA LYS D 204 27.36 -33.72 -14.29
C LYS D 204 26.68 -32.93 -13.18
N THR D 205 26.93 -31.63 -13.13
CA THR D 205 26.32 -30.77 -12.13
C THR D 205 25.24 -29.85 -12.68
N ILE D 206 25.19 -29.66 -13.99
CA ILE D 206 24.16 -28.87 -14.65
C ILE D 206 23.52 -29.75 -15.71
N PRO D 207 22.20 -29.96 -15.71
CA PRO D 207 21.57 -30.80 -16.74
C PRO D 207 21.69 -30.15 -18.11
N VAL D 208 22.42 -30.81 -19.01
CA VAL D 208 22.61 -30.34 -20.37
C VAL D 208 21.88 -31.32 -21.29
N ALA D 209 20.73 -30.89 -21.81
CA ALA D 209 19.94 -31.75 -22.66
C ALA D 209 20.51 -31.76 -24.08
N ILE D 210 20.10 -32.78 -24.85
CA ILE D 210 20.51 -32.93 -26.24
C ILE D 210 19.26 -32.95 -27.10
N LYS D 211 19.24 -32.09 -28.12
CA LYS D 211 18.16 -32.07 -29.11
C LYS D 211 18.64 -32.78 -30.35
N ARG D 212 18.04 -33.92 -30.64
CA ARG D 212 18.45 -34.78 -31.75
C ARG D 212 17.51 -34.56 -32.93
N ILE D 213 18.01 -33.86 -33.95
CA ILE D 213 17.34 -33.76 -35.24
C ILE D 213 17.97 -34.82 -36.14
N GLU D 214 17.27 -35.95 -36.32
CA GLU D 214 17.85 -37.09 -37.02
C GLU D 214 18.27 -36.72 -38.44
N TYR D 215 17.49 -35.89 -39.12
CA TYR D 215 17.75 -35.56 -40.52
C TYR D 215 18.32 -34.15 -40.70
N PHE D 216 18.95 -33.60 -39.66
CA PHE D 216 19.59 -32.30 -39.77
C PHE D 216 20.71 -32.35 -40.81
N VAL D 217 20.72 -31.38 -41.71
CA VAL D 217 21.70 -31.30 -42.79
C VAL D 217 22.79 -30.34 -42.36
N TRP D 218 24.03 -30.83 -42.34
CA TRP D 218 25.15 -30.05 -41.83
C TRP D 218 26.45 -30.75 -42.21
N ARG D 219 27.55 -30.00 -42.11
CA ARG D 219 28.88 -30.60 -42.23
C ARG D 219 29.93 -29.67 -41.63
N GLU D 220 30.91 -30.30 -40.97
CA GLU D 220 32.12 -29.63 -40.55
C GLU D 220 33.13 -29.69 -41.68
N ILE D 221 33.75 -28.55 -41.99
CA ILE D 221 34.70 -28.47 -43.09
C ILE D 221 36.12 -28.33 -42.57
N ASP D 222 36.72 -29.44 -42.15
CA ASP D 222 38.08 -29.38 -41.61
C ASP D 222 39.12 -30.03 -42.52
N ASN D 223 38.86 -31.21 -43.06
CA ASN D 223 39.81 -31.77 -44.01
C ASN D 223 39.34 -31.42 -45.41
N GLU D 224 39.96 -32.02 -46.41
CA GLU D 224 39.41 -31.74 -47.71
C GLU D 224 38.29 -32.67 -48.15
N ASP D 225 38.27 -33.94 -47.75
CA ASP D 225 37.12 -34.80 -48.07
C ASP D 225 35.85 -34.05 -47.79
N HIS D 226 35.81 -33.39 -46.64
CA HIS D 226 34.60 -32.68 -46.23
C HIS D 226 34.24 -31.50 -47.13
N LEU D 227 35.23 -30.74 -47.68
CA LEU D 227 34.89 -29.58 -48.53
C LEU D 227 34.11 -29.99 -49.75
N GLU D 228 34.64 -30.92 -50.52
CA GLU D 228 33.94 -31.32 -51.73
C GLU D 228 32.77 -32.22 -51.38
N MET D 229 32.78 -32.88 -50.21
CA MET D 229 31.50 -33.45 -49.87
C MET D 229 30.45 -32.37 -49.62
N ALA D 230 30.84 -31.22 -49.07
CA ALA D 230 29.82 -30.23 -48.77
C ALA D 230 29.32 -29.61 -50.06
N VAL D 231 30.23 -29.28 -50.98
CA VAL D 231 29.77 -28.74 -52.26
C VAL D 231 28.94 -29.68 -53.12
N LYS D 232 29.16 -30.99 -53.19
CA LYS D 232 28.28 -31.61 -54.18
C LYS D 232 26.96 -32.11 -53.53
N ASN D 233 26.98 -32.47 -52.23
CA ASN D 233 25.75 -33.03 -51.66
C ASN D 233 25.09 -32.12 -50.61
N ILE D 234 25.84 -31.69 -49.61
CA ILE D 234 25.23 -31.05 -48.44
C ILE D 234 24.80 -29.62 -48.73
N TYR D 235 25.63 -28.85 -49.43
CA TYR D 235 25.33 -27.43 -49.60
C TYR D 235 24.08 -27.19 -50.46
N PRO D 236 23.89 -27.89 -51.59
CA PRO D 236 22.60 -27.76 -52.30
C PRO D 236 21.41 -28.14 -51.44
N HIS D 237 21.56 -29.17 -50.59
CA HIS D 237 20.49 -29.56 -49.69
C HIS D 237 20.16 -28.43 -48.71
N ILE D 238 21.19 -27.81 -48.14
CA ILE D 238 21.00 -26.69 -47.21
C ILE D 238 20.32 -25.52 -47.91
N VAL D 239 20.77 -25.21 -49.12
CA VAL D 239 20.19 -24.08 -49.85
C VAL D 239 18.73 -24.32 -50.16
N GLU D 240 18.40 -25.54 -50.61
CA GLU D 240 16.99 -25.88 -50.85
C GLU D 240 16.17 -25.76 -49.57
N ASN D 241 16.67 -26.34 -48.47
CA ASN D 241 15.96 -26.29 -47.20
C ASN D 241 15.67 -24.84 -46.80
N GLU D 242 16.65 -23.96 -46.97
CA GLU D 242 16.47 -22.58 -46.56
C GLU D 242 15.56 -21.82 -47.52
N LYS D 243 15.63 -22.13 -48.82
CA LYS D 243 14.74 -21.50 -49.78
C LYS D 243 13.29 -21.94 -49.61
N LEU D 244 13.07 -23.10 -49.00
CA LEU D 244 11.71 -23.53 -48.69
C LEU D 244 10.99 -22.55 -47.77
N ARG D 245 11.73 -21.80 -46.95
CA ARG D 245 11.12 -20.85 -46.04
C ARG D 245 11.12 -19.43 -46.58
N ALA D 246 11.62 -19.22 -47.79
CA ALA D 246 11.66 -17.89 -48.39
C ALA D 246 10.24 -17.43 -48.73
N VAL D 247 10.00 -16.14 -48.56
CA VAL D 247 8.71 -15.51 -48.83
C VAL D 247 8.73 -14.93 -50.23
N ARG D 248 7.57 -14.89 -50.89
CA ARG D 248 7.50 -14.30 -52.21
C ARG D 248 7.98 -12.86 -52.17
N ARG D 249 8.94 -12.55 -53.04
CA ARG D 249 9.55 -11.22 -53.07
C ARG D 249 8.82 -10.40 -54.13
N GLU D 250 7.98 -9.49 -53.66
CA GLU D 250 7.37 -8.48 -54.52
C GLU D 250 8.16 -7.19 -54.33
N VAL D 251 8.63 -6.62 -55.42
CA VAL D 251 9.39 -5.38 -55.38
C VAL D 251 8.39 -4.23 -55.40
N LEU D 252 8.23 -3.58 -54.25
CA LEU D 252 7.25 -2.51 -54.11
C LEU D 252 7.91 -1.19 -54.44
N LEU D 253 7.34 -0.47 -55.41
CA LEU D 253 7.83 0.84 -55.80
C LEU D 253 6.88 1.95 -55.33
N ASN D 254 6.13 1.68 -54.24
CA ASN D 254 5.33 2.64 -53.52
C ASN D 254 6.07 3.09 -52.27
N PRO D 255 5.78 4.29 -51.75
CA PRO D 255 6.61 4.86 -50.66
C PRO D 255 6.27 4.33 -49.26
N GLY D 256 6.47 3.04 -49.07
CA GLY D 256 6.23 2.41 -47.78
C GLY D 256 4.78 2.27 -47.40
N PRO D 257 4.38 1.09 -46.89
CA PRO D 257 5.14 -0.17 -46.72
C PRO D 257 5.79 -0.68 -48.00
N ALA D 258 7.11 -0.83 -47.96
CA ALA D 258 7.89 -1.25 -49.11
C ALA D 258 8.37 -2.69 -48.91
N THR D 259 9.27 -3.13 -49.78
CA THR D 259 9.81 -4.47 -49.67
C THR D 259 10.67 -4.59 -48.42
N THR D 260 10.44 -5.64 -47.64
CA THR D 260 11.19 -5.92 -46.44
C THR D 260 12.06 -7.15 -46.62
N THR D 261 13.07 -7.28 -45.77
CA THR D 261 13.83 -8.52 -45.72
C THR D 261 13.01 -9.60 -45.04
N ASP D 262 13.27 -10.85 -45.41
CA ASP D 262 12.55 -11.95 -44.80
C ASP D 262 12.87 -12.09 -43.31
N SER D 263 14.05 -11.64 -42.89
CA SER D 263 14.37 -11.67 -41.46
C SER D 263 13.47 -10.74 -40.67
N VAL D 264 13.21 -9.54 -41.20
CA VAL D 264 12.25 -8.64 -40.57
C VAL D 264 10.87 -9.27 -40.53
N LYS D 265 10.47 -9.93 -41.62
CA LYS D 265 9.18 -10.62 -41.65
C LYS D 265 9.08 -11.65 -40.55
N TYR D 266 10.11 -12.49 -40.40
CA TYR D 266 10.06 -13.59 -39.44
C TYR D 266 10.28 -13.12 -38.01
N ALA D 267 10.84 -11.91 -37.82
CA ALA D 267 10.95 -11.35 -36.49
C ALA D 267 9.61 -11.21 -35.80
N GLN D 268 8.51 -11.13 -36.57
CA GLN D 268 7.18 -11.09 -35.97
C GLN D 268 6.81 -12.40 -35.29
N VAL D 269 7.43 -13.51 -35.69
CA VAL D 269 7.09 -14.83 -35.16
C VAL D 269 7.94 -15.08 -33.93
N SER D 270 7.31 -15.11 -32.76
CA SER D 270 8.02 -15.22 -31.49
C SER D 270 7.08 -15.83 -30.46
N ALA D 271 7.67 -16.28 -29.36
CA ALA D 271 6.86 -16.74 -28.24
C ALA D 271 5.94 -15.63 -27.77
N ASP D 272 4.72 -15.99 -27.40
CA ASP D 272 3.79 -15.01 -26.86
C ASP D 272 4.30 -14.47 -25.53
N ILE D 273 4.12 -13.16 -25.33
CA ILE D 273 4.63 -12.47 -24.16
C ILE D 273 3.58 -11.47 -23.68
N CYS D 274 3.45 -11.34 -22.38
CA CYS D 274 2.64 -10.27 -21.81
C CYS D 274 3.40 -8.96 -21.91
N PRO D 275 2.82 -7.92 -22.52
CA PRO D 275 3.57 -6.67 -22.72
C PRO D 275 3.98 -6.01 -21.42
N ARG D 276 3.32 -6.38 -20.31
CA ARG D 276 3.62 -5.82 -19.00
C ARG D 276 4.92 -6.38 -18.42
N GLU D 277 5.39 -7.51 -18.93
CA GLU D 277 6.61 -8.13 -18.43
C GLU D 277 7.81 -7.20 -18.63
N LYS D 278 8.80 -7.35 -17.74
CA LYS D 278 9.95 -6.44 -17.75
C LYS D 278 10.78 -6.58 -19.02
N ALA D 279 10.82 -7.78 -19.61
CA ALA D 279 11.57 -7.97 -20.84
C ALA D 279 11.00 -7.10 -21.97
N PHE D 280 9.68 -7.00 -22.05
CA PHE D 280 9.08 -6.19 -23.12
C PHE D 280 9.26 -4.71 -22.87
N GLY D 281 9.11 -4.28 -21.61
CA GLY D 281 9.43 -2.89 -21.28
C GLY D 281 10.87 -2.56 -21.59
N ASP D 282 11.78 -3.51 -21.38
CA ASP D 282 13.18 -3.31 -21.75
C ASP D 282 13.32 -3.18 -23.26
N LEU D 283 12.62 -4.02 -24.03
CA LEU D 283 12.63 -3.88 -25.47
C LEU D 283 12.15 -2.49 -25.89
N MET D 284 11.14 -1.96 -25.21
CA MET D 284 10.58 -0.66 -25.59
C MET D 284 11.55 0.48 -25.24
N GLN D 285 12.18 0.41 -24.08
CA GLN D 285 13.22 1.39 -23.75
C GLN D 285 14.35 1.33 -24.77
N TRP D 286 14.78 0.12 -25.13
CA TRP D 286 15.78 -0.07 -26.16
C TRP D 286 15.36 0.56 -27.47
N LEU D 287 14.11 0.33 -27.87
CA LEU D 287 13.60 0.90 -29.11
C LEU D 287 13.64 2.42 -29.08
N CYS D 288 13.22 3.04 -27.97
CA CYS D 288 13.27 4.48 -27.89
C CYS D 288 14.71 4.99 -28.04
N ASP D 289 15.63 4.36 -27.29
CA ASP D 289 17.02 4.81 -27.29
C ASP D 289 17.65 4.68 -28.67
N GLU D 290 17.33 3.58 -29.37
CA GLU D 290 17.97 3.35 -30.67
C GLU D 290 17.30 4.17 -31.76
N LEU D 291 15.98 4.33 -31.71
CA LEU D 291 15.27 5.09 -32.73
C LEU D 291 15.71 6.54 -32.72
N LYS D 292 15.91 7.13 -31.53
CA LYS D 292 16.29 8.55 -31.53
C LYS D 292 17.70 8.75 -32.08
N LEU D 293 18.58 7.75 -31.97
CA LEU D 293 19.95 7.90 -32.44
C LEU D 293 20.04 7.96 -33.96
N PHE D 294 19.04 7.41 -34.67
CA PHE D 294 19.01 7.53 -36.13
C PHE D 294 18.72 8.94 -36.59
N ALA D 295 18.39 9.85 -35.67
CA ALA D 295 18.15 11.25 -35.99
C ALA D 295 19.07 12.21 -35.25
N LEU D 296 20.18 11.71 -34.70
CA LEU D 296 21.13 12.55 -33.99
C LEU D 296 22.55 12.22 -34.41
N ALA D 297 23.35 13.27 -34.64
CA ALA D 297 24.76 13.08 -34.87
C ALA D 297 25.45 12.65 -33.58
N SER D 298 26.62 12.02 -33.73
CA SER D 298 27.40 11.61 -32.57
C SER D 298 27.76 12.80 -31.69
N GLU D 299 27.94 13.99 -32.30
CA GLU D 299 28.32 15.17 -31.55
C GLU D 299 27.18 15.67 -30.66
N THR D 300 25.96 15.20 -30.87
CA THR D 300 24.81 15.64 -30.11
C THR D 300 24.60 14.74 -28.89
N ASN D 301 24.30 15.36 -27.76
CA ASN D 301 24.05 14.61 -26.54
C ASN D 301 22.72 13.88 -26.67
N PRO D 302 22.69 12.55 -26.70
CA PRO D 302 21.40 11.85 -26.82
C PRO D 302 20.47 12.06 -25.64
N ASP D 303 20.98 12.50 -24.49
CA ASP D 303 20.12 12.72 -23.34
C ASP D 303 19.19 13.91 -23.51
N GLU D 304 19.52 14.83 -24.43
CA GLU D 304 18.66 15.98 -24.69
C GLU D 304 17.41 15.61 -25.47
N TYR D 305 17.23 14.35 -25.83
CA TYR D 305 16.12 13.93 -26.68
C TYR D 305 15.48 12.66 -26.13
N GLU D 306 14.21 12.48 -26.48
CA GLU D 306 13.44 11.31 -26.07
C GLU D 306 12.64 10.79 -27.26
N THR D 307 12.18 9.55 -27.15
CA THR D 307 11.32 8.94 -28.16
C THR D 307 10.02 8.49 -27.51
N VAL D 308 8.90 8.79 -28.15
CA VAL D 308 7.58 8.41 -27.65
C VAL D 308 6.88 7.63 -28.76
N MET D 309 6.50 6.39 -28.46
CA MET D 309 5.96 5.45 -29.44
C MET D 309 4.47 5.22 -29.22
N PHE D 310 3.76 4.97 -30.32
CA PHE D 310 2.33 4.73 -30.32
C PHE D 310 2.00 3.62 -31.31
N GLY D 311 0.94 2.87 -31.00
CA GLY D 311 0.40 1.96 -31.98
C GLY D 311 -0.36 2.80 -32.98
N CYS D 312 0.24 3.04 -34.14
CA CYS D 312 -0.10 4.26 -34.86
C CYS D 312 0.39 4.17 -36.29
N SER D 313 -0.28 4.91 -37.17
CA SER D 313 0.27 5.22 -38.47
C SER D 313 1.12 6.49 -38.37
N GLY D 314 1.76 6.87 -39.47
CA GLY D 314 2.51 8.12 -39.48
C GLY D 314 1.62 9.33 -39.31
N THR D 315 0.45 9.32 -39.95
CA THR D 315 -0.52 10.39 -39.77
C THR D 315 -0.96 10.48 -38.31
N GLY D 316 -1.03 9.34 -37.62
CA GLY D 316 -1.30 9.35 -36.21
C GLY D 316 -0.25 10.07 -35.40
N ALA D 317 1.03 9.89 -35.76
CA ALA D 317 2.10 10.59 -35.05
C ALA D 317 2.07 12.08 -35.34
N ASP D 318 1.75 12.45 -36.59
CA ASP D 318 1.54 13.86 -36.91
C ASP D 318 0.43 14.44 -36.05
N GLU D 319 -0.67 13.71 -35.90
CA GLU D 319 -1.77 14.18 -35.07
C GLU D 319 -1.35 14.30 -33.61
N VAL D 320 -0.56 13.33 -33.13
CA VAL D 320 0.02 13.43 -31.79
C VAL D 320 0.73 14.77 -31.62
N MET D 321 1.63 15.08 -32.54
CA MET D 321 2.40 16.31 -32.44
C MET D 321 1.49 17.54 -32.48
N VAL D 322 0.60 17.60 -33.47
CA VAL D 322 -0.20 18.81 -33.68
C VAL D 322 -1.17 19.02 -32.54
N SER D 323 -1.75 17.95 -32.00
CA SER D 323 -2.72 18.04 -30.92
C SER D 323 -2.09 18.02 -29.54
N SER D 324 -0.77 17.89 -29.42
CA SER D 324 -0.12 17.86 -28.12
C SER D 324 0.89 18.96 -27.89
N CYS D 325 1.35 19.66 -28.93
CA CYS D 325 2.48 20.58 -28.79
C CYS D 325 2.10 22.05 -28.89
N VAL D 326 0.86 22.38 -29.21
CA VAL D 326 0.48 23.77 -29.43
C VAL D 326 -0.64 24.17 -28.47
N PRO D 327 -0.37 25.00 -27.47
CA PRO D 327 -1.43 25.43 -26.56
C PRO D 327 -2.30 26.50 -27.20
N ASP D 328 -3.52 26.62 -26.66
CA ASP D 328 -4.43 27.66 -27.14
C ASP D 328 -3.86 29.06 -26.98
N THR D 329 -2.89 29.25 -26.08
CA THR D 329 -2.24 30.55 -25.92
C THR D 329 -1.40 30.94 -27.13
N GLY D 330 -0.92 29.98 -27.92
CA GLY D 330 -0.01 30.25 -29.01
C GLY D 330 -0.70 30.32 -30.35
N ARG D 331 0.11 30.34 -31.41
CA ARG D 331 -0.42 30.33 -32.77
C ARG D 331 0.52 29.56 -33.67
N LEU D 332 -0.05 28.66 -34.47
CA LEU D 332 0.71 27.75 -35.31
C LEU D 332 0.66 28.20 -36.77
N LEU D 333 1.82 28.20 -37.42
CA LEU D 333 1.93 28.39 -38.86
C LEU D 333 2.18 27.04 -39.50
N VAL D 334 1.31 26.64 -40.42
CA VAL D 334 1.40 25.34 -41.08
C VAL D 334 1.85 25.57 -42.51
N ILE D 335 2.99 25.00 -42.89
CA ILE D 335 3.46 25.06 -44.26
C ILE D 335 2.83 23.89 -45.03
N ASP D 336 2.13 24.21 -46.11
CA ASP D 336 1.39 23.23 -46.90
C ASP D 336 1.84 23.35 -48.35
N ASN D 337 2.80 22.51 -48.75
CA ASN D 337 3.18 22.38 -50.15
C ASN D 337 3.10 20.92 -50.57
N GLY D 338 2.10 20.21 -50.05
CA GLY D 338 1.94 18.80 -50.31
C GLY D 338 0.91 18.20 -49.38
N SER D 339 0.61 16.93 -49.62
CA SER D 339 -0.53 16.29 -48.95
C SER D 339 -0.28 16.05 -47.46
N TYR D 340 0.97 15.77 -47.07
CA TYR D 340 1.26 15.62 -45.65
C TYR D 340 1.06 16.94 -44.90
N GLY D 341 1.54 18.04 -45.48
CA GLY D 341 1.30 19.35 -44.89
C GLY D 341 -0.17 19.71 -44.87
N ALA D 342 -0.88 19.40 -45.95
CA ALA D 342 -2.33 19.63 -45.98
C ALA D 342 -3.02 18.83 -44.87
N ARG D 343 -2.53 17.62 -44.61
CA ARG D 343 -3.12 16.80 -43.56
C ARG D 343 -2.85 17.39 -42.18
N MET D 344 -1.63 17.90 -41.98
CA MET D 344 -1.33 18.59 -40.72
C MET D 344 -2.23 19.81 -40.53
N ALA D 345 -2.45 20.56 -41.62
CA ALA D 345 -3.38 21.69 -41.58
C ALA D 345 -4.79 21.24 -41.20
N LYS D 346 -5.27 20.16 -41.82
CA LYS D 346 -6.61 19.67 -41.52
C LYS D 346 -6.72 19.25 -40.05
N ILE D 347 -5.68 18.59 -39.53
CA ILE D 347 -5.70 18.17 -38.13
C ILE D 347 -5.77 19.40 -37.23
N ALA D 348 -4.89 20.38 -37.46
CA ALA D 348 -4.92 21.61 -36.67
C ALA D 348 -6.28 22.28 -36.74
N ASP D 349 -6.92 22.26 -37.91
CA ASP D 349 -8.24 22.87 -38.06
C ASP D 349 -9.28 22.13 -37.23
N ILE D 350 -9.26 20.80 -37.26
CA ILE D 350 -10.25 20.01 -36.51
C ILE D 350 -10.14 20.29 -35.02
N TYR D 351 -8.91 20.37 -34.50
CA TYR D 351 -8.72 20.61 -33.08
C TYR D 351 -8.86 22.09 -32.71
N LYS D 352 -9.13 22.95 -33.69
CA LYS D 352 -9.30 24.38 -33.46
C LYS D 352 -8.06 25.00 -32.84
N ILE D 353 -6.90 24.60 -33.33
CA ILE D 353 -5.63 25.19 -32.87
C ILE D 353 -5.42 26.50 -33.61
N PRO D 354 -5.14 27.60 -32.90
CA PRO D 354 -4.89 28.88 -33.58
C PRO D 354 -3.81 28.78 -34.63
N MET D 355 -4.18 28.98 -35.90
CA MET D 355 -3.33 28.58 -37.00
C MET D 355 -3.58 29.44 -38.23
N ASP D 356 -2.53 29.60 -39.03
CA ASP D 356 -2.62 30.10 -40.39
C ASP D 356 -1.83 29.17 -41.30
N ILE D 357 -2.23 29.10 -42.56
CA ILE D 357 -1.62 28.18 -43.53
C ILE D 357 -0.83 28.98 -44.55
N PHE D 358 0.42 28.56 -44.75
CA PHE D 358 1.29 29.09 -45.82
C PHE D 358 1.29 28.04 -46.92
N LYS D 359 0.50 28.29 -47.96
CA LYS D 359 0.38 27.36 -49.08
C LYS D 359 1.42 27.69 -50.13
N SER D 360 1.95 26.65 -50.78
CA SER D 360 2.99 26.85 -51.76
C SER D 360 2.95 25.75 -52.81
N SER D 361 3.76 25.92 -53.85
CA SER D 361 3.77 25.00 -54.98
C SER D 361 4.11 23.59 -54.53
N THR D 362 3.53 22.61 -55.24
CA THR D 362 3.74 21.21 -54.92
C THR D 362 5.07 20.67 -55.44
N TYR D 363 5.68 21.31 -56.45
CA TYR D 363 6.89 20.77 -57.06
C TYR D 363 8.04 21.75 -57.17
N GLU D 364 7.92 22.97 -56.64
CA GLU D 364 9.00 23.93 -56.68
C GLU D 364 9.29 24.44 -55.26
N PRO D 365 10.52 24.87 -54.99
CA PRO D 365 10.89 25.21 -53.61
C PRO D 365 10.07 26.35 -53.03
N LEU D 366 9.98 26.36 -51.70
CA LEU D 366 9.31 27.42 -50.99
C LEU D 366 10.00 28.76 -51.22
N ASP D 367 9.21 29.84 -51.22
CA ASP D 367 9.76 31.18 -51.23
C ASP D 367 10.25 31.48 -49.82
N LEU D 368 11.55 31.28 -49.59
CA LEU D 368 12.10 31.43 -48.25
C LEU D 368 12.03 32.86 -47.75
N GLN D 369 11.95 33.84 -48.66
CA GLN D 369 11.88 35.23 -48.22
C GLN D 369 10.47 35.58 -47.76
N LYS D 370 9.44 35.10 -48.45
CA LYS D 370 8.08 35.27 -47.94
C LYS D 370 7.88 34.51 -46.64
N LEU D 371 8.51 33.33 -46.52
CA LEU D 371 8.45 32.57 -45.29
C LEU D 371 9.09 33.33 -44.13
N GLU D 372 10.26 33.94 -44.39
CA GLU D 372 10.90 34.74 -43.35
C GLU D 372 10.06 35.97 -43.01
N ALA D 373 9.45 36.59 -44.01
CA ALA D 373 8.54 37.71 -43.75
C ALA D 373 7.42 37.29 -42.81
N GLU D 374 6.85 36.10 -43.03
CA GLU D 374 5.79 35.63 -42.13
C GLU D 374 6.33 35.30 -40.75
N PHE D 375 7.57 34.79 -40.68
CA PHE D 375 8.20 34.56 -39.38
C PHE D 375 8.38 35.86 -38.62
N ALA D 376 8.68 36.95 -39.34
CA ALA D 376 9.04 38.21 -38.70
C ALA D 376 7.86 38.89 -38.00
N THR D 377 6.62 38.60 -38.41
CA THR D 377 5.46 39.18 -37.73
C THR D 377 5.40 38.85 -36.25
N LYS D 378 6.09 37.78 -35.82
CA LYS D 378 6.05 37.31 -34.43
C LYS D 378 4.64 36.92 -34.01
N LYS D 379 3.78 36.60 -34.98
CA LYS D 379 2.45 36.10 -34.68
C LYS D 379 2.49 34.65 -34.19
N TYR D 380 3.50 33.89 -34.61
CA TYR D 380 3.48 32.44 -34.51
C TYR D 380 4.45 31.98 -33.45
N THR D 381 3.96 31.13 -32.54
CA THR D 381 4.76 30.46 -31.54
C THR D 381 5.29 29.12 -32.04
N HIS D 382 4.58 28.48 -32.96
CA HIS D 382 4.93 27.16 -33.46
C HIS D 382 4.89 27.14 -34.98
N LEU D 383 5.77 26.34 -35.55
CA LEU D 383 5.83 26.09 -36.99
C LEU D 383 5.65 24.59 -37.22
N ALA D 384 4.78 24.23 -38.15
CA ALA D 384 4.58 22.84 -38.55
C ALA D 384 4.91 22.71 -40.03
N CYS D 385 5.72 21.72 -40.38
CA CYS D 385 6.14 21.55 -41.76
C CYS D 385 6.52 20.10 -42.01
N VAL D 386 6.80 19.80 -43.28
CA VAL D 386 7.08 18.45 -43.75
C VAL D 386 8.46 18.44 -44.39
N TYR D 387 9.26 17.42 -44.06
CA TYR D 387 10.60 17.32 -44.64
C TYR D 387 10.53 16.85 -46.09
N HIS D 388 9.78 15.78 -46.33
CA HIS D 388 9.73 15.15 -47.66
C HIS D 388 8.28 14.89 -48.00
N GLU D 389 7.82 15.50 -49.09
CA GLU D 389 6.46 15.31 -49.56
C GLU D 389 6.48 14.21 -50.62
N THR D 390 5.93 13.05 -50.28
CA THR D 390 5.86 11.94 -51.20
C THR D 390 4.91 12.22 -52.36
N THR D 391 4.17 13.33 -52.31
CA THR D 391 3.27 13.67 -53.40
C THR D 391 4.04 13.82 -54.71
N THR D 392 5.24 14.42 -54.65
CA THR D 392 6.10 14.56 -55.82
C THR D 392 7.55 14.20 -55.57
N GLY D 393 7.96 13.93 -54.33
CA GLY D 393 9.36 13.74 -54.03
C GLY D 393 10.13 15.02 -53.75
N LEU D 394 9.43 16.15 -53.58
CA LEU D 394 10.09 17.39 -53.24
C LEU D 394 10.69 17.31 -51.84
N LEU D 395 11.90 17.83 -51.69
CA LEU D 395 12.59 17.83 -50.41
C LEU D 395 12.72 19.28 -49.93
N ASN D 396 12.02 19.61 -48.85
CA ASN D 396 12.07 20.96 -48.33
C ASN D 396 13.39 21.22 -47.61
N PRO D 397 13.96 22.42 -47.75
CA PRO D 397 15.25 22.73 -47.11
C PRO D 397 15.09 23.02 -45.62
N LEU D 398 14.76 21.96 -44.86
CA LEU D 398 14.47 22.14 -43.45
C LEU D 398 15.69 22.60 -42.65
N HIS D 399 16.90 22.34 -43.16
CA HIS D 399 18.11 22.81 -42.50
C HIS D 399 18.23 24.33 -42.50
N ILE D 400 17.49 25.00 -43.37
CA ILE D 400 17.36 26.45 -43.33
C ILE D 400 16.08 26.88 -42.62
N ILE D 401 14.95 26.25 -42.96
CA ILE D 401 13.65 26.71 -42.49
C ILE D 401 13.54 26.58 -40.97
N CYS D 402 13.98 25.44 -40.43
CA CYS D 402 13.72 25.20 -39.01
C CYS D 402 14.69 25.98 -38.13
N PRO D 403 15.99 26.05 -38.43
CA PRO D 403 16.84 27.01 -37.71
C PRO D 403 16.32 28.43 -37.82
N MET D 404 15.80 28.83 -38.98
CA MET D 404 15.22 30.15 -39.12
C MET D 404 14.03 30.33 -38.19
N ALA D 405 13.17 29.31 -38.09
CA ALA D 405 12.03 29.39 -37.17
C ALA D 405 12.49 29.47 -35.72
N LYS D 406 13.58 28.76 -35.39
CA LYS D 406 14.13 28.85 -34.04
C LYS D 406 14.65 30.25 -33.75
N LYS D 407 15.29 30.87 -34.75
CA LYS D 407 15.86 32.21 -34.54
C LYS D 407 14.79 33.23 -34.20
N TYR D 408 13.57 33.04 -34.71
CA TYR D 408 12.45 33.92 -34.37
C TYR D 408 11.66 33.40 -33.18
N GLY D 409 12.20 32.44 -32.44
CA GLY D 409 11.60 31.99 -31.20
C GLY D 409 10.48 30.99 -31.35
N MET D 410 10.36 30.33 -32.49
CA MET D 410 9.27 29.39 -32.72
C MET D 410 9.70 27.97 -32.39
N VAL D 411 8.73 27.18 -31.95
CA VAL D 411 8.93 25.75 -31.71
C VAL D 411 8.62 24.99 -32.99
N THR D 412 9.51 24.06 -33.36
CA THR D 412 9.45 23.41 -34.67
C THR D 412 8.86 22.01 -34.56
N ILE D 413 7.86 21.75 -35.40
CA ILE D 413 7.14 20.48 -35.48
C ILE D 413 7.28 20.00 -36.92
N VAL D 414 7.86 18.81 -37.09
CA VAL D 414 8.29 18.34 -38.39
C VAL D 414 7.74 16.94 -38.64
N ASP D 415 7.12 16.77 -39.81
CA ASP D 415 6.87 15.44 -40.37
C ASP D 415 8.12 15.02 -41.12
N ALA D 416 8.79 13.98 -40.61
CA ALA D 416 9.87 13.32 -41.34
C ALA D 416 9.52 11.85 -41.60
N VAL D 417 8.22 11.58 -41.79
CA VAL D 417 7.74 10.21 -41.90
C VAL D 417 8.44 9.48 -43.05
N SER D 418 8.61 10.15 -44.19
CA SER D 418 9.23 9.56 -45.35
C SER D 418 10.66 10.04 -45.58
N ALA D 419 11.24 10.71 -44.58
CA ALA D 419 12.63 11.15 -44.63
C ALA D 419 13.49 10.48 -43.58
N TYR D 420 12.97 10.30 -42.36
CA TYR D 420 13.73 9.69 -41.27
C TYR D 420 14.23 8.32 -41.66
N CYS D 421 15.52 8.07 -41.41
CA CYS D 421 16.25 6.83 -41.68
C CYS D 421 16.53 6.63 -43.17
N GLY D 422 16.12 7.54 -44.03
CA GLY D 422 16.44 7.45 -45.45
C GLY D 422 17.61 8.35 -45.79
N MET D 423 17.93 9.28 -44.90
CA MET D 423 18.99 10.25 -45.08
C MET D 423 19.51 10.64 -43.70
N PRO D 424 20.78 11.02 -43.59
CA PRO D 424 21.30 11.48 -42.30
C PRO D 424 20.51 12.68 -41.79
N MET D 425 20.24 12.68 -40.49
CA MET D 425 19.54 13.76 -39.83
C MET D 425 20.17 14.05 -38.48
N ASP D 426 20.20 15.32 -38.11
CA ASP D 426 20.62 15.73 -36.75
C ASP D 426 19.64 16.81 -36.28
N LEU D 427 18.72 16.42 -35.39
CA LEU D 427 17.68 17.34 -34.95
C LEU D 427 18.25 18.60 -34.32
N LYS D 428 19.43 18.51 -33.70
CA LYS D 428 20.00 19.66 -33.00
C LYS D 428 20.41 20.75 -33.98
N SER D 429 21.28 20.42 -34.93
CA SER D 429 21.69 21.41 -35.93
C SER D 429 20.56 21.74 -36.88
N LEU D 430 19.59 20.84 -37.05
CA LEU D 430 18.40 21.14 -37.84
C LEU D 430 17.41 22.02 -37.10
N GLY D 431 17.59 22.25 -35.81
CA GLY D 431 16.65 23.07 -35.06
C GLY D 431 15.25 22.50 -35.02
N ILE D 432 15.12 21.19 -34.82
CA ILE D 432 13.83 20.51 -34.84
C ILE D 432 13.51 20.09 -33.42
N ASP D 433 12.37 20.55 -32.91
CA ASP D 433 11.95 20.24 -31.54
C ASP D 433 11.13 18.96 -31.45
N PHE D 434 10.21 18.75 -32.38
CA PHE D 434 9.41 17.52 -32.45
C PHE D 434 9.47 16.97 -33.86
N MET D 435 9.79 15.69 -34.00
CA MET D 435 9.91 15.05 -35.31
C MET D 435 9.12 13.75 -35.32
N ALA D 436 8.26 13.57 -36.32
CA ALA D 436 7.44 12.36 -36.40
C ALA D 436 7.95 11.42 -37.48
N SER D 437 7.77 10.13 -37.26
CA SER D 437 8.06 9.12 -38.29
C SER D 437 7.31 7.83 -37.93
N THR D 438 7.47 6.82 -38.77
CA THR D 438 6.71 5.58 -38.65
C THR D 438 7.66 4.40 -38.86
N SER D 439 7.13 3.20 -38.64
CA SER D 439 7.92 1.98 -38.69
C SER D 439 7.96 1.32 -40.06
N ASN D 440 7.13 1.74 -41.02
CA ASN D 440 6.96 1.01 -42.26
C ASN D 440 7.51 1.77 -43.48
N LYS D 441 8.45 2.70 -43.29
CA LYS D 441 9.00 3.45 -44.40
C LYS D 441 10.50 3.18 -44.45
N ASN D 442 11.34 4.22 -44.34
CA ASN D 442 12.75 4.05 -44.64
C ASN D 442 13.48 3.19 -43.61
N ILE D 443 12.92 3.01 -42.41
CA ILE D 443 13.50 2.07 -41.47
C ILE D 443 13.23 0.62 -41.90
N GLN D 444 12.23 0.40 -42.76
CA GLN D 444 11.99 -0.90 -43.41
C GLN D 444 11.45 -1.94 -42.43
N GLY D 445 10.53 -1.53 -41.56
CA GLY D 445 9.81 -2.42 -40.69
C GLY D 445 8.39 -2.67 -41.16
N MET D 446 7.56 -3.15 -40.24
CA MET D 446 6.15 -3.41 -40.50
C MET D 446 5.28 -2.29 -39.94
N ALA D 447 4.19 -1.99 -40.64
CA ALA D 447 3.31 -0.90 -40.23
C ALA D 447 2.70 -1.20 -38.87
N GLY D 448 2.54 -0.16 -38.06
CA GLY D 448 1.91 -0.33 -36.77
C GLY D 448 2.41 0.59 -35.67
N VAL D 449 3.63 1.12 -35.80
CA VAL D 449 4.22 1.98 -34.78
C VAL D 449 4.53 3.33 -35.41
N GLY D 450 3.93 4.38 -34.86
CA GLY D 450 4.31 5.74 -35.15
C GLY D 450 5.05 6.28 -33.94
N PHE D 451 5.97 7.21 -34.16
CA PHE D 451 6.73 7.72 -33.02
C PHE D 451 7.15 9.15 -33.24
N VAL D 452 7.40 9.83 -32.12
CA VAL D 452 7.83 11.23 -32.11
C VAL D 452 9.13 11.30 -31.31
N ILE D 453 10.16 11.83 -31.95
CA ILE D 453 11.42 12.16 -31.28
C ILE D 453 11.34 13.62 -30.86
N CYS D 454 11.49 13.87 -29.57
CA CYS D 454 11.27 15.18 -28.99
C CYS D 454 12.53 15.71 -28.33
N ASN D 455 12.79 17.00 -28.52
CA ASN D 455 13.65 17.74 -27.61
C ASN D 455 13.07 17.65 -26.20
N LYS D 456 13.86 17.12 -25.26
CA LYS D 456 13.34 16.81 -23.94
C LYS D 456 12.82 18.06 -23.22
N ALA D 457 13.56 19.15 -23.32
CA ALA D 457 13.13 20.40 -22.70
C ALA D 457 11.81 20.88 -23.29
N GLU D 458 11.72 20.87 -24.63
CA GLU D 458 10.49 21.26 -25.29
C GLU D 458 9.35 20.30 -24.99
N LEU D 459 9.65 19.00 -24.86
CA LEU D 459 8.60 18.04 -24.53
C LEU D 459 8.01 18.34 -23.16
N GLU D 460 8.86 18.59 -22.16
CA GLU D 460 8.34 18.88 -20.83
C GLU D 460 7.67 20.25 -20.73
N LYS D 461 8.03 21.20 -21.59
CA LYS D 461 7.28 22.46 -21.58
C LYS D 461 5.80 22.26 -21.89
N THR D 462 5.43 21.13 -22.50
CA THR D 462 4.03 20.77 -22.76
C THR D 462 3.32 20.17 -21.54
N LYS D 463 4.03 19.89 -20.45
CA LYS D 463 3.49 19.02 -19.40
C LYS D 463 2.17 19.54 -18.83
N ASP D 464 1.96 20.86 -18.82
CA ASP D 464 0.79 21.44 -18.20
C ASP D 464 -0.25 21.88 -19.23
N TYR D 465 -0.02 21.64 -20.51
CA TYR D 465 -1.02 21.92 -21.53
C TYR D 465 -2.25 21.06 -21.28
N PRO D 466 -3.45 21.62 -21.41
CA PRO D 466 -4.66 20.78 -21.35
C PRO D 466 -4.66 19.77 -22.48
N MET D 467 -5.13 18.56 -22.17
CA MET D 467 -5.17 17.50 -23.16
C MET D 467 -6.28 17.76 -24.18
N ARG D 468 -5.96 17.60 -25.46
CA ARG D 468 -6.93 17.70 -26.54
C ARG D 468 -7.51 16.35 -26.93
N ASN D 469 -6.93 15.26 -26.46
CA ASN D 469 -7.37 13.90 -26.78
C ASN D 469 -6.78 12.99 -25.71
N TYR D 470 -6.97 11.68 -25.88
CA TYR D 470 -6.47 10.71 -24.92
C TYR D 470 -5.45 9.77 -25.53
N TYR D 471 -5.84 8.98 -26.54
CA TYR D 471 -4.94 7.97 -27.09
C TYR D 471 -3.68 8.57 -27.71
N LEU D 472 -3.78 9.80 -28.24
CA LEU D 472 -2.68 10.39 -29.01
C LEU D 472 -1.99 11.54 -28.27
N ASN D 473 -2.17 11.66 -26.96
CA ASN D 473 -1.53 12.73 -26.20
C ASN D 473 -0.07 12.39 -25.95
N LEU D 474 0.82 13.29 -26.38
CA LEU D 474 2.26 13.01 -26.33
C LEU D 474 2.75 12.89 -24.90
N TYR D 475 2.42 13.87 -24.05
CA TYR D 475 3.04 13.92 -22.73
C TYR D 475 2.55 12.81 -21.83
N ASP D 476 1.25 12.47 -21.88
CA ASP D 476 0.76 11.37 -21.06
C ASP D 476 1.44 10.07 -21.46
N GLN D 477 1.54 9.82 -22.77
CA GLN D 477 2.24 8.63 -23.27
C GLN D 477 3.67 8.57 -22.75
N TYR D 478 4.38 9.69 -22.83
CA TYR D 478 5.78 9.70 -22.40
C TYR D 478 5.90 9.52 -20.88
N ALA D 479 5.10 10.27 -20.12
CA ALA D 479 5.21 10.27 -18.67
C ALA D 479 4.83 8.93 -18.06
N TYR D 480 3.79 8.27 -18.57
CA TYR D 480 3.38 7.00 -17.98
C TYR D 480 4.48 5.95 -18.10
N PHE D 481 5.16 5.89 -19.25
CA PHE D 481 6.27 4.97 -19.41
C PHE D 481 7.53 5.44 -18.71
N ALA D 482 7.66 6.74 -18.42
CA ALA D 482 8.80 7.18 -17.64
C ALA D 482 8.66 6.77 -16.18
N LYS D 483 7.47 6.93 -15.61
CA LYS D 483 7.22 6.59 -14.21
C LYS D 483 7.21 5.09 -13.99
N THR D 484 6.35 4.37 -14.71
CA THR D 484 6.30 2.91 -14.69
C THR D 484 7.07 2.38 -15.90
N HIS D 485 7.54 1.15 -15.80
CA HIS D 485 8.24 0.55 -16.94
C HIS D 485 7.26 -0.02 -17.97
N GLN D 486 6.13 0.66 -18.19
CA GLN D 486 5.02 0.12 -18.96
C GLN D 486 4.44 1.19 -19.86
N THR D 487 3.81 0.75 -20.94
CA THR D 487 3.06 1.63 -21.81
C THR D 487 1.61 1.71 -21.35
N ARG D 488 0.93 2.78 -21.79
CA ARG D 488 -0.43 3.04 -21.33
C ARG D 488 -1.40 1.93 -21.73
N PHE D 489 -1.34 1.51 -22.99
CA PHE D 489 -2.28 0.55 -23.54
C PHE D 489 -1.49 -0.58 -24.19
N THR D 490 -2.21 -1.57 -24.72
CA THR D 490 -1.54 -2.71 -25.32
C THR D 490 -0.81 -2.27 -26.57
N PRO D 491 0.50 -2.45 -26.64
CA PRO D 491 1.24 -2.07 -27.84
C PRO D 491 1.26 -3.21 -28.85
N PRO D 492 1.57 -2.93 -30.11
CA PRO D 492 1.65 -4.01 -31.10
C PRO D 492 2.91 -4.86 -30.96
N VAL D 493 2.84 -5.89 -30.10
CA VAL D 493 4.01 -6.64 -29.67
C VAL D 493 4.83 -7.14 -30.86
N GLN D 494 4.19 -7.90 -31.74
CA GLN D 494 4.90 -8.51 -32.86
C GLN D 494 5.42 -7.45 -33.83
N THR D 495 4.65 -6.38 -34.03
CA THR D 495 5.13 -5.26 -34.85
C THR D 495 6.42 -4.69 -34.26
N MET D 496 6.52 -4.61 -32.93
CA MET D 496 7.72 -4.06 -32.33
C MET D 496 8.88 -5.05 -32.37
N TYR D 497 8.62 -6.36 -32.35
CA TYR D 497 9.69 -7.31 -32.61
C TYR D 497 10.26 -7.11 -34.01
N ALA D 498 9.36 -7.00 -35.00
CA ALA D 498 9.80 -6.69 -36.36
C ALA D 498 10.56 -5.37 -36.42
N LEU D 499 10.13 -4.38 -35.62
CA LEU D 499 10.81 -3.09 -35.60
C LEU D 499 12.20 -3.21 -34.99
N ARG D 500 12.34 -4.05 -33.96
CA ARG D 500 13.66 -4.32 -33.40
C ARG D 500 14.59 -4.91 -34.46
N GLN D 501 14.10 -5.88 -35.22
CA GLN D 501 14.93 -6.45 -36.29
C GLN D 501 15.27 -5.41 -37.35
N ALA D 502 14.31 -4.55 -37.68
CA ALA D 502 14.56 -3.49 -38.65
C ALA D 502 15.60 -2.50 -38.15
N VAL D 503 15.55 -2.15 -36.86
CA VAL D 503 16.55 -1.28 -36.26
C VAL D 503 17.93 -1.95 -36.33
N LEU D 504 17.99 -3.25 -36.02
CA LEU D 504 19.26 -3.96 -36.10
C LEU D 504 19.83 -3.91 -37.50
N GLU D 505 18.99 -4.13 -38.51
CA GLU D 505 19.49 -4.12 -39.88
C GLU D 505 19.82 -2.71 -40.36
N THR D 506 19.16 -1.68 -39.82
CA THR D 506 19.55 -0.31 -40.10
C THR D 506 20.93 -0.01 -39.50
N LYS D 507 21.19 -0.49 -38.29
CA LYS D 507 22.51 -0.33 -37.69
C LYS D 507 23.56 -1.12 -38.48
N GLN D 508 23.16 -2.25 -39.06
CA GLN D 508 24.06 -3.02 -39.92
C GLN D 508 24.42 -2.24 -41.18
N GLU D 509 23.41 -1.69 -41.86
CA GLU D 509 23.65 -1.00 -43.13
C GLU D 509 24.23 0.40 -42.92
N THR D 510 23.80 1.09 -41.85
CA THR D 510 24.04 2.51 -41.57
C THR D 510 23.13 3.39 -42.45
N VAL D 511 22.70 4.51 -41.89
CA VAL D 511 21.78 5.40 -42.60
C VAL D 511 22.44 6.00 -43.84
N GLN D 512 23.73 6.35 -43.75
CA GLN D 512 24.43 6.93 -44.89
C GLN D 512 24.42 6.00 -46.10
N LYS D 513 24.74 4.73 -45.87
CA LYS D 513 24.80 3.79 -46.99
C LYS D 513 23.42 3.33 -47.44
N ARG D 514 22.42 3.34 -46.56
CA ARG D 514 21.05 3.15 -47.01
C ARG D 514 20.63 4.27 -47.94
N TYR D 515 20.98 5.52 -47.59
CA TYR D 515 20.75 6.64 -48.50
C TYR D 515 21.46 6.44 -49.82
N GLU D 516 22.71 5.97 -49.78
CA GLU D 516 23.46 5.75 -51.01
C GLU D 516 22.80 4.67 -51.88
N ARG D 517 22.23 3.64 -51.24
CA ARG D 517 21.52 2.59 -51.97
C ARG D 517 20.27 3.14 -52.65
N TYR D 518 19.44 3.86 -51.87
CA TYR D 518 18.26 4.52 -52.42
C TYR D 518 18.64 5.41 -53.59
N THR D 519 19.71 6.19 -53.43
CA THR D 519 20.15 7.10 -54.48
C THR D 519 20.64 6.37 -55.72
N ALA D 520 21.27 5.20 -55.56
CA ALA D 520 21.68 4.43 -56.72
C ALA D 520 20.46 3.95 -57.52
N CYS D 521 19.45 3.42 -56.82
CA CYS D 521 18.22 3.04 -57.49
C CYS D 521 17.60 4.24 -58.20
N TRP D 522 17.57 5.40 -57.53
CA TRP D 522 17.02 6.61 -58.12
C TRP D 522 17.80 7.04 -59.36
N ASN D 523 19.13 6.91 -59.34
CA ASN D 523 19.94 7.27 -60.49
C ASN D 523 19.61 6.40 -61.69
N ILE D 524 19.48 5.08 -61.47
CA ILE D 524 19.11 4.18 -62.56
C ILE D 524 17.75 4.59 -63.14
N LEU D 525 16.78 4.85 -62.25
CA LEU D 525 15.46 5.25 -62.71
C LEU D 525 15.50 6.55 -63.51
N VAL D 526 16.31 7.51 -63.06
CA VAL D 526 16.37 8.81 -63.72
C VAL D 526 17.03 8.70 -65.09
N ALA D 527 18.09 7.90 -65.19
CA ALA D 527 18.69 7.63 -66.49
C ALA D 527 17.67 7.05 -67.46
N ALA D 528 16.87 6.09 -66.98
CA ALA D 528 15.85 5.50 -67.83
C ALA D 528 14.79 6.53 -68.24
N ILE D 529 14.39 7.38 -67.29
CA ILE D 529 13.39 8.41 -67.58
C ILE D 529 13.89 9.34 -68.68
N LYS D 530 15.15 9.77 -68.57
CA LYS D 530 15.71 10.69 -69.55
C LYS D 530 15.84 10.04 -70.92
N LYS D 531 16.36 8.82 -70.99
CA LYS D 531 16.49 8.16 -72.28
C LYS D 531 15.14 7.96 -72.96
N LEU D 532 14.06 7.90 -72.19
CA LEU D 532 12.72 7.72 -72.75
C LEU D 532 12.03 9.03 -73.11
N GLY D 533 12.59 10.17 -72.72
CA GLY D 533 11.94 11.43 -72.99
C GLY D 533 10.79 11.76 -72.06
N LEU D 534 10.61 10.99 -70.99
CA LEU D 534 9.59 11.32 -70.01
C LEU D 534 10.10 12.47 -69.13
N LYS D 535 9.16 13.18 -68.52
CA LYS D 535 9.49 14.38 -67.76
C LYS D 535 9.19 14.19 -66.28
N MET D 536 10.15 14.59 -65.46
CA MET D 536 10.00 14.63 -64.02
C MET D 536 9.40 15.98 -63.64
N LEU D 537 8.46 15.97 -62.70
CA LEU D 537 7.79 17.21 -62.34
C LEU D 537 8.69 18.11 -61.51
N VAL D 538 9.59 17.53 -60.71
CA VAL D 538 10.46 18.25 -59.79
C VAL D 538 11.89 18.22 -60.32
N LYS D 539 12.58 19.35 -60.23
CA LYS D 539 13.98 19.41 -60.63
C LYS D 539 14.83 18.57 -59.69
N GLU D 540 15.86 17.92 -60.27
CA GLU D 540 16.65 16.94 -59.52
C GLU D 540 17.31 17.51 -58.29
N GLU D 541 17.82 18.73 -58.38
CA GLU D 541 18.38 19.45 -57.24
C GLU D 541 17.44 19.50 -56.03
N HIS D 542 16.11 19.61 -56.22
CA HIS D 542 15.26 19.72 -55.05
C HIS D 542 14.54 18.40 -54.75
N GLN D 543 15.00 17.30 -55.34
CA GLN D 543 14.36 16.02 -55.13
C GLN D 543 14.99 15.23 -54.00
N SER D 544 14.15 14.61 -53.18
CA SER D 544 14.60 13.46 -52.41
C SER D 544 14.72 12.30 -53.39
N HIS D 545 15.76 11.50 -53.23
CA HIS D 545 15.94 10.39 -54.16
C HIS D 545 15.12 9.17 -53.77
N PHE D 546 14.04 9.38 -53.00
CA PHE D 546 13.23 8.29 -52.47
C PHE D 546 12.01 7.99 -53.33
N ILE D 547 11.44 8.99 -53.98
CA ILE D 547 10.27 8.80 -54.84
C ILE D 547 10.31 9.86 -55.94
N THR D 548 9.87 9.47 -57.13
CA THR D 548 9.89 10.35 -58.29
C THR D 548 8.51 10.42 -58.92
N ALA D 549 8.02 11.64 -59.10
CA ALA D 549 6.79 11.90 -59.83
C ALA D 549 7.11 12.13 -61.30
N ILE D 550 6.42 11.40 -62.18
CA ILE D 550 6.69 11.40 -63.61
C ILE D 550 5.41 11.80 -64.33
N LEU D 551 5.54 12.73 -65.28
CA LEU D 551 4.39 13.16 -66.07
C LEU D 551 3.89 12.00 -66.92
N GLU D 552 2.59 11.75 -66.85
CA GLU D 552 2.00 10.68 -67.66
C GLU D 552 2.05 11.09 -69.12
N PRO D 553 2.41 10.17 -70.03
CA PRO D 553 2.37 10.51 -71.45
C PRO D 553 0.96 10.90 -71.88
N GLU D 554 0.89 11.86 -72.81
CA GLU D 554 -0.40 12.41 -73.23
C GLU D 554 -1.16 11.52 -74.21
N THR D 555 -0.49 10.57 -74.85
CA THR D 555 -1.12 9.75 -75.87
C THR D 555 -2.32 9.01 -75.29
N PRO D 556 -3.41 8.86 -76.05
CA PRO D 556 -4.52 8.01 -75.58
C PRO D 556 -4.13 6.55 -75.45
N LYS D 557 -3.02 6.12 -76.05
CA LYS D 557 -2.55 4.75 -75.87
C LYS D 557 -2.09 4.49 -74.45
N TYR D 558 -1.82 5.53 -73.67
CA TYR D 558 -1.37 5.36 -72.29
C TYR D 558 -2.55 5.24 -71.34
N SER D 559 -2.41 4.35 -70.36
CA SER D 559 -3.32 4.24 -69.25
C SER D 559 -2.52 3.76 -68.04
N PHE D 560 -2.71 4.40 -66.89
CA PHE D 560 -1.98 3.99 -65.69
C PHE D 560 -2.30 2.54 -65.33
N GLU D 561 -3.54 2.11 -65.53
CA GLU D 561 -3.92 0.74 -65.19
C GLU D 561 -3.13 -0.27 -66.02
N ALA D 562 -2.90 0.03 -67.29
CA ALA D 562 -2.17 -0.90 -68.15
C ALA D 562 -0.72 -1.03 -67.72
N LEU D 563 -0.06 0.10 -67.50
CA LEU D 563 1.33 0.06 -67.01
C LEU D 563 1.40 -0.63 -65.66
N HIS D 564 0.38 -0.42 -64.81
CA HIS D 564 0.36 -1.02 -63.49
C HIS D 564 0.27 -2.53 -63.56
N ASP D 565 -0.68 -3.03 -64.33
CA ASP D 565 -0.84 -4.48 -64.45
C ASP D 565 0.36 -5.11 -65.15
N PHE D 566 0.92 -4.42 -66.15
CA PHE D 566 2.11 -4.95 -66.81
C PHE D 566 3.28 -5.06 -65.85
N ALA D 567 3.54 -4.02 -65.06
CA ALA D 567 4.60 -4.07 -64.07
C ALA D 567 4.32 -5.14 -63.02
N ALA D 568 3.05 -5.29 -62.62
CA ALA D 568 2.69 -6.28 -61.61
C ALA D 568 2.91 -7.70 -62.10
N GLU D 569 2.70 -7.95 -63.39
CA GLU D 569 2.97 -9.27 -63.95
C GLU D 569 4.44 -9.65 -63.81
N HIS D 570 5.33 -8.67 -63.60
CA HIS D 570 6.74 -8.92 -63.38
C HIS D 570 7.16 -8.55 -61.96
N SER D 571 6.22 -8.58 -61.01
CA SER D 571 6.48 -8.43 -59.58
C SER D 571 6.90 -7.01 -59.18
N PHE D 572 6.41 -6.01 -59.89
CA PHE D 572 6.65 -4.61 -59.55
C PHE D 572 5.31 -3.93 -59.30
N THR D 573 5.22 -3.15 -58.23
CA THR D 573 3.99 -2.46 -57.84
C THR D 573 4.20 -0.95 -58.03
N ILE D 574 3.49 -0.29 -58.99
CA ILE D 574 3.76 1.13 -59.18
C ILE D 574 2.78 1.85 -58.26
N TYR D 575 3.01 3.14 -58.11
CA TYR D 575 2.12 4.01 -57.38
C TYR D 575 1.53 5.05 -58.33
N PRO D 576 0.22 5.33 -58.23
CA PRO D 576 -0.38 6.39 -59.03
C PRO D 576 -0.03 7.78 -58.50
N GLY D 577 -0.40 8.80 -59.29
CA GLY D 577 -0.22 10.17 -58.86
C GLY D 577 -1.39 10.70 -58.03
N LYS D 578 -1.12 11.79 -57.31
CA LYS D 578 -2.06 12.33 -56.36
C LYS D 578 -2.52 13.75 -56.69
N LEU D 579 -1.87 14.43 -57.63
CA LEU D 579 -2.17 15.82 -57.92
C LEU D 579 -3.43 15.96 -58.76
N GLY D 580 -4.13 17.07 -58.56
CA GLY D 580 -5.34 17.34 -59.31
C GLY D 580 -5.12 18.11 -60.60
N ASN D 581 -4.22 19.09 -60.59
CA ASN D 581 -3.93 19.86 -61.80
C ASN D 581 -2.98 19.15 -62.76
N ILE D 582 -2.16 18.21 -62.28
CA ILE D 582 -1.12 17.59 -63.10
C ILE D 582 -1.21 16.08 -62.96
N ASP D 583 -1.29 15.38 -64.09
CA ASP D 583 -1.42 13.93 -64.12
C ASP D 583 -0.04 13.28 -64.10
N THR D 584 0.22 12.46 -63.08
CA THR D 584 1.51 11.85 -62.85
C THR D 584 1.33 10.40 -62.43
N PHE D 585 2.41 9.63 -62.55
CA PHE D 585 2.55 8.39 -61.81
C PHE D 585 3.87 8.45 -61.04
N ARG D 586 4.00 7.59 -60.03
CA ARG D 586 5.13 7.72 -59.10
C ARG D 586 5.88 6.42 -58.96
N ILE D 587 7.20 6.53 -58.87
CA ILE D 587 8.08 5.39 -58.65
C ILE D 587 8.94 5.69 -57.44
N ALA D 588 8.75 4.93 -56.36
CA ALA D 588 9.61 5.00 -55.19
C ALA D 588 10.68 3.92 -55.26
N ASN D 589 11.74 4.10 -54.46
CA ASN D 589 12.79 3.10 -54.37
C ASN D 589 13.32 3.05 -52.93
N ILE D 590 12.45 2.66 -52.01
CA ILE D 590 12.84 2.46 -50.61
C ILE D 590 12.63 0.99 -50.26
N GLY D 591 12.75 0.65 -48.98
CA GLY D 591 12.69 -0.74 -48.60
C GLY D 591 13.94 -1.48 -49.09
N ASP D 592 13.84 -2.80 -49.13
CA ASP D 592 14.97 -3.66 -49.45
C ASP D 592 15.25 -3.75 -50.95
N ILE D 593 14.78 -2.80 -51.75
CA ILE D 593 15.02 -2.85 -53.19
C ILE D 593 16.52 -2.78 -53.46
N GLN D 594 16.96 -3.57 -54.44
CA GLN D 594 18.34 -3.58 -54.87
C GLN D 594 18.49 -2.87 -56.21
N PRO D 595 19.62 -2.22 -56.45
CA PRO D 595 19.82 -1.52 -57.74
C PRO D 595 19.53 -2.37 -58.96
N GLU D 596 19.90 -3.64 -58.94
CA GLU D 596 19.64 -4.51 -60.08
C GLU D 596 18.15 -4.69 -60.32
N GLU D 597 17.34 -4.70 -59.26
CA GLU D 597 15.91 -4.81 -59.43
C GLU D 597 15.33 -3.54 -60.03
N MET D 598 15.89 -2.38 -59.66
CA MET D 598 15.50 -1.14 -60.32
C MET D 598 15.87 -1.17 -61.79
N ARG D 599 16.99 -1.82 -62.13
CA ARG D 599 17.38 -1.92 -63.54
C ARG D 599 16.44 -2.82 -64.32
N ARG D 600 16.01 -3.94 -63.72
CA ARG D 600 15.03 -4.80 -64.37
C ARG D 600 13.69 -4.09 -64.56
N PHE D 601 13.25 -3.35 -63.54
CA PHE D 601 12.03 -2.57 -63.70
C PHE D 601 12.20 -1.53 -64.81
N THR D 602 13.40 -0.95 -64.89
CA THR D 602 13.68 0.04 -65.92
C THR D 602 13.53 -0.56 -67.31
N VAL D 603 13.99 -1.80 -67.49
CA VAL D 603 13.82 -2.48 -68.77
C VAL D 603 12.33 -2.69 -69.06
N LYS D 604 11.56 -3.10 -68.05
CA LYS D 604 10.13 -3.32 -68.27
C LYS D 604 9.40 -2.01 -68.61
N LEU D 605 9.77 -0.93 -67.92
CA LEU D 605 9.16 0.37 -68.18
C LEU D 605 9.47 0.84 -69.60
N LYS D 606 10.73 0.69 -70.02
CA LYS D 606 11.07 1.00 -71.40
C LYS D 606 10.24 0.18 -72.37
N GLU D 607 10.06 -1.10 -72.09
CA GLU D 607 9.28 -1.94 -72.99
C GLU D 607 7.85 -1.42 -73.15
N TYR D 608 7.16 -1.17 -72.03
CA TYR D 608 5.79 -0.65 -72.13
C TYR D 608 5.76 0.67 -72.88
N MET D 609 6.60 1.63 -72.46
CA MET D 609 6.53 2.97 -73.01
C MET D 609 6.85 2.97 -74.50
N ASN D 610 7.87 2.23 -74.92
CA ASN D 610 8.15 2.08 -76.34
C ASN D 610 6.98 1.44 -77.07
N GLY D 611 6.36 0.42 -76.45
CA GLY D 611 5.19 -0.19 -77.05
C GLY D 611 4.04 0.76 -77.26
N ILE D 612 4.00 1.87 -76.52
CA ILE D 612 2.96 2.86 -76.74
C ILE D 612 3.48 4.12 -77.42
N GLY D 613 4.74 4.12 -77.87
CA GLY D 613 5.20 5.23 -78.67
C GLY D 613 6.14 6.29 -78.11
N VAL D 614 6.92 5.99 -77.09
CA VAL D 614 7.85 7.00 -76.60
C VAL D 614 9.18 6.85 -77.34
N GLY D 615 9.15 6.14 -78.47
CA GLY D 615 10.32 5.98 -79.30
C GLY D 615 10.01 5.94 -80.79
N VAL D 616 9.76 7.12 -81.37
CA VAL D 616 9.51 7.36 -82.79
C VAL D 616 8.43 6.44 -83.39
N LEU D 617 7.33 7.05 -83.83
CA LEU D 617 6.19 6.32 -84.39
C LEU D 617 6.36 6.17 -85.90
N GLU D 618 6.09 4.97 -86.40
CA GLU D 618 6.19 4.70 -87.83
C GLU D 618 4.89 4.96 -88.56
MG MG E . -31.66 27.34 51.80
S SO4 F . -24.50 5.44 42.22
O1 SO4 F . -25.47 5.68 43.29
O2 SO4 F . -23.18 5.28 42.81
O3 SO4 F . -24.50 6.56 41.29
O4 SO4 F . -24.87 4.22 41.52
S SO4 G . -25.59 -5.37 32.68
O1 SO4 G . -24.99 -4.41 33.62
O2 SO4 G . -25.74 -6.67 33.34
O3 SO4 G . -24.72 -5.53 31.52
O4 SO4 G . -26.89 -4.89 32.25
C1 EDO H . -11.61 19.78 64.55
O1 EDO H . -11.18 21.15 64.53
C2 EDO H . -12.82 19.61 63.65
O2 EDO H . -13.03 18.22 63.40
C1 EDO I . -12.87 -11.25 46.30
O1 EDO I . -11.60 -11.55 46.92
C2 EDO I . -12.63 -10.70 44.90
O2 EDO I . -13.86 -10.75 44.16
S SO4 J . -4.16 -3.43 24.43
O1 SO4 J . -5.39 -4.22 24.46
O2 SO4 J . -3.26 -3.90 25.48
O3 SO4 J . -4.48 -2.03 24.66
O4 SO4 J . -3.51 -3.58 23.13
MG MG K . -3.52 -40.96 -55.55
S SO4 L . -22.73 -15.41 -32.61
O1 SO4 L . -21.69 -15.38 -31.59
O2 SO4 L . -23.96 -15.93 -32.05
O3 SO4 L . -22.30 -16.27 -33.72
O4 SO4 L . -22.94 -14.06 -33.10
C1 EDO M . -17.95 -2.11 -45.11
O1 EDO M . -17.40 -0.90 -45.64
C2 EDO M . -17.90 -2.07 -43.58
O2 EDO M . -18.55 -3.22 -43.06
S SO4 N . -6.15 -2.15 -24.44
O1 SO4 N . -4.78 -2.34 -24.01
O2 SO4 N . -7.03 -2.24 -23.27
O3 SO4 N . -6.52 -3.18 -25.41
O4 SO4 N . -6.30 -0.83 -25.06
S SO4 O . -5.29 -3.30 -17.47
O1 SO4 O . -4.92 -3.92 -16.22
O2 SO4 O . -6.40 -2.37 -17.24
O3 SO4 O . -4.16 -2.55 -18.01
O4 SO4 O . -5.71 -4.31 -18.44
S SO4 P . -11.41 0.24 -42.71
O1 SO4 P . -12.57 -0.34 -42.05
O2 SO4 P . -10.24 0.05 -41.86
O3 SO4 P . -11.64 1.68 -42.90
O4 SO4 P . -11.21 -0.40 -44.00
C1 EDO Q . -9.50 13.34 50.22
O1 EDO Q . -8.29 13.20 49.53
C2 EDO Q . -9.24 12.86 51.69
O2 EDO Q . -9.96 13.78 52.53
MG MG R . 7.37 44.91 33.85
S SO4 S . 6.63 -3.46 44.25
O1 SO4 S . 8.01 -3.94 44.17
O2 SO4 S . 6.16 -3.56 45.63
O3 SO4 S . 5.79 -4.29 43.40
O4 SO4 S . 6.56 -2.08 43.82
C1 EDO T . 7.97 1.29 25.43
O1 EDO T . 8.37 -0.03 25.05
C2 EDO T . 8.89 1.79 26.53
O2 EDO T . 10.24 1.39 26.24
C1 GOL U . 8.18 -3.64 50.85
O1 GOL U . 8.14 -3.20 49.53
C2 GOL U . 7.33 -4.93 50.92
O2 GOL U . 6.91 -5.21 52.21
C3 GOL U . 8.25 -6.03 50.35
O3 GOL U . 7.49 -7.20 50.33
NI NI V . 3.10 -3.83 92.38
S SO4 W . 6.60 15.48 24.17
O1 SO4 W . 7.66 14.76 24.86
O2 SO4 W . 6.36 16.75 24.83
O3 SO4 W . 5.38 14.68 24.21
O4 SO4 W . 6.99 15.71 22.78
MG MG X . 36.16 -26.88 -35.50
C1 EDO Y . 6.02 5.08 -24.33
O1 EDO Y . 5.09 4.49 -25.24
C2 EDO Y . 7.07 5.85 -25.12
O2 EDO Y . 7.64 5.01 -26.12
S SO4 Z . 0.97 7.14 -43.50
O1 SO4 Z . 2.05 6.26 -43.06
O2 SO4 Z . -0.05 7.21 -42.45
O3 SO4 Z . 0.38 6.59 -44.72
O4 SO4 Z . 1.50 8.47 -43.76
S SO4 AA . -7.90 22.90 -44.17
O1 SO4 AA . -7.05 23.31 -43.05
O2 SO4 AA . -9.12 22.27 -43.65
O3 SO4 AA . -7.18 21.93 -44.98
O4 SO4 AA . -8.26 24.06 -44.97
#